data_4G4V
# 
_entry.id   4G4V 
# 
_audit_conform.dict_name       mmcif_pdbx.dic 
_audit_conform.dict_version    5.381 
_audit_conform.dict_location   http://mmcif.pdb.org/dictionaries/ascii/mmcif_pdbx.dic 
# 
loop_
_database_2.database_id 
_database_2.database_code 
_database_2.pdbx_database_accession 
_database_2.pdbx_DOI 
PDB   4G4V         pdb_00004g4v 10.2210/pdb4g4v/pdb 
RCSB  RCSB073740   ?            ?                   
WWPDB D_1000073740 ?            ?                   
# 
loop_
_pdbx_database_related.db_name 
_pdbx_database_related.db_id 
_pdbx_database_related.details 
_pdbx_database_related.content_type 
PDB 4G4W . unspecified 
PDB 4G4X . unspecified 
PDB 4G4Y . unspecified 
PDB 4G4Z . unspecified 
PDB 4G88 . unspecified 
# 
_pdbx_database_status.entry_id                        4G4V 
_pdbx_database_status.status_code                     REL 
_pdbx_database_status.methods_development_category    ? 
_pdbx_database_status.deposit_site                    RCSB 
_pdbx_database_status.process_site                    PDBJ 
_pdbx_database_status.recvd_initial_deposition_date   2012-07-16 
_pdbx_database_status.status_code_sf                  REL 
_pdbx_database_status.status_code_mr                  ? 
_pdbx_database_status.SG_entry                        ? 
_pdbx_database_status.status_code_cs                  ? 
_pdbx_database_status.pdb_format_compatible           Y 
_pdbx_database_status.status_code_nmr_data            ? 
# 
loop_
_audit_author.name 
_audit_author.pdbx_ordinal 
'Lee, W.C.'  1 
'Song, J.H.' 2 
'Park, J.S.' 3 
'Kim, H.Y.'  4 
# 
_citation.id                        primary 
_citation.title                     
;Enantiomer-dependent amino acid binding affinity of OmpA-like domains from Acinetobacter baumannii peptidoglycan-associated lipoprotein and OmpA
;
_citation.journal_abbrev            'To be Published' 
_citation.journal_volume            ? 
_citation.page_first                ? 
_citation.page_last                 ? 
_citation.year                      ? 
_citation.journal_id_ASTM           ? 
_citation.country                   ? 
_citation.journal_id_ISSN           ? 
_citation.journal_id_CSD            0353 
_citation.book_publisher            ? 
_citation.pdbx_database_id_PubMed   ? 
_citation.pdbx_database_id_DOI      ? 
# 
loop_
_citation_author.citation_id 
_citation_author.name 
_citation_author.ordinal 
_citation_author.identifier_ORCID 
primary 'Lee, W.C.'  1 ? 
primary 'Park, J.S.' 2 ? 
primary 'Song, J.H.' 3 ? 
primary 'Kim, S.I.'  4 ? 
primary 'Lee, J.C.'  5 ? 
primary 'Cheong, J.' 6 ? 
primary 'Kim, H.Y.'  7 ? 
# 
_cell.length_a           42.040 
_cell.length_b           45.130 
_cell.length_c           50.070 
_cell.angle_alpha        90.000 
_cell.angle_beta         90.000 
_cell.angle_gamma        90.000 
_cell.entry_id           4G4V 
_cell.pdbx_unique_axis   ? 
_cell.Z_PDB              4 
_cell.length_a_esd       ? 
_cell.length_b_esd       ? 
_cell.length_c_esd       ? 
_cell.angle_alpha_esd    ? 
_cell.angle_beta_esd     ? 
_cell.angle_gamma_esd    ? 
# 
_symmetry.space_group_name_H-M             'P 21 21 21' 
_symmetry.entry_id                         4G4V 
_symmetry.Int_Tables_number                19 
_symmetry.pdbx_full_space_group_name_H-M   ? 
_symmetry.cell_setting                     ? 
_symmetry.space_group_name_Hall            ? 
# 
loop_
_entity.id 
_entity.type 
_entity.src_method 
_entity.pdbx_description 
_entity.formula_weight 
_entity.pdbx_number_of_molecules 
_entity.pdbx_ec 
_entity.pdbx_mutation 
_entity.pdbx_fragment 
_entity.details 
1 polymer     man 'Peptidoglycan-associated lipoprotein' 12814.040 1  ? ? 'UNP residues 75-184' ? 
2 non-polymer syn '2,6-DIAMINOPIMELIC ACID'              190.197   1  ? ? ?                     ? 
3 water       nat water                                  18.015    50 ? ? ?                     ? 
# 
_entity_poly.entity_id                      1 
_entity_poly.type                           'polypeptide(L)' 
_entity_poly.nstd_linkage                   no 
_entity_poly.nstd_monomer                   no 
_entity_poly.pdbx_seq_one_letter_code       
;GSHMALAKRVVHFDYDSSDLSTEDYQTLQAHAQFLMANANSKVALTGHTDERGTREYNMALGERRAKAVQNYLITSGVNP
QQLEAVSYGKEAPVNPGHDESAWKENRRVEINYE
;
_entity_poly.pdbx_seq_one_letter_code_can   
;GSHMALAKRVVHFDYDSSDLSTEDYQTLQAHAQFLMANANSKVALTGHTDERGTREYNMALGERRAKAVQNYLITSGVNP
QQLEAVSYGKEAPVNPGHDESAWKENRRVEINYE
;
_entity_poly.pdbx_strand_id                 A 
_entity_poly.pdbx_target_identifier         ? 
# 
loop_
_entity_poly_seq.entity_id 
_entity_poly_seq.num 
_entity_poly_seq.mon_id 
_entity_poly_seq.hetero 
1 1   GLY n 
1 2   SER n 
1 3   HIS n 
1 4   MET n 
1 5   ALA n 
1 6   LEU n 
1 7   ALA n 
1 8   LYS n 
1 9   ARG n 
1 10  VAL n 
1 11  VAL n 
1 12  HIS n 
1 13  PHE n 
1 14  ASP n 
1 15  TYR n 
1 16  ASP n 
1 17  SER n 
1 18  SER n 
1 19  ASP n 
1 20  LEU n 
1 21  SER n 
1 22  THR n 
1 23  GLU n 
1 24  ASP n 
1 25  TYR n 
1 26  GLN n 
1 27  THR n 
1 28  LEU n 
1 29  GLN n 
1 30  ALA n 
1 31  HIS n 
1 32  ALA n 
1 33  GLN n 
1 34  PHE n 
1 35  LEU n 
1 36  MET n 
1 37  ALA n 
1 38  ASN n 
1 39  ALA n 
1 40  ASN n 
1 41  SER n 
1 42  LYS n 
1 43  VAL n 
1 44  ALA n 
1 45  LEU n 
1 46  THR n 
1 47  GLY n 
1 48  HIS n 
1 49  THR n 
1 50  ASP n 
1 51  GLU n 
1 52  ARG n 
1 53  GLY n 
1 54  THR n 
1 55  ARG n 
1 56  GLU n 
1 57  TYR n 
1 58  ASN n 
1 59  MET n 
1 60  ALA n 
1 61  LEU n 
1 62  GLY n 
1 63  GLU n 
1 64  ARG n 
1 65  ARG n 
1 66  ALA n 
1 67  LYS n 
1 68  ALA n 
1 69  VAL n 
1 70  GLN n 
1 71  ASN n 
1 72  TYR n 
1 73  LEU n 
1 74  ILE n 
1 75  THR n 
1 76  SER n 
1 77  GLY n 
1 78  VAL n 
1 79  ASN n 
1 80  PRO n 
1 81  GLN n 
1 82  GLN n 
1 83  LEU n 
1 84  GLU n 
1 85  ALA n 
1 86  VAL n 
1 87  SER n 
1 88  TYR n 
1 89  GLY n 
1 90  LYS n 
1 91  GLU n 
1 92  ALA n 
1 93  PRO n 
1 94  VAL n 
1 95  ASN n 
1 96  PRO n 
1 97  GLY n 
1 98  HIS n 
1 99  ASP n 
1 100 GLU n 
1 101 SER n 
1 102 ALA n 
1 103 TRP n 
1 104 LYS n 
1 105 GLU n 
1 106 ASN n 
1 107 ARG n 
1 108 ARG n 
1 109 VAL n 
1 110 GLU n 
1 111 ILE n 
1 112 ASN n 
1 113 TYR n 
1 114 GLU n 
# 
_entity_src_gen.entity_id                          1 
_entity_src_gen.pdbx_src_id                        1 
_entity_src_gen.pdbx_alt_source_flag               sample 
_entity_src_gen.pdbx_seq_type                      ? 
_entity_src_gen.pdbx_beg_seq_num                   ? 
_entity_src_gen.pdbx_end_seq_num                   ? 
_entity_src_gen.gene_src_common_name               ? 
_entity_src_gen.gene_src_genus                     ? 
_entity_src_gen.pdbx_gene_src_gene                 pal 
_entity_src_gen.gene_src_species                   ? 
_entity_src_gen.gene_src_strain                    TCDC-AB0715 
_entity_src_gen.gene_src_tissue                    ? 
_entity_src_gen.gene_src_tissue_fraction           ? 
_entity_src_gen.gene_src_details                   ? 
_entity_src_gen.pdbx_gene_src_fragment             ? 
_entity_src_gen.pdbx_gene_src_scientific_name      'Acinetobacter baumannii' 
_entity_src_gen.pdbx_gene_src_ncbi_taxonomy_id     980514 
_entity_src_gen.pdbx_gene_src_variant              ? 
_entity_src_gen.pdbx_gene_src_cell_line            ? 
_entity_src_gen.pdbx_gene_src_atcc                 ? 
_entity_src_gen.pdbx_gene_src_organ                ? 
_entity_src_gen.pdbx_gene_src_organelle            ? 
_entity_src_gen.pdbx_gene_src_cell                 ? 
_entity_src_gen.pdbx_gene_src_cellular_location    ? 
_entity_src_gen.host_org_common_name               ? 
_entity_src_gen.pdbx_host_org_scientific_name      'Escherichia coli' 
_entity_src_gen.pdbx_host_org_ncbi_taxonomy_id     562 
_entity_src_gen.host_org_genus                     ? 
_entity_src_gen.pdbx_host_org_gene                 ? 
_entity_src_gen.pdbx_host_org_organ                ? 
_entity_src_gen.host_org_species                   ? 
_entity_src_gen.pdbx_host_org_tissue               ? 
_entity_src_gen.pdbx_host_org_tissue_fraction      ? 
_entity_src_gen.pdbx_host_org_strain               'BL21(DE3)' 
_entity_src_gen.pdbx_host_org_variant              ? 
_entity_src_gen.pdbx_host_org_cell_line            ? 
_entity_src_gen.pdbx_host_org_atcc                 ? 
_entity_src_gen.pdbx_host_org_culture_collection   ? 
_entity_src_gen.pdbx_host_org_cell                 ? 
_entity_src_gen.pdbx_host_org_organelle            ? 
_entity_src_gen.pdbx_host_org_cellular_location    ? 
_entity_src_gen.pdbx_host_org_vector_type          plasmid 
_entity_src_gen.pdbx_host_org_vector               ? 
_entity_src_gen.host_org_details                   ? 
_entity_src_gen.expression_system_id               ? 
_entity_src_gen.plasmid_name                       pET28a 
_entity_src_gen.plasmid_details                    ? 
_entity_src_gen.pdbx_description                   ? 
# 
_struct_ref.id                         1 
_struct_ref.db_name                    UNP 
_struct_ref.db_code                    F0QP95_ACIBD 
_struct_ref.pdbx_db_accession          F0QP95 
_struct_ref.entity_id                  1 
_struct_ref.pdbx_seq_one_letter_code   
;ALAKRVVHFDYDSSDLSTEDYQTLQAHAQFLMANANSKVALTGHTDERGTREYNMALGERRAKAVQNYLITSGVNPQQLE
AVSYGKEAPVNPGHDESAWKENRRVEINYE
;
_struct_ref.pdbx_align_begin           75 
_struct_ref.pdbx_db_isoform            ? 
# 
_struct_ref_seq.align_id                      1 
_struct_ref_seq.ref_id                        1 
_struct_ref_seq.pdbx_PDB_id_code              4G4V 
_struct_ref_seq.pdbx_strand_id                A 
_struct_ref_seq.seq_align_beg                 5 
_struct_ref_seq.pdbx_seq_align_beg_ins_code   ? 
_struct_ref_seq.seq_align_end                 114 
_struct_ref_seq.pdbx_seq_align_end_ins_code   ? 
_struct_ref_seq.pdbx_db_accession             F0QP95 
_struct_ref_seq.db_align_beg                  75 
_struct_ref_seq.pdbx_db_align_beg_ins_code    ? 
_struct_ref_seq.db_align_end                  184 
_struct_ref_seq.pdbx_db_align_end_ins_code    ? 
_struct_ref_seq.pdbx_auth_seq_align_beg       75 
_struct_ref_seq.pdbx_auth_seq_align_end       184 
# 
loop_
_struct_ref_seq_dif.align_id 
_struct_ref_seq_dif.pdbx_pdb_id_code 
_struct_ref_seq_dif.mon_id 
_struct_ref_seq_dif.pdbx_pdb_strand_id 
_struct_ref_seq_dif.seq_num 
_struct_ref_seq_dif.pdbx_pdb_ins_code 
_struct_ref_seq_dif.pdbx_seq_db_name 
_struct_ref_seq_dif.pdbx_seq_db_accession_code 
_struct_ref_seq_dif.db_mon_id 
_struct_ref_seq_dif.pdbx_seq_db_seq_num 
_struct_ref_seq_dif.details 
_struct_ref_seq_dif.pdbx_auth_seq_num 
_struct_ref_seq_dif.pdbx_ordinal 
1 4G4V GLY A 1 ? UNP F0QP95 ? ? 'expression tag' 71 1 
1 4G4V SER A 2 ? UNP F0QP95 ? ? 'expression tag' 72 2 
1 4G4V HIS A 3 ? UNP F0QP95 ? ? 'expression tag' 73 3 
1 4G4V MET A 4 ? UNP F0QP95 ? ? 'expression tag' 74 4 
# 
loop_
_chem_comp.id 
_chem_comp.type 
_chem_comp.mon_nstd_flag 
_chem_comp.name 
_chem_comp.pdbx_synonyms 
_chem_comp.formula 
_chem_comp.formula_weight 
ALA 'L-peptide linking' y ALANINE                   ? 'C3 H7 N O2'     89.093  
API 'L-peptide linking' n '2,6-DIAMINOPIMELIC ACID' ? 'C7 H14 N2 O4'   190.197 
ARG 'L-peptide linking' y ARGININE                  ? 'C6 H15 N4 O2 1' 175.209 
ASN 'L-peptide linking' y ASPARAGINE                ? 'C4 H8 N2 O3'    132.118 
ASP 'L-peptide linking' y 'ASPARTIC ACID'           ? 'C4 H7 N O4'     133.103 
GLN 'L-peptide linking' y GLUTAMINE                 ? 'C5 H10 N2 O3'   146.144 
GLU 'L-peptide linking' y 'GLUTAMIC ACID'           ? 'C5 H9 N O4'     147.129 
GLY 'peptide linking'   y GLYCINE                   ? 'C2 H5 N O2'     75.067  
HIS 'L-peptide linking' y HISTIDINE                 ? 'C6 H10 N3 O2 1' 156.162 
HOH non-polymer         . WATER                     ? 'H2 O'           18.015  
ILE 'L-peptide linking' y ISOLEUCINE                ? 'C6 H13 N O2'    131.173 
LEU 'L-peptide linking' y LEUCINE                   ? 'C6 H13 N O2'    131.173 
LYS 'L-peptide linking' y LYSINE                    ? 'C6 H15 N2 O2 1' 147.195 
MET 'L-peptide linking' y METHIONINE                ? 'C5 H11 N O2 S'  149.211 
PHE 'L-peptide linking' y PHENYLALANINE             ? 'C9 H11 N O2'    165.189 
PRO 'L-peptide linking' y PROLINE                   ? 'C5 H9 N O2'     115.130 
SER 'L-peptide linking' y SERINE                    ? 'C3 H7 N O3'     105.093 
THR 'L-peptide linking' y THREONINE                 ? 'C4 H9 N O3'     119.119 
TRP 'L-peptide linking' y TRYPTOPHAN                ? 'C11 H12 N2 O2'  204.225 
TYR 'L-peptide linking' y TYROSINE                  ? 'C9 H11 N O3'    181.189 
VAL 'L-peptide linking' y VALINE                    ? 'C5 H11 N O2'    117.146 
# 
_exptl.crystals_number   1 
_exptl.entry_id          4G4V 
_exptl.method            'X-RAY DIFFRACTION' 
# 
_exptl_crystal.id                    1 
_exptl_crystal.pdbx_mosaicity        1.278 
_exptl_crystal.pdbx_mosaicity_esd    ? 
_exptl_crystal.density_Matthews      1.85 
_exptl_crystal.density_diffrn        ? 
_exptl_crystal.density_meas          ? 
_exptl_crystal.density_meas_temp     ? 
_exptl_crystal.density_percent_sol   33.63 
_exptl_crystal.size_max              ? 
_exptl_crystal.size_mid              ? 
_exptl_crystal.size_min              ? 
_exptl_crystal.size_rad              ? 
_exptl_crystal.description           ? 
_exptl_crystal.F_000                 ? 
_exptl_crystal.preparation           ? 
# 
_exptl_crystal_grow.crystal_id      1 
_exptl_crystal_grow.method          'VAPOR DIFFUSION' 
_exptl_crystal_grow.pH              4.2 
_exptl_crystal_grow.temp            293 
_exptl_crystal_grow.pdbx_details    '0.1M PHOSPHATE CITRATE, 30% PEG 3350, pH 4.2, VAPOR DIFFUSION, temperature 293K' 
_exptl_crystal_grow.temp_details    ? 
_exptl_crystal_grow.pdbx_pH_range   ? 
# 
_diffrn.id                     1 
_diffrn.ambient_temp           100 
_diffrn.ambient_temp_details   ? 
_diffrn.crystal_id             1 
# 
_diffrn_detector.diffrn_id              1 
_diffrn_detector.detector               CCD 
_diffrn_detector.type                   'ADSC QUANTUM 270' 
_diffrn_detector.pdbx_collection_date   2011-07-03 
_diffrn_detector.details                ? 
# 
_diffrn_radiation.diffrn_id                        1 
_diffrn_radiation.pdbx_diffrn_protocol             'SINGLE WAVELENGTH' 
_diffrn_radiation.monochromator                    ? 
_diffrn_radiation.wavelength_id                    1 
_diffrn_radiation.pdbx_monochromatic_or_laue_m_l   M 
_diffrn_radiation.pdbx_scattering_type             x-ray 
# 
_diffrn_radiation_wavelength.id           1 
_diffrn_radiation_wavelength.wavelength   1.0 
_diffrn_radiation_wavelength.wt           1.0 
# 
_diffrn_source.diffrn_id                   1 
_diffrn_source.source                      SYNCHROTRON 
_diffrn_source.type                        'PHOTON FACTORY BEAMLINE BL-17A' 
_diffrn_source.pdbx_wavelength_list        1.0 
_diffrn_source.pdbx_wavelength             ? 
_diffrn_source.pdbx_synchrotron_site       'Photon Factory' 
_diffrn_source.pdbx_synchrotron_beamline   BL-17A 
# 
_reflns.entry_id                     4G4V 
_reflns.d_resolution_high            1.900 
_reflns.d_resolution_low             50.000 
_reflns.number_obs                   7884 
_reflns.pdbx_Rmerge_I_obs            0.071 
_reflns.pdbx_netI_over_sigmaI        16.900 
_reflns.pdbx_chi_squared             3.123 
_reflns.pdbx_redundancy              6.500 
_reflns.percent_possible_obs         99.700 
_reflns.observed_criterion_sigma_F   ? 
_reflns.observed_criterion_sigma_I   ? 
_reflns.number_all                   ? 
_reflns.pdbx_Rsym_value              ? 
_reflns.B_iso_Wilson_estimate        ? 
_reflns.R_free_details               ? 
_reflns.limit_h_max                  ? 
_reflns.limit_h_min                  ? 
_reflns.limit_k_max                  ? 
_reflns.limit_k_min                  ? 
_reflns.limit_l_max                  ? 
_reflns.limit_l_min                  ? 
_reflns.observed_criterion_F_max     ? 
_reflns.observed_criterion_F_min     ? 
_reflns.pdbx_scaling_rejects         ? 
_reflns.pdbx_ordinal                 1 
_reflns.pdbx_diffrn_id               1 
# 
loop_
_reflns_shell.d_res_high 
_reflns_shell.d_res_low 
_reflns_shell.number_measured_obs 
_reflns_shell.number_measured_all 
_reflns_shell.number_unique_obs 
_reflns_shell.pdbx_rejects 
_reflns_shell.Rmerge_I_obs 
_reflns_shell.meanI_over_sigI_obs 
_reflns_shell.pdbx_Rsym_value 
_reflns_shell.pdbx_chi_squared 
_reflns_shell.pdbx_redundancy 
_reflns_shell.percent_possible_obs 
_reflns_shell.pdbx_netI_over_sigmaI_obs 
_reflns_shell.number_possible 
_reflns_shell.number_unique_all 
_reflns_shell.Rmerge_F_all 
_reflns_shell.Rmerge_F_obs 
_reflns_shell.Rmerge_I_all 
_reflns_shell.meanI_over_sigI_all 
_reflns_shell.percent_possible_all 
_reflns_shell.pdbx_Rrim_I_all 
_reflns_shell.pdbx_Rpim_I_all 
_reflns_shell.pdbx_ordinal 
_reflns_shell.pdbx_diffrn_id 
1.900 1.970  ? ? ? ? 0.327 ? ? 1.940 6.900 ? ? ? 767 ? ? ? ? 100.000 ? ? 1  1 
1.970 2.050  ? ? ? ? 0.260 ? ? 2.246 6.900 ? ? ? 775 ? ? ? ? 100.000 ? ? 2  1 
2.050 2.140  ? ? ? ? 0.189 ? ? 2.506 6.900 ? ? ? 769 ? ? ? ? 99.900  ? ? 3  1 
2.140 2.250  ? ? ? ? 0.161 ? ? 2.792 6.700 ? ? ? 779 ? ? ? ? 100.000 ? ? 4  1 
2.250 2.390  ? ? ? ? 0.136 ? ? 3.086 6.700 ? ? ? 775 ? ? ? ? 99.900  ? ? 5  1 
2.390 2.580  ? ? ? ? 0.107 ? ? 3.435 6.700 ? ? ? 774 ? ? ? ? 99.900  ? ? 6  1 
2.580 2.840  ? ? ? ? 0.092 ? ? 3.532 6.500 ? ? ? 787 ? ? ? ? 99.700  ? ? 7  1 
2.840 3.250  ? ? ? ? 0.066 ? ? 3.649 6.300 ? ? ? 793 ? ? ? ? 99.900  ? ? 8  1 
3.250 4.090  ? ? ? ? 0.057 ? ? 4.116 5.900 ? ? ? 809 ? ? ? ? 99.800  ? ? 9  1 
4.090 50.000 ? ? ? ? 0.054 ? ? 4.264 5.500 ? ? ? 856 ? ? ? ? 98.400  ? ? 10 1 
# 
_refine.entry_id                                 4G4V 
_refine.ls_d_res_high                            1.9000 
_refine.ls_d_res_low                             50.0000 
_refine.pdbx_ls_sigma_F                          0.000 
_refine.pdbx_data_cutoff_high_absF               ? 
_refine.pdbx_data_cutoff_low_absF                ? 
_refine.ls_percent_reflns_obs                    99.1000 
_refine.ls_number_reflns_obs                     7850 
_refine.ls_number_reflns_all                     ? 
_refine.pdbx_ls_cross_valid_method               ? 
_refine.pdbx_R_Free_selection_details            ? 
_refine.details                                  ? 
_refine.ls_R_factor_all                          ? 
_refine.ls_R_factor_obs                          ? 
_refine.ls_R_factor_R_work                       0.2258 
_refine.ls_wR_factor_R_work                      ? 
_refine.ls_R_factor_R_free                       0.2618 
_refine.ls_wR_factor_R_free                      ? 
_refine.ls_percent_reflns_R_free                 5.2000 
_refine.ls_number_reflns_R_free                  415 
_refine.ls_R_factor_R_free_error                 ? 
_refine.B_iso_mean                               33.1362 
_refine.solvent_model_param_bsol                 39.4270 
_refine.solvent_model_param_ksol                 ? 
_refine.pdbx_isotropic_thermal_model             ? 
_refine.aniso_B[1][1]                            ? 
_refine.aniso_B[2][2]                            ? 
_refine.aniso_B[3][3]                            ? 
_refine.aniso_B[1][2]                            ? 
_refine.aniso_B[1][3]                            ? 
_refine.aniso_B[2][3]                            ? 
_refine.correlation_coeff_Fo_to_Fc               ? 
_refine.correlation_coeff_Fo_to_Fc_free          ? 
_refine.overall_SU_R_Cruickshank_DPI             ? 
_refine.overall_SU_R_free                        ? 
_refine.pdbx_overall_ESU_R                       ? 
_refine.pdbx_overall_ESU_R_Free                  ? 
_refine.overall_SU_ML                            ? 
_refine.overall_SU_B                             ? 
_refine.solvent_model_details                    ? 
_refine.pdbx_solvent_vdw_probe_radii             ? 
_refine.pdbx_solvent_ion_probe_radii             ? 
_refine.pdbx_solvent_shrinkage_radii             ? 
_refine.ls_number_parameters                     ? 
_refine.ls_number_restraints                     ? 
_refine.pdbx_starting_model                      'PDB ENTRY 3TD4' 
_refine.pdbx_method_to_determine_struct          'MOLECULAR REPLACEMENT' 
_refine.pdbx_stereochemistry_target_values       ? 
_refine.pdbx_stereochem_target_val_spec_case     ? 
_refine.overall_FOM_work_R_set                   ? 
_refine.B_iso_max                                62.460 
_refine.B_iso_min                                17.660 
_refine.pdbx_overall_phase_error                 ? 
_refine.occupancy_max                            1.000 
_refine.occupancy_min                            1.000 
_refine.pdbx_ls_sigma_I                          ? 
_refine.ls_redundancy_reflns_obs                 ? 
_refine.ls_R_factor_R_free_error_details         ? 
_refine.pdbx_data_cutoff_high_rms_absF           ? 
_refine.overall_FOM_free_R_set                   ? 
_refine.pdbx_diffrn_id                           1 
_refine.pdbx_refine_id                           'X-RAY DIFFRACTION' 
_refine.pdbx_TLS_residual_ADP_flag               ? 
_refine.pdbx_overall_SU_R_free_Cruickshank_DPI   ? 
_refine.pdbx_overall_SU_R_Blow_DPI               ? 
_refine.pdbx_overall_SU_R_free_Blow_DPI          ? 
# 
_refine_hist.pdbx_refine_id                   'X-RAY DIFFRACTION' 
_refine_hist.cycle_id                         LAST 
_refine_hist.pdbx_number_atoms_protein        880 
_refine_hist.pdbx_number_atoms_nucleic_acid   0 
_refine_hist.pdbx_number_atoms_ligand         13 
_refine_hist.number_atoms_solvent             50 
_refine_hist.number_atoms_total               943 
_refine_hist.d_res_high                       1.9000 
_refine_hist.d_res_low                        50.0000 
# 
loop_
_refine_ls_restr.type 
_refine_ls_restr.number 
_refine_ls_restr.dev_ideal 
_refine_ls_restr.dev_ideal_target 
_refine_ls_restr.weight 
_refine_ls_restr.pdbx_restraint_function 
_refine_ls_restr.pdbx_refine_id 
c_bond_d     ? 0.005 ?     ? ? 'X-RAY DIFFRACTION' 
c_angle_d    ? 1.209 ?     ? ? 'X-RAY DIFFRACTION' 
c_mcbond_it  ? 1.428 1.500 ? ? 'X-RAY DIFFRACTION' 
c_scbond_it  ? 2.259 2.000 ? ? 'X-RAY DIFFRACTION' 
c_mcangle_it ? 2.113 2.000 ? ? 'X-RAY DIFFRACTION' 
c_scangle_it ? 3.293 2.500 ? ? 'X-RAY DIFFRACTION' 
# 
loop_
_refine_ls_shell.d_res_high 
_refine_ls_shell.d_res_low 
_refine_ls_shell.pdbx_total_number_of_bins_used 
_refine_ls_shell.percent_reflns_obs 
_refine_ls_shell.number_reflns_R_work 
_refine_ls_shell.R_factor_all 
_refine_ls_shell.R_factor_R_work 
_refine_ls_shell.R_factor_R_free 
_refine_ls_shell.percent_reflns_R_free 
_refine_ls_shell.number_reflns_R_free 
_refine_ls_shell.R_factor_R_free_error 
_refine_ls_shell.number_reflns_all 
_refine_ls_shell.number_reflns_obs 
_refine_ls_shell.pdbx_refine_id 
_refine_ls_shell.redundancy_reflns_obs 
1.9000 1.9700  10 93.5000  680 . 0.2574 0.3675 . 38 . 718 . 'X-RAY DIFFRACTION' . 
1.9700 2.0500  10 100.0000 749 . 0.2499 0.2375 . 34 . 783 . 'X-RAY DIFFRACTION' . 
2.0500 2.1400  10 99.9000  734 . 0.2365 0.2723 . 36 . 770 . 'X-RAY DIFFRACTION' . 
2.1400 2.2500  10 100.0000 731 . 0.2346 0.2829 . 50 . 781 . 'X-RAY DIFFRACTION' . 
2.2500 2.3900  10 99.9000  753 . 0.2445 0.2771 . 30 . 783 . 'X-RAY DIFFRACTION' . 
2.3900 2.5800  10 99.9000  736 . 0.2286 0.2549 . 41 . 777 . 'X-RAY DIFFRACTION' . 
2.5800 2.8400  10 99.7000  755 . 0.2373 0.3519 . 37 . 792 . 'X-RAY DIFFRACTION' . 
2.8400 3.2500  10 99.9000  748 . 0.2425 0.2544 . 45 . 793 . 'X-RAY DIFFRACTION' . 
3.2500 4.0900  10 99.8000  753 . 0.2175 0.2773 . 55 . 808 . 'X-RAY DIFFRACTION' . 
4.0900 50.0000 10 98.5000  796 . 0.2048 0.2154 . 49 . 845 . 'X-RAY DIFFRACTION' . 
# 
loop_
_pdbx_xplor_file.pdbx_refine_id 
_pdbx_xplor_file.serial_no 
_pdbx_xplor_file.param_file 
_pdbx_xplor_file.topol_file 
'X-RAY DIFFRACTION' 1 protein_rep.param  protein.top      
'X-RAY DIFFRACTION' 2 dna-rna_rep.param  dna-rna.top      
'X-RAY DIFFRACTION' 3 water_rep.param    water.top        
'X-RAY DIFFRACTION' 4 ion.param          ion.top          
'X-RAY DIFFRACTION' 5 carbohydrate.param carbohydrate.top 
'X-RAY DIFFRACTION' 6 API.param          API.top          
# 
_struct.entry_id                  4G4V 
_struct.title                     'Crystal structure of peptidoglycan-associated lipoprotein from Acinetobacter baumannii' 
_struct.pdbx_model_details        ? 
_struct.pdbx_CASP_flag            ? 
_struct.pdbx_model_type_details   ? 
# 
_struct_keywords.entry_id        4G4V 
_struct_keywords.text            'OmpA-like domain, MEMBRANE PROTEIN, PEPTIDE BINDING PROTEIN' 
_struct_keywords.pdbx_keywords   'PEPTIDE BINDING PROTEIN' 
# 
loop_
_struct_asym.id 
_struct_asym.pdbx_blank_PDB_chainid_flag 
_struct_asym.pdbx_modified 
_struct_asym.entity_id 
_struct_asym.details 
A N N 1 ? 
B N N 2 ? 
C N N 3 ? 
# 
_struct_biol.id        1 
_struct_biol.details   ? 
# 
loop_
_struct_conf.conf_type_id 
_struct_conf.id 
_struct_conf.pdbx_PDB_helix_id 
_struct_conf.beg_label_comp_id 
_struct_conf.beg_label_asym_id 
_struct_conf.beg_label_seq_id 
_struct_conf.pdbx_beg_PDB_ins_code 
_struct_conf.end_label_comp_id 
_struct_conf.end_label_asym_id 
_struct_conf.end_label_seq_id 
_struct_conf.pdbx_end_PDB_ins_code 
_struct_conf.beg_auth_comp_id 
_struct_conf.beg_auth_asym_id 
_struct_conf.beg_auth_seq_id 
_struct_conf.end_auth_comp_id 
_struct_conf.end_auth_asym_id 
_struct_conf.end_auth_seq_id 
_struct_conf.pdbx_PDB_helix_class 
_struct_conf.details 
_struct_conf.pdbx_PDB_helix_length 
HELX_P HELX_P1 1 MET A 4  ? LYS A 8   ? MET A 74  LYS A 78  5 ? 5  
HELX_P HELX_P2 2 SER A 21 ? ASN A 38  ? SER A 91  ASN A 108 1 ? 18 
HELX_P HELX_P3 3 THR A 54 ? SER A 76  ? THR A 124 SER A 146 1 ? 23 
HELX_P HELX_P4 4 ASN A 79 ? GLN A 81  ? ASN A 149 GLN A 151 5 ? 3  
HELX_P HELX_P5 5 ASP A 99 ? ARG A 107 ? ASP A 169 ARG A 177 1 ? 9  
# 
_struct_conf_type.id          HELX_P 
_struct_conf_type.criteria    ? 
_struct_conf_type.reference   ? 
# 
_struct_sheet.id               A 
_struct_sheet.type             ? 
_struct_sheet.number_strands   4 
_struct_sheet.details          ? 
# 
loop_
_struct_sheet_order.sheet_id 
_struct_sheet_order.range_id_1 
_struct_sheet_order.range_id_2 
_struct_sheet_order.offset 
_struct_sheet_order.sense 
A 1 2 ? anti-parallel 
A 2 3 ? anti-parallel 
A 3 4 ? parallel      
# 
loop_
_struct_sheet_range.sheet_id 
_struct_sheet_range.id 
_struct_sheet_range.beg_label_comp_id 
_struct_sheet_range.beg_label_asym_id 
_struct_sheet_range.beg_label_seq_id 
_struct_sheet_range.pdbx_beg_PDB_ins_code 
_struct_sheet_range.end_label_comp_id 
_struct_sheet_range.end_label_asym_id 
_struct_sheet_range.end_label_seq_id 
_struct_sheet_range.pdbx_end_PDB_ins_code 
_struct_sheet_range.beg_auth_comp_id 
_struct_sheet_range.beg_auth_asym_id 
_struct_sheet_range.beg_auth_seq_id 
_struct_sheet_range.end_auth_comp_id 
_struct_sheet_range.end_auth_asym_id 
_struct_sheet_range.end_auth_seq_id 
A 1 VAL A 10  ? HIS A 12  ? VAL A 80  HIS A 82  
A 2 ARG A 108 ? TYR A 113 ? ARG A 178 TYR A 183 
A 3 VAL A 43  ? GLY A 47  ? VAL A 113 GLY A 117 
A 4 LEU A 83  ? SER A 87  ? LEU A 153 SER A 157 
# 
loop_
_pdbx_struct_sheet_hbond.sheet_id 
_pdbx_struct_sheet_hbond.range_id_1 
_pdbx_struct_sheet_hbond.range_id_2 
_pdbx_struct_sheet_hbond.range_1_label_atom_id 
_pdbx_struct_sheet_hbond.range_1_label_comp_id 
_pdbx_struct_sheet_hbond.range_1_label_asym_id 
_pdbx_struct_sheet_hbond.range_1_label_seq_id 
_pdbx_struct_sheet_hbond.range_1_PDB_ins_code 
_pdbx_struct_sheet_hbond.range_1_auth_atom_id 
_pdbx_struct_sheet_hbond.range_1_auth_comp_id 
_pdbx_struct_sheet_hbond.range_1_auth_asym_id 
_pdbx_struct_sheet_hbond.range_1_auth_seq_id 
_pdbx_struct_sheet_hbond.range_2_label_atom_id 
_pdbx_struct_sheet_hbond.range_2_label_comp_id 
_pdbx_struct_sheet_hbond.range_2_label_asym_id 
_pdbx_struct_sheet_hbond.range_2_label_seq_id 
_pdbx_struct_sheet_hbond.range_2_PDB_ins_code 
_pdbx_struct_sheet_hbond.range_2_auth_atom_id 
_pdbx_struct_sheet_hbond.range_2_auth_comp_id 
_pdbx_struct_sheet_hbond.range_2_auth_asym_id 
_pdbx_struct_sheet_hbond.range_2_auth_seq_id 
A 1 2 N VAL A 11  ? N VAL A 81  O VAL A 109 ? O VAL A 179 
A 2 3 O ASN A 112 ? O ASN A 182 N ALA A 44  ? N ALA A 114 
A 3 4 N GLY A 47  ? N GLY A 117 O VAL A 86  ? O VAL A 156 
# 
_struct_site.id                   AC1 
_struct_site.pdbx_evidence_code   Software 
_struct_site.pdbx_auth_asym_id    A 
_struct_site.pdbx_auth_comp_id    API 
_struct_site.pdbx_auth_seq_id     201 
_struct_site.pdbx_auth_ins_code   ? 
_struct_site.pdbx_num_residues    15 
_struct_site.details              'BINDING SITE FOR RESIDUE API A 201' 
# 
loop_
_struct_site_gen.id 
_struct_site_gen.site_id 
_struct_site_gen.pdbx_num_res 
_struct_site_gen.label_comp_id 
_struct_site_gen.label_asym_id 
_struct_site_gen.label_seq_id 
_struct_site_gen.pdbx_auth_ins_code 
_struct_site_gen.auth_comp_id 
_struct_site_gen.auth_asym_id 
_struct_site_gen.auth_seq_id 
_struct_site_gen.label_atom_id 
_struct_site_gen.label_alt_id 
_struct_site_gen.symmetry 
_struct_site_gen.details 
1  AC1 15 TYR A 15  ? TYR A 85  . ? 1_555 ? 
2  AC1 15 ASP A 16  ? ASP A 86  . ? 1_555 ? 
3  AC1 15 ALA A 44  ? ALA A 114 . ? 2_454 ? 
4  AC1 15 THR A 49  ? THR A 119 . ? 1_555 ? 
5  AC1 15 ASP A 50  ? ASP A 120 . ? 1_555 ? 
6  AC1 15 ARG A 52  ? ARG A 122 . ? 1_555 ? 
7  AC1 15 GLY A 53  ? GLY A 123 . ? 1_555 ? 
8  AC1 15 TYR A 57  ? TYR A 127 . ? 1_555 ? 
9  AC1 15 ASN A 58  ? ASN A 128 . ? 1_555 ? 
10 AC1 15 LEU A 61  ? LEU A 131 . ? 1_555 ? 
11 AC1 15 ARG A 65  ? ARG A 135 . ? 1_555 ? 
12 AC1 15 GLU A 84  ? GLU A 154 . ? 2_454 ? 
13 AC1 15 ARG A 107 ? ARG A 177 . ? 1_555 ? 
14 AC1 15 GLU A 114 ? GLU A 184 . ? 2_454 ? 
15 AC1 15 HOH C .   ? HOH A 317 . ? 1_555 ? 
# 
_atom_sites.entry_id                    4G4V 
_atom_sites.fract_transf_matrix[1][1]   -0.02231298 
_atom_sites.fract_transf_matrix[1][2]   -0.00515211 
_atom_sites.fract_transf_matrix[1][3]   0.00643492 
_atom_sites.fract_transf_matrix[2][1]   -0.00591729 
_atom_sites.fract_transf_matrix[2][2]   0.02103431 
_atom_sites.fract_transf_matrix[2][3]   -0.00367702 
_atom_sites.fract_transf_matrix[3][1]   -0.00441103 
_atom_sites.fract_transf_matrix[3][2]   -0.00455172 
_atom_sites.fract_transf_matrix[3][3]   -0.01893952 
_atom_sites.fract_transf_vector[1]      -0.252869 
_atom_sites.fract_transf_vector[2]      -0.193266 
_atom_sites.fract_transf_vector[3]      0.197535 
# 
loop_
_atom_type.symbol 
C 
N 
O 
S 
# 
loop_
_atom_site.group_PDB 
_atom_site.id 
_atom_site.type_symbol 
_atom_site.label_atom_id 
_atom_site.label_alt_id 
_atom_site.label_comp_id 
_atom_site.label_asym_id 
_atom_site.label_entity_id 
_atom_site.label_seq_id 
_atom_site.pdbx_PDB_ins_code 
_atom_site.Cartn_x 
_atom_site.Cartn_y 
_atom_site.Cartn_z 
_atom_site.occupancy 
_atom_site.B_iso_or_equiv 
_atom_site.pdbx_formal_charge 
_atom_site.auth_seq_id 
_atom_site.auth_comp_id 
_atom_site.auth_asym_id 
_atom_site.auth_atom_id 
_atom_site.pdbx_PDB_model_num 
ATOM   1   N N   . MET A 1 4   ? -2.158  -17.651 5.444   1.00 54.01 ? 74  MET A N   1 
ATOM   2   C CA  . MET A 1 4   ? -2.851  -16.564 6.194   1.00 52.87 ? 74  MET A CA  1 
ATOM   3   C C   . MET A 1 4   ? -2.248  -15.215 5.813   1.00 50.55 ? 74  MET A C   1 
ATOM   4   O O   . MET A 1 4   ? -2.969  -14.264 5.513   1.00 49.49 ? 74  MET A O   1 
ATOM   5   C CB  . MET A 1 4   ? -2.703  -16.787 7.701   1.00 56.58 ? 74  MET A CB  1 
ATOM   6   C CG  . MET A 1 4   ? -3.698  -16.007 8.553   1.00 58.42 ? 74  MET A CG  1 
ATOM   7   S SD  . MET A 1 4   ? -5.339  -16.772 8.572   1.00 62.46 ? 74  MET A SD  1 
ATOM   8   C CE  . MET A 1 4   ? -6.109  -15.999 7.144   1.00 61.06 ? 74  MET A CE  1 
ATOM   9   N N   . ALA A 1 5   ? -0.921  -15.138 5.830   1.00 47.84 ? 75  ALA A N   1 
ATOM   10  C CA  . ALA A 1 5   ? -0.223  -13.906 5.480   1.00 44.99 ? 75  ALA A CA  1 
ATOM   11  C C   . ALA A 1 5   ? -0.627  -13.462 4.077   1.00 43.17 ? 75  ALA A C   1 
ATOM   12  O O   . ALA A 1 5   ? -0.739  -12.268 3.801   1.00 42.23 ? 75  ALA A O   1 
ATOM   13  C CB  . ALA A 1 5   ? 1.285   -14.120 5.555   1.00 44.87 ? 75  ALA A CB  1 
ATOM   14  N N   . LEU A 1 6   ? -0.856  -14.430 3.195   1.00 41.43 ? 76  LEU A N   1 
ATOM   15  C CA  . LEU A 1 6   ? -1.254  -14.136 1.823   1.00 41.13 ? 76  LEU A CA  1 
ATOM   16  C C   . LEU A 1 6   ? -2.701  -13.674 1.723   1.00 39.92 ? 76  LEU A C   1 
ATOM   17  O O   . LEU A 1 6   ? -3.093  -13.041 0.739   1.00 39.11 ? 76  LEU A O   1 
ATOM   18  C CB  . LEU A 1 6   ? -1.065  -15.365 0.926   1.00 40.14 ? 76  LEU A CB  1 
ATOM   19  C CG  . LEU A 1 6   ? 0.238   -15.495 0.136   1.00 40.62 ? 76  LEU A CG  1 
ATOM   20  C CD1 . LEU A 1 6   ? 0.070   -16.606 -0.899  1.00 39.12 ? 76  LEU A CD1 1 
ATOM   21  C CD2 . LEU A 1 6   ? 0.572   -14.180 -0.562  1.00 37.95 ? 76  LEU A CD2 1 
ATOM   22  N N   . ALA A 1 7   ? -3.493  -13.998 2.738   1.00 39.94 ? 77  ALA A N   1 
ATOM   23  C CA  . ALA A 1 7   ? -4.898  -13.614 2.764   1.00 40.40 ? 77  ALA A CA  1 
ATOM   24  C C   . ALA A 1 7   ? -5.053  -12.099 2.955   1.00 39.99 ? 77  ALA A C   1 
ATOM   25  O O   . ALA A 1 7   ? -6.073  -11.521 2.577   1.00 41.30 ? 77  ALA A O   1 
ATOM   26  C CB  . ALA A 1 7   ? -5.623  -14.371 3.877   1.00 39.88 ? 77  ALA A CB  1 
ATOM   27  N N   . LYS A 1 8   ? -4.039  -11.462 3.536   1.00 38.22 ? 78  LYS A N   1 
ATOM   28  C CA  . LYS A 1 8   ? -4.068  -10.016 3.759   1.00 37.14 ? 78  LYS A CA  1 
ATOM   29  C C   . LYS A 1 8   ? -3.651  -9.271  2.491   1.00 34.33 ? 78  LYS A C   1 
ATOM   30  O O   . LYS A 1 8   ? -2.550  -9.453  1.984   1.00 33.86 ? 78  LYS A O   1 
ATOM   31  C CB  . LYS A 1 8   ? -3.146  -9.638  4.923   1.00 39.03 ? 78  LYS A CB  1 
ATOM   32  C CG  . LYS A 1 8   ? -3.741  -9.921  6.297   1.00 44.33 ? 78  LYS A CG  1 
ATOM   33  C CD  . LYS A 1 8   ? -4.981  -9.058  6.532   1.00 47.69 ? 78  LYS A CD  1 
ATOM   34  C CE  . LYS A 1 8   ? -5.573  -9.269  7.916   1.00 49.83 ? 78  LYS A CE  1 
ATOM   35  N NZ  . LYS A 1 8   ? -6.824  -8.472  8.105   1.00 51.82 ? 78  LYS A NZ  1 
ATOM   36  N N   . ARG A 1 9   ? -4.542  -8.416  2.007   1.00 31.68 ? 79  ARG A N   1 
ATOM   37  C CA  . ARG A 1 9   ? -4.332  -7.660  0.778   1.00 32.98 ? 79  ARG A CA  1 
ATOM   38  C C   . ARG A 1 9   ? -4.145  -6.158  1.004   1.00 30.93 ? 79  ARG A C   1 
ATOM   39  O O   . ARG A 1 9   ? -4.216  -5.364  0.063   1.00 30.63 ? 79  ARG A O   1 
ATOM   40  C CB  . ARG A 1 9   ? -5.539  -7.904  -0.139  1.00 36.08 ? 79  ARG A CB  1 
ATOM   41  C CG  . ARG A 1 9   ? -5.520  -7.167  -1.454  1.00 41.86 ? 79  ARG A CG  1 
ATOM   42  C CD  . ARG A 1 9   ? -6.853  -7.291  -2.184  1.00 44.33 ? 79  ARG A CD  1 
ATOM   43  N NE  . ARG A 1 9   ? -7.928  -6.620  -1.458  1.00 47.61 ? 79  ARG A NE  1 
ATOM   44  C CZ  . ARG A 1 9   ? -7.979  -5.307  -1.240  1.00 47.34 ? 79  ARG A CZ  1 
ATOM   45  N NH1 . ARG A 1 9   ? -7.015  -4.522  -1.696  1.00 45.98 ? 79  ARG A NH1 1 
ATOM   46  N NH2 . ARG A 1 9   ? -8.986  -4.783  -0.553  1.00 46.58 ? 79  ARG A NH2 1 
ATOM   47  N N   . VAL A 1 10  ? -3.911  -5.760  2.248   1.00 28.03 ? 80  VAL A N   1 
ATOM   48  C CA  . VAL A 1 10  ? -3.743  -4.344  2.554   1.00 26.37 ? 80  VAL A CA  1 
ATOM   49  C C   . VAL A 1 10  ? -2.791  -4.131  3.730   1.00 25.66 ? 80  VAL A C   1 
ATOM   50  O O   . VAL A 1 10  ? -2.803  -4.897  4.694   1.00 24.98 ? 80  VAL A O   1 
ATOM   51  C CB  . VAL A 1 10  ? -5.118  -3.697  2.891   1.00 28.78 ? 80  VAL A CB  1 
ATOM   52  C CG1 . VAL A 1 10  ? -5.733  -4.385  4.097   1.00 30.63 ? 80  VAL A CG1 1 
ATOM   53  C CG2 . VAL A 1 10  ? -4.958  -2.200  3.157   1.00 31.37 ? 80  VAL A CG2 1 
ATOM   54  N N   . VAL A 1 11  ? -1.948  -3.111  3.632   1.00 25.02 ? 81  VAL A N   1 
ATOM   55  C CA  . VAL A 1 11  ? -1.027  -2.775  4.711   1.00 25.58 ? 81  VAL A CA  1 
ATOM   56  C C   . VAL A 1 11  ? -1.366  -1.351  5.146   1.00 25.95 ? 81  VAL A C   1 
ATOM   57  O O   . VAL A 1 11  ? -1.871  -0.555  4.347   1.00 24.80 ? 81  VAL A O   1 
ATOM   58  C CB  . VAL A 1 11  ? 0.459   -2.867  4.279   1.00 25.29 ? 81  VAL A CB  1 
ATOM   59  C CG1 . VAL A 1 11  ? 0.837   -4.323  4.033   1.00 25.79 ? 81  VAL A CG1 1 
ATOM   60  C CG2 . VAL A 1 11  ? 0.714   -2.010  3.034   1.00 24.23 ? 81  VAL A CG2 1 
ATOM   61  N N   . HIS A 1 12  ? -1.089  -1.025  6.404   1.00 26.10 ? 82  HIS A N   1 
ATOM   62  C CA  . HIS A 1 12  ? -1.428  0.299   6.911   1.00 27.01 ? 82  HIS A CA  1 
ATOM   63  C C   . HIS A 1 12  ? -0.251  1.172   7.319   1.00 27.29 ? 82  HIS A C   1 
ATOM   64  O O   . HIS A 1 12  ? 0.875   0.691   7.467   1.00 27.66 ? 82  HIS A O   1 
ATOM   65  C CB  . HIS A 1 12  ? -2.400  0.153   8.078   1.00 27.23 ? 82  HIS A CB  1 
ATOM   66  C CG  . HIS A 1 12  ? -3.659  -0.568  7.716   1.00 29.84 ? 82  HIS A CG  1 
ATOM   67  N ND1 . HIS A 1 12  ? -3.760  -1.943  7.728   1.00 31.24 ? 82  HIS A ND1 1 
ATOM   68  C CD2 . HIS A 1 12  ? -4.854  -0.107  7.275   1.00 29.74 ? 82  HIS A CD2 1 
ATOM   69  C CE1 . HIS A 1 12  ? -4.962  -2.297  7.311   1.00 30.66 ? 82  HIS A CE1 1 
ATOM   70  N NE2 . HIS A 1 12  ? -5.645  -1.203  7.030   1.00 30.91 ? 82  HIS A NE2 1 
ATOM   71  N N   . PHE A 1 13  ? -0.528  2.461   7.504   1.00 24.02 ? 83  PHE A N   1 
ATOM   72  C CA  . PHE A 1 13  ? 0.499   3.428   7.871   1.00 27.78 ? 83  PHE A CA  1 
ATOM   73  C C   . PHE A 1 13  ? 0.034   4.419   8.940   1.00 27.22 ? 83  PHE A C   1 
ATOM   74  O O   . PHE A 1 13  ? -1.157  4.668   9.100   1.00 28.65 ? 83  PHE A O   1 
ATOM   75  C CB  . PHE A 1 13  ? 0.926   4.236   6.641   1.00 25.69 ? 83  PHE A CB  1 
ATOM   76  C CG  . PHE A 1 13  ? 1.395   3.396   5.489   1.00 25.58 ? 83  PHE A CG  1 
ATOM   77  C CD1 . PHE A 1 13  ? 0.481   2.849   4.586   1.00 25.01 ? 83  PHE A CD1 1 
ATOM   78  C CD2 . PHE A 1 13  ? 2.752   3.147   5.307   1.00 23.44 ? 83  PHE A CD2 1 
ATOM   79  C CE1 . PHE A 1 13  ? 0.918   2.063   3.515   1.00 26.09 ? 83  PHE A CE1 1 
ATOM   80  C CE2 . PHE A 1 13  ? 3.201   2.362   4.236   1.00 28.01 ? 83  PHE A CE2 1 
ATOM   81  C CZ  . PHE A 1 13  ? 2.286   1.820   3.342   1.00 25.15 ? 83  PHE A CZ  1 
ATOM   82  N N   . ASP A 1 14  ? 0.996   5.000   9.648   1.00 30.02 ? 84  ASP A N   1 
ATOM   83  C CA  . ASP A 1 14  ? 0.698   5.997   10.667  1.00 31.16 ? 84  ASP A CA  1 
ATOM   84  C C   . ASP A 1 14  ? 0.560   7.360   9.991   1.00 31.94 ? 84  ASP A C   1 
ATOM   85  O O   . ASP A 1 14  ? 0.902   7.524   8.813   1.00 29.24 ? 84  ASP A O   1 
ATOM   86  C CB  . ASP A 1 14  ? 1.812   6.043   11.713  1.00 32.73 ? 84  ASP A CB  1 
ATOM   87  C CG  . ASP A 1 14  ? 1.946   4.745   12.479  1.00 32.84 ? 84  ASP A CG  1 
ATOM   88  O OD1 . ASP A 1 14  ? 0.918   4.248   12.983  1.00 35.90 ? 84  ASP A OD1 1 
ATOM   89  O OD2 . ASP A 1 14  ? 3.076   4.223   12.584  1.00 33.78 ? 84  ASP A OD2 1 
ATOM   90  N N   . TYR A 1 15  ? 0.043   8.332   10.737  1.00 30.58 ? 85  TYR A N   1 
ATOM   91  C CA  . TYR A 1 15  ? -0.152  9.683   10.228  1.00 31.36 ? 85  TYR A CA  1 
ATOM   92  C C   . TYR A 1 15  ? 1.098   10.265  9.565   1.00 31.17 ? 85  TYR A C   1 
ATOM   93  O O   . TYR A 1 15  ? 2.195   10.204  10.116  1.00 30.48 ? 85  TYR A O   1 
ATOM   94  C CB  . TYR A 1 15  ? -0.625  10.597  11.368  1.00 31.50 ? 85  TYR A CB  1 
ATOM   95  C CG  . TYR A 1 15  ? -0.771  12.057  10.998  1.00 30.22 ? 85  TYR A CG  1 
ATOM   96  C CD1 . TYR A 1 15  ? 0.259   12.964  11.243  1.00 29.29 ? 85  TYR A CD1 1 
ATOM   97  C CD2 . TYR A 1 15  ? -1.951  12.537  10.438  1.00 30.76 ? 85  TYR A CD2 1 
ATOM   98  C CE1 . TYR A 1 15  ? 0.113   14.320  10.947  1.00 31.20 ? 85  TYR A CE1 1 
ATOM   99  C CE2 . TYR A 1 15  ? -2.111  13.895  10.137  1.00 30.84 ? 85  TYR A CE2 1 
ATOM   100 C CZ  . TYR A 1 15  ? -1.076  14.775  10.397  1.00 28.94 ? 85  TYR A CZ  1 
ATOM   101 O OH  . TYR A 1 15  ? -1.228  16.106  10.124  1.00 30.98 ? 85  TYR A OH  1 
ATOM   102 N N   . ASP A 1 16  ? 0.904   10.821  8.370   1.00 31.66 ? 86  ASP A N   1 
ATOM   103 C CA  . ASP A 1 16  ? 1.968   11.446  7.588   1.00 31.39 ? 86  ASP A CA  1 
ATOM   104 C C   . ASP A 1 16  ? 3.215   10.580  7.415   1.00 31.95 ? 86  ASP A C   1 
ATOM   105 O O   . ASP A 1 16  ? 4.315   11.100  7.204   1.00 30.17 ? 86  ASP A O   1 
ATOM   106 C CB  . ASP A 1 16  ? 2.358   12.785  8.226   1.00 32.84 ? 86  ASP A CB  1 
ATOM   107 C CG  . ASP A 1 16  ? 2.823   13.809  7.206   1.00 36.01 ? 86  ASP A CG  1 
ATOM   108 O OD1 . ASP A 1 16  ? 3.266   14.899  7.625   1.00 35.13 ? 86  ASP A OD1 1 
ATOM   109 O OD2 . ASP A 1 16  ? 2.738   13.531  5.988   1.00 33.46 ? 86  ASP A OD2 1 
ATOM   110 N N   . SER A 1 17  ? 3.053   9.261   7.483   1.00 29.70 ? 87  SER A N   1 
ATOM   111 C CA  . SER A 1 17  ? 4.198   8.369   7.339   1.00 28.52 ? 87  SER A CA  1 
ATOM   112 C C   . SER A 1 17  ? 4.048   7.309   6.244   1.00 28.00 ? 87  SER A C   1 
ATOM   113 O O   . SER A 1 17  ? 2.951   6.830   5.974   1.00 26.49 ? 87  SER A O   1 
ATOM   114 C CB  . SER A 1 17  ? 4.472   7.671   8.669   1.00 28.85 ? 87  SER A CB  1 
ATOM   115 O OG  . SER A 1 17  ? 5.552   6.769   8.551   1.00 30.77 ? 87  SER A OG  1 
ATOM   116 N N   . SER A 1 18  ? 5.165   6.948   5.623   1.00 27.41 ? 88  SER A N   1 
ATOM   117 C CA  . SER A 1 18  ? 5.165   5.923   4.585   1.00 30.26 ? 88  SER A CA  1 
ATOM   118 C C   . SER A 1 18  ? 5.997   4.749   5.084   1.00 31.70 ? 88  SER A C   1 
ATOM   119 O O   . SER A 1 18  ? 6.388   3.861   4.317   1.00 29.65 ? 88  SER A O   1 
ATOM   120 C CB  . SER A 1 18  ? 5.728   6.476   3.270   1.00 29.94 ? 88  SER A CB  1 
ATOM   121 O OG  . SER A 1 18  ? 7.000   7.077   3.454   1.00 36.67 ? 88  SER A OG  1 
ATOM   122 N N   . ASP A 1 19  ? 6.261   4.755   6.390   1.00 33.28 ? 89  ASP A N   1 
ATOM   123 C CA  . ASP A 1 19  ? 7.032   3.689   7.020   1.00 33.57 ? 89  ASP A CA  1 
ATOM   124 C C   . ASP A 1 19  ? 6.126   2.482   7.174   1.00 32.56 ? 89  ASP A C   1 
ATOM   125 O O   . ASP A 1 19  ? 4.953   2.613   7.526   1.00 32.51 ? 89  ASP A O   1 
ATOM   126 C CB  . ASP A 1 19  ? 7.535   4.121   8.405   1.00 37.19 ? 89  ASP A CB  1 
ATOM   127 C CG  . ASP A 1 19  ? 8.562   5.238   8.340   1.00 38.09 ? 89  ASP A CG  1 
ATOM   128 O OD1 . ASP A 1 19  ? 8.846   5.840   9.398   1.00 41.60 ? 89  ASP A OD1 1 
ATOM   129 O OD2 . ASP A 1 19  ? 9.092   5.513   7.246   1.00 41.38 ? 89  ASP A OD2 1 
ATOM   130 N N   . LEU A 1 20  ? 6.669   1.304   6.898   1.00 33.75 ? 90  LEU A N   1 
ATOM   131 C CA  . LEU A 1 20  ? 5.905   0.068   7.022   1.00 35.18 ? 90  LEU A CA  1 
ATOM   132 C C   . LEU A 1 20  ? 6.118   -0.510  8.418   1.00 36.12 ? 90  LEU A C   1 
ATOM   133 O O   . LEU A 1 20  ? 7.215   -0.420  8.966   1.00 34.48 ? 90  LEU A O   1 
ATOM   134 C CB  . LEU A 1 20  ? 6.364   -0.931  5.959   1.00 34.67 ? 90  LEU A CB  1 
ATOM   135 C CG  . LEU A 1 20  ? 5.922   -0.589  4.533   1.00 37.69 ? 90  LEU A CG  1 
ATOM   136 C CD1 . LEU A 1 20  ? 6.712   -1.404  3.520   1.00 36.94 ? 90  LEU A CD1 1 
ATOM   137 C CD2 . LEU A 1 20  ? 4.427   -0.854  4.404   1.00 38.51 ? 90  LEU A CD2 1 
ATOM   138 N N   . SER A 1 21  ? 5.066   -1.087  8.993   1.00 37.38 ? 91  SER A N   1 
ATOM   139 C CA  . SER A 1 21  ? 5.152   -1.680  10.324  1.00 38.40 ? 91  SER A CA  1 
ATOM   140 C C   . SER A 1 21  ? 5.623   -3.117  10.250  1.00 38.16 ? 91  SER A C   1 
ATOM   141 O O   . SER A 1 21  ? 5.531   -3.759  9.199   1.00 33.94 ? 91  SER A O   1 
ATOM   142 C CB  . SER A 1 21  ? 3.795   -1.640  11.034  1.00 39.77 ? 91  SER A CB  1 
ATOM   143 O OG  . SER A 1 21  ? 3.569   -0.379  11.643  1.00 43.54 ? 91  SER A OG  1 
ATOM   144 N N   . THR A 1 22  ? 6.117   -3.623  11.376  1.00 37.58 ? 92  THR A N   1 
ATOM   145 C CA  . THR A 1 22  ? 6.604   -4.989  11.439  1.00 41.14 ? 92  THR A CA  1 
ATOM   146 C C   . THR A 1 22  ? 5.528   -5.975  10.995  1.00 41.30 ? 92  THR A C   1 
ATOM   147 O O   . THR A 1 22  ? 5.836   -7.017  10.418  1.00 42.05 ? 92  THR A O   1 
ATOM   148 C CB  . THR A 1 22  ? 7.079   -5.353  12.870  1.00 43.61 ? 92  THR A CB  1 
ATOM   149 O OG1 . THR A 1 22  ? 6.019   -5.123  13.807  1.00 45.47 ? 92  THR A OG1 1 
ATOM   150 C CG2 . THR A 1 22  ? 8.284   -4.506  13.258  1.00 44.27 ? 92  THR A CG2 1 
ATOM   151 N N   . GLU A 1 23  ? 4.266   -5.644  11.245  1.00 43.16 ? 93  GLU A N   1 
ATOM   152 C CA  . GLU A 1 23  ? 3.182   -6.532  10.845  1.00 44.53 ? 93  GLU A CA  1 
ATOM   153 C C   . GLU A 1 23  ? 2.967   -6.472  9.334   1.00 44.26 ? 93  GLU A C   1 
ATOM   154 O O   . GLU A 1 23  ? 2.706   -7.495  8.699   1.00 45.31 ? 93  GLU A O   1 
ATOM   155 C CB  . GLU A 1 23  ? 1.890   -6.171  11.577  1.00 47.85 ? 93  GLU A CB  1 
ATOM   156 C CG  . GLU A 1 23  ? 0.894   -7.321  11.632  1.00 52.60 ? 93  GLU A CG  1 
ATOM   157 C CD  . GLU A 1 23  ? -0.327  -7.009  12.483  1.00 55.69 ? 93  GLU A CD  1 
ATOM   158 O OE1 . GLU A 1 23  ? -1.071  -7.957  12.817  1.00 56.72 ? 93  GLU A OE1 1 
ATOM   159 O OE2 . GLU A 1 23  ? -0.545  -5.822  12.811  1.00 57.95 ? 93  GLU A OE2 1 
ATOM   160 N N   . ASP A 1 24  ? 3.084   -5.279  8.755   1.00 42.99 ? 94  ASP A N   1 
ATOM   161 C CA  . ASP A 1 24  ? 2.912   -5.132  7.308   1.00 41.45 ? 94  ASP A CA  1 
ATOM   162 C C   . ASP A 1 24  ? 4.014   -5.902  6.585   1.00 42.41 ? 94  ASP A C   1 
ATOM   163 O O   . ASP A 1 24  ? 3.784   -6.506  5.538   1.00 40.98 ? 94  ASP A O   1 
ATOM   164 C CB  . ASP A 1 24  ? 3.006   -3.666  6.872   1.00 39.81 ? 94  ASP A CB  1 
ATOM   165 C CG  . ASP A 1 24  ? 1.948   -2.786  7.503   1.00 36.49 ? 94  ASP A CG  1 
ATOM   166 O OD1 . ASP A 1 24  ? 0.814   -3.256  7.715   1.00 35.86 ? 94  ASP A OD1 1 
ATOM   167 O OD2 . ASP A 1 24  ? 2.260   -1.604  7.761   1.00 40.20 ? 94  ASP A OD2 1 
ATOM   168 N N   . TYR A 1 25  ? 5.220   -5.861  7.143   1.00 42.37 ? 95  TYR A N   1 
ATOM   169 C CA  . TYR A 1 25  ? 6.358   -6.547  6.542   1.00 42.37 ? 95  TYR A CA  1 
ATOM   170 C C   . TYR A 1 25  ? 6.171   -8.062  6.435   1.00 41.99 ? 95  TYR A C   1 
ATOM   171 O O   . TYR A 1 25  ? 6.627   -8.684  5.475   1.00 41.27 ? 95  TYR A O   1 
ATOM   172 C CB  . TYR A 1 25  ? 7.630   -6.229  7.328   1.00 42.30 ? 95  TYR A CB  1 
ATOM   173 C CG  . TYR A 1 25  ? 8.236   -4.888  6.980   1.00 42.95 ? 95  TYR A CG  1 
ATOM   174 C CD1 . TYR A 1 25  ? 8.623   -4.595  5.667   1.00 41.81 ? 95  TYR A CD1 1 
ATOM   175 C CD2 . TYR A 1 25  ? 8.475   -3.930  7.966   1.00 42.13 ? 95  TYR A CD2 1 
ATOM   176 C CE1 . TYR A 1 25  ? 9.241   -3.383  5.348   1.00 42.85 ? 95  TYR A CE1 1 
ATOM   177 C CE2 . TYR A 1 25  ? 9.091   -2.716  7.656   1.00 42.50 ? 95  TYR A CE2 1 
ATOM   178 C CZ  . TYR A 1 25  ? 9.474   -2.449  6.350   1.00 42.56 ? 95  TYR A CZ  1 
ATOM   179 O OH  . TYR A 1 25  ? 10.105  -1.258  6.056   1.00 42.46 ? 95  TYR A OH  1 
ATOM   180 N N   . GLN A 1 26  ? 5.502   -8.651  7.420   1.00 41.53 ? 96  GLN A N   1 
ATOM   181 C CA  . GLN A 1 26  ? 5.248   -10.087 7.413   1.00 39.55 ? 96  GLN A CA  1 
ATOM   182 C C   . GLN A 1 26  ? 4.387   -10.361 6.185   1.00 38.15 ? 96  GLN A C   1 
ATOM   183 O O   . GLN A 1 26  ? 4.679   -11.247 5.377   1.00 38.18 ? 96  GLN A O   1 
ATOM   184 C CB  . GLN A 1 26  ? 4.477   -10.489 8.666   1.00 42.11 ? 96  GLN A CB  1 
ATOM   185 C CG  . GLN A 1 26  ? 4.597   -11.956 9.031   1.00 44.24 ? 96  GLN A CG  1 
ATOM   186 C CD  . GLN A 1 26  ? 5.963   -12.289 9.597   1.00 44.91 ? 96  GLN A CD  1 
ATOM   187 O OE1 . GLN A 1 26  ? 6.479   -11.570 10.458  1.00 45.37 ? 96  GLN A OE1 1 
ATOM   188 N NE2 . GLN A 1 26  ? 6.552   -13.385 9.128   1.00 44.56 ? 96  GLN A NE2 1 
ATOM   189 N N   . THR A 1 27  ? 3.317   -9.582  6.063   1.00 35.83 ? 97  THR A N   1 
ATOM   190 C CA  . THR A 1 27  ? 2.394   -9.696  4.942   1.00 33.09 ? 97  THR A CA  1 
ATOM   191 C C   . THR A 1 27  ? 3.131   -9.582  3.616   1.00 30.81 ? 97  THR A C   1 
ATOM   192 O O   . THR A 1 27  ? 2.990   -10.434 2.741   1.00 28.15 ? 97  THR A O   1 
ATOM   193 C CB  . THR A 1 27  ? 1.315   -8.587  4.997   1.00 34.25 ? 97  THR A CB  1 
ATOM   194 O OG1 . THR A 1 27  ? 0.477   -8.792  6.142   1.00 34.78 ? 97  THR A OG1 1 
ATOM   195 C CG2 . THR A 1 27  ? 0.458   -8.598  3.729   1.00 28.67 ? 97  THR A CG2 1 
ATOM   196 N N   . LEU A 1 28  ? 3.922   -8.524  3.478   1.00 30.99 ? 98  LEU A N   1 
ATOM   197 C CA  . LEU A 1 28  ? 4.660   -8.274  2.248   1.00 30.46 ? 98  LEU A CA  1 
ATOM   198 C C   . LEU A 1 28  ? 5.642   -9.374  1.868   1.00 30.81 ? 98  LEU A C   1 
ATOM   199 O O   . LEU A 1 28  ? 5.839   -9.650  0.682   1.00 27.33 ? 98  LEU A O   1 
ATOM   200 C CB  . LEU A 1 28  ? 5.383   -6.926  2.335   1.00 32.67 ? 98  LEU A CB  1 
ATOM   201 C CG  . LEU A 1 28  ? 4.504   -5.670  2.324   1.00 31.92 ? 98  LEU A CG  1 
ATOM   202 C CD1 . LEU A 1 28  ? 5.388   -4.436  2.174   1.00 33.39 ? 98  LEU A CD1 1 
ATOM   203 C CD2 . LEU A 1 28  ? 3.512   -5.736  1.166   1.00 30.11 ? 98  LEU A CD2 1 
ATOM   204 N N   . GLN A 1 29  ? 6.259   -10.001 2.865   1.00 29.59 ? 99  GLN A N   1 
ATOM   205 C CA  . GLN A 1 29  ? 7.197   -11.081 2.590   1.00 31.09 ? 99  GLN A CA  1 
ATOM   206 C C   . GLN A 1 29  ? 6.447   -12.243 1.929   1.00 29.14 ? 99  GLN A C   1 
ATOM   207 O O   . GLN A 1 29  ? 6.962   -12.878 1.007   1.00 28.06 ? 99  GLN A O   1 
ATOM   208 C CB  . GLN A 1 29  ? 7.868   -11.545 3.893   1.00 34.68 ? 99  GLN A CB  1 
ATOM   209 C CG  . GLN A 1 29  ? 8.776   -12.760 3.741   1.00 41.02 ? 99  GLN A CG  1 
ATOM   210 C CD  . GLN A 1 29  ? 9.591   -13.042 4.995   1.00 46.50 ? 99  GLN A CD  1 
ATOM   211 O OE1 . GLN A 1 29  ? 10.487  -12.274 5.354   1.00 49.14 ? 99  GLN A OE1 1 
ATOM   212 N NE2 . GLN A 1 29  ? 9.278   -14.141 5.672   1.00 47.62 ? 99  GLN A NE2 1 
ATOM   213 N N   . ALA A 1 30  ? 5.229   -12.507 2.396   1.00 26.59 ? 100 ALA A N   1 
ATOM   214 C CA  . ALA A 1 30  ? 4.419   -13.590 1.841   1.00 27.34 ? 100 ALA A CA  1 
ATOM   215 C C   . ALA A 1 30  ? 4.105   -13.340 0.366   1.00 27.44 ? 100 ALA A C   1 
ATOM   216 O O   . ALA A 1 30  ? 4.230   -14.242 -0.460  1.00 23.84 ? 100 ALA A O   1 
ATOM   217 C CB  . ALA A 1 30  ? 3.126   -13.740 2.628   1.00 26.94 ? 100 ALA A CB  1 
ATOM   218 N N   . HIS A 1 31  ? 3.690   -12.118 0.042   1.00 24.29 ? 101 HIS A N   1 
ATOM   219 C CA  . HIS A 1 31  ? 3.377   -11.760 -1.340  1.00 25.86 ? 101 HIS A CA  1 
ATOM   220 C C   . HIS A 1 31  ? 4.628   -11.759 -2.208  1.00 25.16 ? 101 HIS A C   1 
ATOM   221 O O   . HIS A 1 31  ? 4.573   -12.136 -3.381  1.00 27.09 ? 101 HIS A O   1 
ATOM   222 C CB  . HIS A 1 31  ? 2.704   -10.385 -1.396  1.00 23.95 ? 101 HIS A CB  1 
ATOM   223 C CG  . HIS A 1 31  ? 1.310   -10.381 -0.857  1.00 27.10 ? 101 HIS A CG  1 
ATOM   224 N ND1 . HIS A 1 31  ? 0.218   -10.747 -1.616  1.00 25.21 ? 101 HIS A ND1 1 
ATOM   225 C CD2 . HIS A 1 31  ? 0.833   -10.092 0.376   1.00 26.46 ? 101 HIS A CD2 1 
ATOM   226 C CE1 . HIS A 1 31  ? -0.873  -10.682 -0.872  1.00 26.52 ? 101 HIS A CE1 1 
ATOM   227 N NE2 . HIS A 1 31  ? -0.528  -10.287 0.340   1.00 27.69 ? 101 HIS A NE2 1 
ATOM   228 N N   . ALA A 1 32  ? 5.755   -11.338 -1.639  1.00 24.69 ? 102 ALA A N   1 
ATOM   229 C CA  . ALA A 1 32  ? 7.004   -11.326 -2.392  1.00 26.81 ? 102 ALA A CA  1 
ATOM   230 C C   . ALA A 1 32  ? 7.324   -12.752 -2.855  1.00 28.46 ? 102 ALA A C   1 
ATOM   231 O O   . ALA A 1 32  ? 7.642   -12.983 -4.029  1.00 26.27 ? 102 ALA A O   1 
ATOM   232 C CB  . ALA A 1 32  ? 8.139   -10.782 -1.530  1.00 26.42 ? 102 ALA A CB  1 
ATOM   233 N N   . GLN A 1 33  ? 7.228   -13.704 -1.929  1.00 29.46 ? 103 GLN A N   1 
ATOM   234 C CA  . GLN A 1 33  ? 7.504   -15.111 -2.240  1.00 30.86 ? 103 GLN A CA  1 
ATOM   235 C C   . GLN A 1 33  ? 6.565   -15.639 -3.320  1.00 29.42 ? 103 GLN A C   1 
ATOM   236 O O   . GLN A 1 33  ? 6.997   -16.342 -4.240  1.00 29.00 ? 103 GLN A O   1 
ATOM   237 C CB  . GLN A 1 33  ? 7.356   -15.976 -0.988  1.00 33.74 ? 103 GLN A CB  1 
ATOM   238 C CG  . GLN A 1 33  ? 8.333   -15.656 0.125   1.00 42.91 ? 103 GLN A CG  1 
ATOM   239 C CD  . GLN A 1 33  ? 8.074   -16.485 1.373   1.00 47.58 ? 103 GLN A CD  1 
ATOM   240 O OE1 . GLN A 1 33  ? 8.039   -17.717 1.320   1.00 51.60 ? 103 GLN A OE1 1 
ATOM   241 N NE2 . GLN A 1 33  ? 7.888   -15.811 2.504   1.00 50.71 ? 103 GLN A NE2 1 
ATOM   242 N N   . PHE A 1 34  ? 5.282   -15.305 -3.200  1.00 29.00 ? 104 PHE A N   1 
ATOM   243 C CA  . PHE A 1 34  ? 4.276   -15.736 -4.170  1.00 28.48 ? 104 PHE A CA  1 
ATOM   244 C C   . PHE A 1 34  ? 4.550   -15.150 -5.554  1.00 28.32 ? 104 PHE A C   1 
ATOM   245 O O   . PHE A 1 34  ? 4.425   -15.840 -6.573  1.00 27.17 ? 104 PHE A O   1 
ATOM   246 C CB  . PHE A 1 34  ? 2.872   -15.305 -3.719  1.00 29.20 ? 104 PHE A CB  1 
ATOM   247 C CG  . PHE A 1 34  ? 1.763   -15.811 -4.611  1.00 29.73 ? 104 PHE A CG  1 
ATOM   248 C CD1 . PHE A 1 34  ? 1.321   -17.129 -4.515  1.00 31.43 ? 104 PHE A CD1 1 
ATOM   249 C CD2 . PHE A 1 34  ? 1.185   -14.979 -5.569  1.00 31.27 ? 104 PHE A CD2 1 
ATOM   250 C CE1 . PHE A 1 34  ? 0.320   -17.618 -5.362  1.00 30.90 ? 104 PHE A CE1 1 
ATOM   251 C CE2 . PHE A 1 34  ? 0.181   -15.455 -6.425  1.00 33.37 ? 104 PHE A CE2 1 
ATOM   252 C CZ  . PHE A 1 34  ? -0.253  -16.781 -6.321  1.00 31.62 ? 104 PHE A CZ  1 
ATOM   253 N N   . LEU A 1 35  ? 4.918   -13.874 -5.591  1.00 27.12 ? 105 LEU A N   1 
ATOM   254 C CA  . LEU A 1 35  ? 5.190   -13.208 -6.858  1.00 27.84 ? 105 LEU A CA  1 
ATOM   255 C C   . LEU A 1 35  ? 6.443   -13.742 -7.545  1.00 29.56 ? 105 LEU A C   1 
ATOM   256 O O   . LEU A 1 35  ? 6.479   -13.881 -8.767  1.00 30.60 ? 105 LEU A O   1 
ATOM   257 C CB  . LEU A 1 35  ? 5.287   -11.696 -6.644  1.00 26.75 ? 105 LEU A CB  1 
ATOM   258 C CG  . LEU A 1 35  ? 3.910   -11.067 -6.406  1.00 26.97 ? 105 LEU A CG  1 
ATOM   259 C CD1 . LEU A 1 35  ? 4.044   -9.614  -5.987  1.00 27.18 ? 105 LEU A CD1 1 
ATOM   260 C CD2 . LEU A 1 35  ? 3.091   -11.194 -7.693  1.00 26.27 ? 105 LEU A CD2 1 
ATOM   261 N N   . MET A 1 36  ? 7.467   -14.059 -6.763  1.00 31.03 ? 106 MET A N   1 
ATOM   262 C CA  . MET A 1 36  ? 8.692   -14.603 -7.337  1.00 32.72 ? 106 MET A CA  1 
ATOM   263 C C   . MET A 1 36  ? 8.470   -16.007 -7.894  1.00 34.67 ? 106 MET A C   1 
ATOM   264 O O   . MET A 1 36  ? 9.084   -16.394 -8.889  1.00 35.77 ? 106 MET A O   1 
ATOM   265 C CB  . MET A 1 36  ? 9.806   -14.637 -6.289  1.00 33.53 ? 106 MET A CB  1 
ATOM   266 C CG  . MET A 1 36  ? 10.439  -13.290 -6.025  1.00 33.65 ? 106 MET A CG  1 
ATOM   267 S SD  . MET A 1 36  ? 11.910  -13.433 -5.011  1.00 38.35 ? 106 MET A SD  1 
ATOM   268 C CE  . MET A 1 36  ? 11.184  -13.544 -3.355  1.00 39.05 ? 106 MET A CE  1 
ATOM   269 N N   . ALA A 1 37  ? 7.585   -16.766 -7.257  1.00 34.64 ? 107 ALA A N   1 
ATOM   270 C CA  . ALA A 1 37  ? 7.292   -18.127 -7.697  1.00 35.68 ? 107 ALA A CA  1 
ATOM   271 C C   . ALA A 1 37  ? 6.329   -18.119 -8.882  1.00 36.80 ? 107 ALA A C   1 
ATOM   272 O O   . ALA A 1 37  ? 6.246   -19.089 -9.641  1.00 36.18 ? 107 ALA A O   1 
ATOM   273 C CB  . ALA A 1 37  ? 6.701   -18.928 -6.545  1.00 35.30 ? 107 ALA A CB  1 
ATOM   274 N N   . ASN A 1 38  ? 5.600   -17.020 -9.032  1.00 35.80 ? 108 ASN A N   1 
ATOM   275 C CA  . ASN A 1 38  ? 4.646   -16.876 -10.122 1.00 36.66 ? 108 ASN A CA  1 
ATOM   276 C C   . ASN A 1 38  ? 5.060   -15.690 -10.988 1.00 35.97 ? 108 ASN A C   1 
ATOM   277 O O   . ASN A 1 38  ? 4.408   -14.647 -10.990 1.00 34.63 ? 108 ASN A O   1 
ATOM   278 C CB  . ASN A 1 38  ? 3.235   -16.668 -9.567  1.00 37.01 ? 108 ASN A CB  1 
ATOM   279 C CG  . ASN A 1 38  ? 2.716   -17.885 -8.819  1.00 39.10 ? 108 ASN A CG  1 
ATOM   280 O OD1 . ASN A 1 38  ? 3.154   -18.191 -7.706  1.00 38.52 ? 108 ASN A OD1 1 
ATOM   281 N ND2 . ASN A 1 38  ? 1.780   -18.596 -9.437  1.00 41.57 ? 108 ASN A ND2 1 
ATOM   282 N N   . ALA A 1 39  ? 6.151   -15.872 -11.725 1.00 35.86 ? 109 ALA A N   1 
ATOM   283 C CA  . ALA A 1 39  ? 6.706   -14.836 -12.596 1.00 36.36 ? 109 ALA A CA  1 
ATOM   284 C C   . ALA A 1 39  ? 5.709   -14.163 -13.537 1.00 35.76 ? 109 ALA A C   1 
ATOM   285 O O   . ALA A 1 39  ? 5.962   -13.063 -14.021 1.00 35.58 ? 109 ALA A O   1 
ATOM   286 C CB  . ALA A 1 39  ? 7.867   -15.407 -13.402 1.00 36.81 ? 109 ALA A CB  1 
ATOM   287 N N   . ASN A 1 40  ? 4.581   -14.810 -13.808 1.00 36.54 ? 110 ASN A N   1 
ATOM   288 C CA  . ASN A 1 40  ? 3.598   -14.202 -14.696 1.00 37.02 ? 110 ASN A CA  1 
ATOM   289 C C   . ASN A 1 40  ? 2.471   -13.494 -13.955 1.00 36.07 ? 110 ASN A C   1 
ATOM   290 O O   . ASN A 1 40  ? 1.572   -12.927 -14.574 1.00 35.87 ? 110 ASN A O   1 
ATOM   291 C CB  . ASN A 1 40  ? 3.033   -15.238 -15.673 1.00 37.96 ? 110 ASN A CB  1 
ATOM   292 C CG  . ASN A 1 40  ? 4.022   -15.589 -16.775 1.00 40.07 ? 110 ASN A CG  1 
ATOM   293 O OD1 . ASN A 1 40  ? 4.561   -14.702 -17.444 1.00 38.89 ? 110 ASN A OD1 1 
ATOM   294 N ND2 . ASN A 1 40  ? 4.266   -16.881 -16.970 1.00 40.26 ? 110 ASN A ND2 1 
ATOM   295 N N   . SER A 1 41  ? 2.520   -13.525 -12.627 1.00 34.92 ? 111 SER A N   1 
ATOM   296 C CA  . SER A 1 41  ? 1.505   -12.843 -11.833 1.00 34.58 ? 111 SER A CA  1 
ATOM   297 C C   . SER A 1 41  ? 1.893   -11.372 -11.779 1.00 32.65 ? 111 SER A C   1 
ATOM   298 O O   . SER A 1 41  ? 3.073   -11.045 -11.721 1.00 31.63 ? 111 SER A O   1 
ATOM   299 C CB  . SER A 1 41  ? 1.451   -13.411 -10.411 1.00 34.81 ? 111 SER A CB  1 
ATOM   300 O OG  . SER A 1 41  ? 0.965   -14.742 -10.411 1.00 39.33 ? 111 SER A OG  1 
ATOM   301 N N   . LYS A 1 42  ? 0.902   -10.488 -11.820 1.00 33.30 ? 112 LYS A N   1 
ATOM   302 C CA  . LYS A 1 42  ? 1.159   -9.053  -11.763 1.00 31.69 ? 112 LYS A CA  1 
ATOM   303 C C   . LYS A 1 42  ? 0.294   -8.444  -10.674 1.00 30.05 ? 112 LYS A C   1 
ATOM   304 O O   . LYS A 1 42  ? -0.813  -8.915  -10.416 1.00 32.02 ? 112 LYS A O   1 
ATOM   305 C CB  . LYS A 1 42  ? 0.845   -8.387  -13.108 1.00 32.64 ? 112 LYS A CB  1 
ATOM   306 C CG  . LYS A 1 42  ? 1.788   -8.773  -14.237 1.00 34.36 ? 112 LYS A CG  1 
ATOM   307 C CD  . LYS A 1 42  ? 1.366   -8.137  -15.564 1.00 37.97 ? 112 LYS A CD  1 
ATOM   308 C CE  . LYS A 1 42  ? 1.507   -6.618  -15.542 1.00 40.52 ? 112 LYS A CE  1 
ATOM   309 N NZ  . LYS A 1 42  ? 0.929   -5.984  -16.764 1.00 43.88 ? 112 LYS A NZ  1 
ATOM   310 N N   . VAL A 1 43  ? 0.806   -7.403  -10.028 1.00 28.58 ? 113 VAL A N   1 
ATOM   311 C CA  . VAL A 1 43  ? 0.076   -6.732  -8.964  1.00 26.36 ? 113 VAL A CA  1 
ATOM   312 C C   . VAL A 1 43  ? 0.060   -5.219  -9.121  1.00 26.57 ? 113 VAL A C   1 
ATOM   313 O O   . VAL A 1 43  ? 1.048   -4.608  -9.529  1.00 27.25 ? 113 VAL A O   1 
ATOM   314 C CB  . VAL A 1 43  ? 0.679   -7.059  -7.574  1.00 27.67 ? 113 VAL A CB  1 
ATOM   315 C CG1 . VAL A 1 43  ? 0.164   -6.070  -6.536  1.00 26.17 ? 113 VAL A CG1 1 
ATOM   316 C CG2 . VAL A 1 43  ? 0.314   -8.481  -7.167  1.00 25.64 ? 113 VAL A CG2 1 
ATOM   317 N N   . ALA A 1 44  ? -1.078  -4.623  -8.784  1.00 26.08 ? 114 ALA A N   1 
ATOM   318 C CA  . ALA A 1 44  ? -1.243  -3.182  -8.829  1.00 25.05 ? 114 ALA A CA  1 
ATOM   319 C C   . ALA A 1 44  ? -1.286  -2.744  -7.368  1.00 24.91 ? 114 ALA A C   1 
ATOM   320 O O   . ALA A 1 44  ? -2.091  -3.247  -6.587  1.00 24.97 ? 114 ALA A O   1 
ATOM   321 C CB  . ALA A 1 44  ? -2.551  -2.815  -9.535  1.00 26.92 ? 114 ALA A CB  1 
ATOM   322 N N   . LEU A 1 45  ? -0.399  -1.829  -7.004  1.00 24.87 ? 115 LEU A N   1 
ATOM   323 C CA  . LEU A 1 45  ? -0.328  -1.320  -5.643  1.00 23.74 ? 115 LEU A CA  1 
ATOM   324 C C   . LEU A 1 45  ? -0.930  0.076   -5.639  1.00 22.16 ? 115 LEU A C   1 
ATOM   325 O O   . LEU A 1 45  ? -0.427  0.972   -6.316  1.00 23.02 ? 115 LEU A O   1 
ATOM   326 C CB  . LEU A 1 45  ? 1.130   -1.249  -5.192  1.00 25.08 ? 115 LEU A CB  1 
ATOM   327 C CG  . LEU A 1 45  ? 1.911   -2.557  -5.307  1.00 23.84 ? 115 LEU A CG  1 
ATOM   328 C CD1 . LEU A 1 45  ? 3.378   -2.299  -5.040  1.00 25.59 ? 115 LEU A CD1 1 
ATOM   329 C CD2 . LEU A 1 45  ? 1.336   -3.591  -4.336  1.00 24.08 ? 115 LEU A CD2 1 
ATOM   330 N N   . THR A 1 46  ? -2.013  0.257   -4.892  1.00 24.20 ? 116 THR A N   1 
ATOM   331 C CA  . THR A 1 46  ? -2.667  1.557   -4.829  1.00 24.94 ? 116 THR A CA  1 
ATOM   332 C C   . THR A 1 46  ? -2.456  2.191   -3.457  1.00 23.77 ? 116 THR A C   1 
ATOM   333 O O   . THR A 1 46  ? -2.721  1.566   -2.436  1.00 23.84 ? 116 THR A O   1 
ATOM   334 C CB  . THR A 1 46  ? -4.179  1.430   -5.135  1.00 24.86 ? 116 THR A CB  1 
ATOM   335 O OG1 . THR A 1 46  ? -4.796  0.558   -4.184  1.00 25.89 ? 116 THR A OG1 1 
ATOM   336 C CG2 . THR A 1 46  ? -4.384  0.851   -6.524  1.00 26.41 ? 116 THR A CG2 1 
ATOM   337 N N   . GLY A 1 47  ? -1.956  3.425   -3.449  1.00 25.66 ? 117 GLY A N   1 
ATOM   338 C CA  . GLY A 1 47  ? -1.688  4.133   -2.203  1.00 24.80 ? 117 GLY A CA  1 
ATOM   339 C C   . GLY A 1 47  ? -2.789  5.118   -1.854  1.00 24.10 ? 117 GLY A C   1 
ATOM   340 O O   . GLY A 1 47  ? -3.317  5.817   -2.723  1.00 24.37 ? 117 GLY A O   1 
ATOM   341 N N   . HIS A 1 48  ? -3.118  5.191   -0.568  1.00 23.42 ? 118 HIS A N   1 
ATOM   342 C CA  . HIS A 1 48  ? -4.190  6.052   -0.086  1.00 25.06 ? 118 HIS A CA  1 
ATOM   343 C C   . HIS A 1 48  ? -3.819  6.770   1.199   1.00 25.16 ? 118 HIS A C   1 
ATOM   344 O O   . HIS A 1 48  ? -2.872  6.383   1.882   1.00 26.14 ? 118 HIS A O   1 
ATOM   345 C CB  . HIS A 1 48  ? -5.430  5.200   0.178   1.00 23.85 ? 118 HIS A CB  1 
ATOM   346 C CG  . HIS A 1 48  ? -5.797  4.305   -0.963  1.00 25.31 ? 118 HIS A CG  1 
ATOM   347 N ND1 . HIS A 1 48  ? -6.699  4.672   -1.936  1.00 25.19 ? 118 HIS A ND1 1 
ATOM   348 C CD2 . HIS A 1 48  ? -5.346  3.075   -1.309  1.00 25.06 ? 118 HIS A CD2 1 
ATOM   349 C CE1 . HIS A 1 48  ? -6.791  3.706   -2.835  1.00 27.00 ? 118 HIS A CE1 1 
ATOM   350 N NE2 . HIS A 1 48  ? -5.980  2.727   -2.478  1.00 26.73 ? 118 HIS A NE2 1 
ATOM   351 N N   . THR A 1 49  ? -4.595  7.800   1.529   1.00 26.14 ? 119 THR A N   1 
ATOM   352 C CA  . THR A 1 49  ? -4.388  8.579   2.750   1.00 25.39 ? 119 THR A CA  1 
ATOM   353 C C   . THR A 1 49  ? -5.746  8.846   3.392   1.00 26.73 ? 119 THR A C   1 
ATOM   354 O O   . THR A 1 49  ? -6.788  8.543   2.808   1.00 24.42 ? 119 THR A O   1 
ATOM   355 C CB  . THR A 1 49  ? -3.751  9.967   2.449   1.00 25.40 ? 119 THR A CB  1 
ATOM   356 O OG1 . THR A 1 49  ? -4.719  10.808  1.801   1.00 25.75 ? 119 THR A OG1 1 
ATOM   357 C CG2 . THR A 1 49  ? -2.541  9.826   1.549   1.00 25.32 ? 119 THR A CG2 1 
ATOM   358 N N   . ASP A 1 50  ? -5.744  9.392   4.603   1.00 28.30 ? 120 ASP A N   1 
ATOM   359 C CA  . ASP A 1 50  ? -7.006  9.745   5.217   1.00 31.12 ? 120 ASP A CA  1 
ATOM   360 C C   . ASP A 1 50  ? -7.286  11.162  4.685   1.00 31.93 ? 120 ASP A C   1 
ATOM   361 O O   . ASP A 1 50  ? -6.408  11.781  4.078   1.00 31.34 ? 120 ASP A O   1 
ATOM   362 C CB  . ASP A 1 50  ? -6.928  9.670   6.760   1.00 29.80 ? 120 ASP A CB  1 
ATOM   363 C CG  . ASP A 1 50  ? -5.909  10.621  7.365   1.00 30.14 ? 120 ASP A CG  1 
ATOM   364 O OD1 . ASP A 1 50  ? -5.210  10.205  8.317   1.00 29.02 ? 120 ASP A OD1 1 
ATOM   365 O OD2 . ASP A 1 50  ? -5.818  11.783  6.915   1.00 30.31 ? 120 ASP A OD2 1 
ATOM   366 N N   . GLU A 1 51  ? -8.500  11.660  4.889   1.00 33.60 ? 121 GLU A N   1 
ATOM   367 C CA  . GLU A 1 51  ? -8.917  12.974  4.387   1.00 34.39 ? 121 GLU A CA  1 
ATOM   368 C C   . GLU A 1 51  ? -8.172  14.234  4.833   1.00 34.33 ? 121 GLU A C   1 
ATOM   369 O O   . GLU A 1 51  ? -8.384  15.299  4.255   1.00 35.65 ? 121 GLU A O   1 
ATOM   370 C CB  . GLU A 1 51  ? -10.402 13.173  4.677   1.00 35.45 ? 121 GLU A CB  1 
ATOM   371 C CG  . GLU A 1 51  ? -10.753 13.008  6.142   1.00 39.99 ? 121 GLU A CG  1 
ATOM   372 C CD  . GLU A 1 51  ? -12.229 13.187  6.411   1.00 41.14 ? 121 GLU A CD  1 
ATOM   373 O OE1 . GLU A 1 51  ? -12.688 12.734  7.477   1.00 44.03 ? 121 GLU A OE1 1 
ATOM   374 O OE2 . GLU A 1 51  ? -12.925 13.785  5.561   1.00 43.59 ? 121 GLU A OE2 1 
ATOM   375 N N   . ARG A 1 52  ? -7.311  14.131  5.841   1.00 33.15 ? 122 ARG A N   1 
ATOM   376 C CA  . ARG A 1 52  ? -6.592  15.303  6.331   1.00 33.06 ? 122 ARG A CA  1 
ATOM   377 C C   . ARG A 1 52  ? -5.504  15.829  5.388   1.00 33.36 ? 122 ARG A C   1 
ATOM   378 O O   . ARG A 1 52  ? -4.668  15.070  4.899   1.00 31.50 ? 122 ARG A O   1 
ATOM   379 C CB  . ARG A 1 52  ? -5.996  15.000  7.712   1.00 32.47 ? 122 ARG A CB  1 
ATOM   380 C CG  . ARG A 1 52  ? -7.055  14.801  8.805   1.00 31.80 ? 122 ARG A CG  1 
ATOM   381 C CD  . ARG A 1 52  ? -6.445  14.418  10.159  1.00 30.75 ? 122 ARG A CD  1 
ATOM   382 N NE  . ARG A 1 52  ? -5.893  13.061  10.175  1.00 29.91 ? 122 ARG A NE  1 
ATOM   383 C CZ  . ARG A 1 52  ? -5.417  12.454  11.262  1.00 29.60 ? 122 ARG A CZ  1 
ATOM   384 N NH1 . ARG A 1 52  ? -5.415  13.077  12.436  1.00 28.44 ? 122 ARG A NH1 1 
ATOM   385 N NH2 . ARG A 1 52  ? -4.955  11.213  11.180  1.00 26.06 ? 122 ARG A NH2 1 
ATOM   386 N N   . GLY A 1 53  ? -5.516  17.139  5.146   1.00 34.29 ? 123 GLY A N   1 
ATOM   387 C CA  . GLY A 1 53  ? -4.523  17.745  4.269   1.00 34.18 ? 123 GLY A CA  1 
ATOM   388 C C   . GLY A 1 53  ? -5.056  18.043  2.880   1.00 34.80 ? 123 GLY A C   1 
ATOM   389 O O   . GLY A 1 53  ? -6.183  17.675  2.549   1.00 37.08 ? 123 GLY A O   1 
ATOM   390 N N   . THR A 1 54  ? -4.247  18.706  2.058   1.00 34.82 ? 124 THR A N   1 
ATOM   391 C CA  . THR A 1 54  ? -4.660  19.054  0.704   1.00 35.90 ? 124 THR A CA  1 
ATOM   392 C C   . THR A 1 54  ? -4.711  17.832  -0.208  1.00 36.18 ? 124 THR A C   1 
ATOM   393 O O   . THR A 1 54  ? -4.128  16.792  0.102   1.00 35.29 ? 124 THR A O   1 
ATOM   394 C CB  . THR A 1 54  ? -3.701  20.098  0.078   1.00 36.63 ? 124 THR A CB  1 
ATOM   395 O OG1 . THR A 1 54  ? -2.398  19.524  -0.088  1.00 36.87 ? 124 THR A OG1 1 
ATOM   396 C CG2 . THR A 1 54  ? -3.592  21.319  0.977   1.00 36.56 ? 124 THR A CG2 1 
ATOM   397 N N   . ARG A 1 55  ? -5.423  17.950  -1.323  1.00 36.80 ? 125 ARG A N   1 
ATOM   398 C CA  . ARG A 1 55  ? -5.498  16.843  -2.269  1.00 37.34 ? 125 ARG A CA  1 
ATOM   399 C C   . ARG A 1 55  ? -4.104  16.593  -2.828  1.00 36.69 ? 125 ARG A C   1 
ATOM   400 O O   . ARG A 1 55  ? -3.692  15.445  -3.009  1.00 35.48 ? 125 ARG A O   1 
ATOM   401 C CB  . ARG A 1 55  ? -6.456  17.161  -3.418  1.00 40.40 ? 125 ARG A CB  1 
ATOM   402 C CG  . ARG A 1 55  ? -7.895  16.740  -3.161  1.00 46.34 ? 125 ARG A CG  1 
ATOM   403 C CD  . ARG A 1 55  ? -8.665  17.768  -2.343  1.00 51.21 ? 125 ARG A CD  1 
ATOM   404 N NE  . ARG A 1 55  ? -9.934  17.229  -1.854  1.00 54.95 ? 125 ARG A NE  1 
ATOM   405 C CZ  . ARG A 1 55  ? -10.877 16.694  -2.624  1.00 56.24 ? 125 ARG A CZ  1 
ATOM   406 N NH1 . ARG A 1 55  ? -11.995 16.231  -2.078  1.00 57.91 ? 125 ARG A NH1 1 
ATOM   407 N NH2 . ARG A 1 55  ? -10.710 16.620  -3.939  1.00 57.09 ? 125 ARG A NH2 1 
ATOM   408 N N   . GLU A 1 56  ? -3.386  17.682  -3.097  1.00 35.23 ? 126 GLU A N   1 
ATOM   409 C CA  . GLU A 1 56  ? -2.028  17.615  -3.636  1.00 35.27 ? 126 GLU A CA  1 
ATOM   410 C C   . GLU A 1 56  ? -1.066  16.922  -2.672  1.00 33.38 ? 126 GLU A C   1 
ATOM   411 O O   . GLU A 1 56  ? -0.294  16.042  -3.068  1.00 31.17 ? 126 GLU A O   1 
ATOM   412 C CB  . GLU A 1 56  ? -1.521  19.033  -3.942  1.00 36.57 ? 126 GLU A CB  1 
ATOM   413 C CG  . GLU A 1 56  ? -0.004  19.175  -3.955  1.00 41.74 ? 126 GLU A CG  1 
ATOM   414 C CD  . GLU A 1 56  ? 0.456   20.633  -3.915  1.00 44.39 ? 126 GLU A CD  1 
ATOM   415 O OE1 . GLU A 1 56  ? 0.292   21.344  -4.928  1.00 46.36 ? 126 GLU A OE1 1 
ATOM   416 O OE2 . GLU A 1 56  ? 0.978   21.067  -2.866  1.00 43.88 ? 126 GLU A OE2 1 
ATOM   417 N N   . TYR A 1 57  ? -1.113  17.327  -1.407  1.00 30.59 ? 127 TYR A N   1 
ATOM   418 C CA  . TYR A 1 57  ? -0.238  16.753  -0.394  1.00 29.61 ? 127 TYR A CA  1 
ATOM   419 C C   . TYR A 1 57  ? -0.458  15.251  -0.257  1.00 29.06 ? 127 TYR A C   1 
ATOM   420 O O   . TYR A 1 57  ? 0.498   14.474  -0.164  1.00 28.20 ? 127 TYR A O   1 
ATOM   421 C CB  . TYR A 1 57  ? -0.483  17.398  0.972   1.00 30.22 ? 127 TYR A CB  1 
ATOM   422 C CG  . TYR A 1 57  ? 0.527   16.958  2.002   1.00 28.78 ? 127 TYR A CG  1 
ATOM   423 C CD1 . TYR A 1 57  ? 1.709   17.672  2.187   1.00 29.71 ? 127 TYR A CD1 1 
ATOM   424 C CD2 . TYR A 1 57  ? 0.343   15.782  2.737   1.00 29.65 ? 127 TYR A CD2 1 
ATOM   425 C CE1 . TYR A 1 57  ? 2.687   17.229  3.066   1.00 30.48 ? 127 TYR A CE1 1 
ATOM   426 C CE2 . TYR A 1 57  ? 1.318   15.328  3.625   1.00 27.64 ? 127 TYR A CE2 1 
ATOM   427 C CZ  . TYR A 1 57  ? 2.489   16.057  3.780   1.00 30.05 ? 127 TYR A CZ  1 
ATOM   428 O OH  . TYR A 1 57  ? 3.478   15.618  4.629   1.00 27.60 ? 127 TYR A OH  1 
ATOM   429 N N   . ASN A 1 58  ? -1.723  14.847  -0.239  1.00 26.15 ? 128 ASN A N   1 
ATOM   430 C CA  . ASN A 1 58  ? -2.044  13.441  -0.086  1.00 26.85 ? 128 ASN A CA  1 
ATOM   431 C C   . ASN A 1 58  ? -1.795  12.600  -1.326  1.00 26.92 ? 128 ASN A C   1 
ATOM   432 O O   . ASN A 1 58  ? -1.537  11.406  -1.214  1.00 27.65 ? 128 ASN A O   1 
ATOM   433 C CB  . ASN A 1 58  ? -3.473  13.289  0.430   1.00 25.54 ? 128 ASN A CB  1 
ATOM   434 C CG  . ASN A 1 58  ? -3.581  13.655  1.896   1.00 26.71 ? 128 ASN A CG  1 
ATOM   435 O OD1 . ASN A 1 58  ? -2.836  13.126  2.723   1.00 26.67 ? 128 ASN A OD1 1 
ATOM   436 N ND2 . ASN A 1 58  ? -4.499  14.561  2.227   1.00 26.82 ? 128 ASN A ND2 1 
ATOM   437 N N   . MET A 1 59  ? -1.851  13.211  -2.505  1.00 27.72 ? 129 MET A N   1 
ATOM   438 C CA  . MET A 1 59  ? -1.565  12.463  -3.723  1.00 27.70 ? 129 MET A CA  1 
ATOM   439 C C   . MET A 1 59  ? -0.104  12.014  -3.648  1.00 27.19 ? 129 MET A C   1 
ATOM   440 O O   . MET A 1 59  ? 0.221   10.870  -3.968  1.00 25.71 ? 129 MET A O   1 
ATOM   441 C CB  . MET A 1 59  ? -1.788  13.333  -4.965  1.00 29.91 ? 129 MET A CB  1 
ATOM   442 C CG  . MET A 1 59  ? -3.260  13.506  -5.362  1.00 32.79 ? 129 MET A CG  1 
ATOM   443 S SD  . MET A 1 59  ? -4.103  11.945  -5.769  1.00 36.75 ? 129 MET A SD  1 
ATOM   444 C CE  . MET A 1 59  ? -2.945  11.243  -6.938  1.00 32.96 ? 129 MET A CE  1 
ATOM   445 N N   . ALA A 1 60  ? 0.774   12.918  -3.214  1.00 24.94 ? 130 ALA A N   1 
ATOM   446 C CA  . ALA A 1 60  ? 2.194   12.603  -3.086  1.00 24.70 ? 130 ALA A CA  1 
ATOM   447 C C   . ALA A 1 60  ? 2.436   11.585  -1.963  1.00 24.92 ? 130 ALA A C   1 
ATOM   448 O O   . ALA A 1 60  ? 3.251   10.680  -2.109  1.00 22.85 ? 130 ALA A O   1 
ATOM   449 C CB  . ALA A 1 60  ? 2.991   13.875  -2.820  1.00 26.20 ? 130 ALA A CB  1 
ATOM   450 N N   . LEU A 1 61  ? 1.738   11.745  -0.841  1.00 24.02 ? 131 LEU A N   1 
ATOM   451 C CA  . LEU A 1 61  ? 1.888   10.818  0.282   1.00 24.33 ? 131 LEU A CA  1 
ATOM   452 C C   . LEU A 1 61  ? 1.421   9.419   -0.132  1.00 23.26 ? 131 LEU A C   1 
ATOM   453 O O   . LEU A 1 61  ? 2.059   8.412   0.189   1.00 23.07 ? 131 LEU A O   1 
ATOM   454 C CB  . LEU A 1 61  ? 1.081   11.311  1.490   1.00 24.56 ? 131 LEU A CB  1 
ATOM   455 C CG  . LEU A 1 61  ? 0.953   10.371  2.705   1.00 23.39 ? 131 LEU A CG  1 
ATOM   456 C CD1 . LEU A 1 61  ? 2.331   9.946   3.187   1.00 24.78 ? 131 LEU A CD1 1 
ATOM   457 C CD2 . LEU A 1 61  ? 0.189   11.082  3.821   1.00 25.63 ? 131 LEU A CD2 1 
ATOM   458 N N   . GLY A 1 62  ? 0.312   9.358   -0.860  1.00 22.88 ? 132 GLY A N   1 
ATOM   459 C CA  . GLY A 1 62  ? -0.192  8.068   -1.305  1.00 22.50 ? 132 GLY A CA  1 
ATOM   460 C C   . GLY A 1 62  ? 0.823   7.420   -2.227  1.00 21.97 ? 132 GLY A C   1 
ATOM   461 O O   . GLY A 1 62  ? 1.016   6.201   -2.205  1.00 20.97 ? 132 GLY A O   1 
ATOM   462 N N   . GLU A 1 63  ? 1.486   8.244   -3.031  1.00 23.65 ? 133 GLU A N   1 
ATOM   463 C CA  . GLU A 1 63  ? 2.488   7.756   -3.970  1.00 24.83 ? 133 GLU A CA  1 
ATOM   464 C C   . GLU A 1 63  ? 3.704   7.221   -3.227  1.00 23.78 ? 133 GLU A C   1 
ATOM   465 O O   . GLU A 1 63  ? 4.260   6.192   -3.605  1.00 22.82 ? 133 GLU A O   1 
ATOM   466 C CB  . GLU A 1 63  ? 2.916   8.866   -4.925  1.00 24.77 ? 133 GLU A CB  1 
ATOM   467 C CG  . GLU A 1 63  ? 3.804   8.374   -6.053  1.00 30.49 ? 133 GLU A CG  1 
ATOM   468 C CD  . GLU A 1 63  ? 3.018   7.801   -7.220  1.00 34.96 ? 133 GLU A CD  1 
ATOM   469 O OE1 . GLU A 1 63  ? 2.148   6.929   -7.003  1.00 33.58 ? 133 GLU A OE1 1 
ATOM   470 O OE2 . GLU A 1 63  ? 3.280   8.229   -8.365  1.00 40.00 ? 133 GLU A OE2 1 
ATOM   471 N N   . ARG A 1 64  ? 4.122   7.909   -2.166  1.00 24.21 ? 134 ARG A N   1 
ATOM   472 C CA  . ARG A 1 64  ? 5.268   7.432   -1.399  1.00 23.22 ? 134 ARG A CA  1 
ATOM   473 C C   . ARG A 1 64  ? 4.924   6.115   -0.714  1.00 20.92 ? 134 ARG A C   1 
ATOM   474 O O   . ARG A 1 64  ? 5.779   5.238   -0.592  1.00 25.55 ? 134 ARG A O   1 
ATOM   475 C CB  . ARG A 1 64  ? 5.704   8.456   -0.352  1.00 24.54 ? 134 ARG A CB  1 
ATOM   476 C CG  . ARG A 1 64  ? 6.332   9.716   -0.941  1.00 27.01 ? 134 ARG A CG  1 
ATOM   477 C CD  . ARG A 1 64  ? 7.086   10.509  0.124   1.00 24.70 ? 134 ARG A CD  1 
ATOM   478 N NE  . ARG A 1 64  ? 6.227   11.096  1.151   1.00 24.85 ? 134 ARG A NE  1 
ATOM   479 C CZ  . ARG A 1 64  ? 5.387   12.107  0.954   1.00 26.47 ? 134 ARG A CZ  1 
ATOM   480 N NH1 . ARG A 1 64  ? 5.267   12.664  -0.248  1.00 25.29 ? 134 ARG A NH1 1 
ATOM   481 N NH2 . ARG A 1 64  ? 4.685   12.589  1.973   1.00 27.06 ? 134 ARG A NH2 1 
ATOM   482 N N   . ARG A 1 65  ? 3.679   5.972   -0.268  1.00 19.92 ? 135 ARG A N   1 
ATOM   483 C CA  . ARG A 1 65  ? 3.256   4.735   0.383   1.00 20.44 ? 135 ARG A CA  1 
ATOM   484 C C   . ARG A 1 65  ? 3.274   3.560   -0.597  1.00 20.89 ? 135 ARG A C   1 
ATOM   485 O O   . ARG A 1 65  ? 3.790   2.485   -0.277  1.00 19.58 ? 135 ARG A O   1 
ATOM   486 C CB  . ARG A 1 65  ? 1.861   4.912   1.001   1.00 22.06 ? 135 ARG A CB  1 
ATOM   487 C CG  . ARG A 1 65  ? 1.908   5.649   2.354   1.00 22.13 ? 135 ARG A CG  1 
ATOM   488 C CD  . ARG A 1 65  ? 0.554   6.101   2.885   1.00 21.04 ? 135 ARG A CD  1 
ATOM   489 N NE  . ARG A 1 65  ? 0.687   6.636   4.246   1.00 22.80 ? 135 ARG A NE  1 
ATOM   490 C CZ  . ARG A 1 65  ? -0.185  7.453   4.835   1.00 23.67 ? 135 ARG A CZ  1 
ATOM   491 N NH1 . ARG A 1 65  ? -1.277  7.845   4.198   1.00 25.20 ? 135 ARG A NH1 1 
ATOM   492 N NH2 . ARG A 1 65  ? 0.045   7.892   6.069   1.00 24.80 ? 135 ARG A NH2 1 
ATOM   493 N N   . ALA A 1 66  ? 2.716   3.763   -1.788  1.00 20.48 ? 136 ALA A N   1 
ATOM   494 C CA  . ALA A 1 66  ? 2.689   2.703   -2.793  1.00 21.27 ? 136 ALA A CA  1 
ATOM   495 C C   . ALA A 1 66  ? 4.113   2.304   -3.187  1.00 20.59 ? 136 ALA A C   1 
ATOM   496 O O   . ALA A 1 66  ? 4.427   1.121   -3.320  1.00 21.42 ? 136 ALA A O   1 
ATOM   497 C CB  . ALA A 1 66  ? 1.905   3.170   -4.031  1.00 20.76 ? 136 ALA A CB  1 
ATOM   498 N N   . LYS A 1 67  ? 4.979   3.294   -3.353  1.00 22.22 ? 137 LYS A N   1 
ATOM   499 C CA  . LYS A 1 67  ? 6.354   3.028   -3.736  1.00 23.53 ? 137 LYS A CA  1 
ATOM   500 C C   . LYS A 1 67  ? 7.157   2.374   -2.623  1.00 21.78 ? 137 LYS A C   1 
ATOM   501 O O   . LYS A 1 67  ? 8.057   1.580   -2.893  1.00 21.36 ? 137 LYS A O   1 
ATOM   502 C CB  . LYS A 1 67  ? 7.017   4.315   -4.238  1.00 25.56 ? 137 LYS A CB  1 
ATOM   503 C CG  . LYS A 1 67  ? 6.471   4.721   -5.608  1.00 29.56 ? 137 LYS A CG  1 
ATOM   504 C CD  . LYS A 1 67  ? 7.102   5.980   -6.174  1.00 34.82 ? 137 LYS A CD  1 
ATOM   505 C CE  . LYS A 1 67  ? 6.586   6.233   -7.598  1.00 36.41 ? 137 LYS A CE  1 
ATOM   506 N NZ  . LYS A 1 67  ? 7.222   7.410   -8.253  1.00 38.07 ? 137 LYS A NZ  1 
ATOM   507 N N   . ALA A 1 68  ? 6.828   2.685   -1.372  1.00 23.39 ? 138 ALA A N   1 
ATOM   508 C CA  . ALA A 1 68  ? 7.528   2.068   -0.250  1.00 24.12 ? 138 ALA A CA  1 
ATOM   509 C C   . ALA A 1 68  ? 7.276   0.568   -0.338  1.00 23.98 ? 138 ALA A C   1 
ATOM   510 O O   . ALA A 1 68  ? 8.192   -0.247  -0.185  1.00 23.67 ? 138 ALA A O   1 
ATOM   511 C CB  . ALA A 1 68  ? 7.001   2.618   1.088   1.00 23.58 ? 138 ALA A CB  1 
ATOM   512 N N   . VAL A 1 69  ? 6.024   0.211   -0.601  1.00 23.46 ? 139 VAL A N   1 
ATOM   513 C CA  . VAL A 1 69  ? 5.644   -1.188  -0.719  1.00 23.61 ? 139 VAL A CA  1 
ATOM   514 C C   . VAL A 1 69  ? 6.305   -1.815  -1.941  1.00 24.32 ? 139 VAL A C   1 
ATOM   515 O O   . VAL A 1 69  ? 6.823   -2.928  -1.871  1.00 22.84 ? 139 VAL A O   1 
ATOM   516 C CB  . VAL A 1 69  ? 4.122   -1.339  -0.851  1.00 23.11 ? 139 VAL A CB  1 
ATOM   517 C CG1 . VAL A 1 69  ? 3.769   -2.786  -1.173  1.00 23.68 ? 139 VAL A CG1 1 
ATOM   518 C CG2 . VAL A 1 69  ? 3.447   -0.890  0.437   1.00 21.45 ? 139 VAL A CG2 1 
ATOM   519 N N   . GLN A 1 70  ? 6.281   -1.091  -3.055  1.00 25.38 ? 140 GLN A N   1 
ATOM   520 C CA  . GLN A 1 70  ? 6.884   -1.565  -4.296  1.00 26.08 ? 140 GLN A CA  1 
ATOM   521 C C   . GLN A 1 70  ? 8.377   -1.824  -4.103  1.00 26.57 ? 140 GLN A C   1 
ATOM   522 O O   . GLN A 1 70  ? 8.888   -2.878  -4.492  1.00 24.15 ? 140 GLN A O   1 
ATOM   523 C CB  . GLN A 1 70  ? 6.683   -0.528  -5.404  1.00 26.37 ? 140 GLN A CB  1 
ATOM   524 C CG  . GLN A 1 70  ? 7.341   -0.881  -6.729  1.00 27.77 ? 140 GLN A CG  1 
ATOM   525 C CD  . GLN A 1 70  ? 7.052   0.161   -7.798  1.00 32.67 ? 140 GLN A CD  1 
ATOM   526 O OE1 . GLN A 1 70  ? 7.488   1.311   -7.699  1.00 36.25 ? 140 GLN A OE1 1 
ATOM   527 N NE2 . GLN A 1 70  ? 6.307   -0.233  -8.816  1.00 28.72 ? 140 GLN A NE2 1 
ATOM   528 N N   . ASN A 1 71  ? 9.069   -0.866  -3.495  1.00 26.62 ? 141 ASN A N   1 
ATOM   529 C CA  . ASN A 1 71  ? 10.504  -1.003  -3.260  1.00 29.33 ? 141 ASN A CA  1 
ATOM   530 C C   . ASN A 1 71  ? 10.858  -2.182  -2.370  1.00 27.44 ? 141 ASN A C   1 
ATOM   531 O O   . ASN A 1 71  ? 11.888  -2.817  -2.576  1.00 26.88 ? 141 ASN A O   1 
ATOM   532 C CB  . ASN A 1 71  ? 11.086  0.282   -2.665  1.00 32.81 ? 141 ASN A CB  1 
ATOM   533 C CG  . ASN A 1 71  ? 11.040  1.449   -3.635  1.00 35.68 ? 141 ASN A CG  1 
ATOM   534 O OD1 . ASN A 1 71  ? 11.144  1.271   -4.850  1.00 39.58 ? 141 ASN A OD1 1 
ATOM   535 N ND2 . ASN A 1 71  ? 10.901  2.654   -3.098  1.00 39.45 ? 141 ASN A ND2 1 
ATOM   536 N N   . TYR A 1 72  ? 10.025  -2.472  -1.371  1.00 28.06 ? 142 TYR A N   1 
ATOM   537 C CA  . TYR A 1 72  ? 10.299  -3.610  -0.499  1.00 27.82 ? 142 TYR A CA  1 
ATOM   538 C C   . TYR A 1 72  ? 10.171  -4.907  -1.304  1.00 27.46 ? 142 TYR A C   1 
ATOM   539 O O   . TYR A 1 72  ? 11.033  -5.782  -1.225  1.00 23.64 ? 142 TYR A O   1 
ATOM   540 C CB  . TYR A 1 72  ? 9.326   -3.663  0.685   1.00 29.87 ? 142 TYR A CB  1 
ATOM   541 C CG  . TYR A 1 72  ? 9.345   -5.006  1.399   1.00 32.08 ? 142 TYR A CG  1 
ATOM   542 C CD1 . TYR A 1 72  ? 10.300  -5.292  2.381   1.00 33.58 ? 142 TYR A CD1 1 
ATOM   543 C CD2 . TYR A 1 72  ? 8.457   -6.017  1.035   1.00 32.13 ? 142 TYR A CD2 1 
ATOM   544 C CE1 . TYR A 1 72  ? 10.370  -6.552  2.977   1.00 35.05 ? 142 TYR A CE1 1 
ATOM   545 C CE2 . TYR A 1 72  ? 8.518   -7.281  1.617   1.00 35.83 ? 142 TYR A CE2 1 
ATOM   546 C CZ  . TYR A 1 72  ? 9.474   -7.544  2.586   1.00 36.72 ? 142 TYR A CZ  1 
ATOM   547 O OH  . TYR A 1 72  ? 9.536   -8.801  3.139   1.00 38.06 ? 142 TYR A OH  1 
ATOM   548 N N   . LEU A 1 73  ? 9.092   -5.030  -2.074  1.00 24.56 ? 143 LEU A N   1 
ATOM   549 C CA  . LEU A 1 73  ? 8.887   -6.234  -2.881  1.00 25.74 ? 143 LEU A CA  1 
ATOM   550 C C   . LEU A 1 73  ? 10.055  -6.460  -3.839  1.00 25.44 ? 143 LEU A C   1 
ATOM   551 O O   . LEU A 1 73  ? 10.538  -7.588  -3.991  1.00 24.47 ? 143 LEU A O   1 
ATOM   552 C CB  . LEU A 1 73  ? 7.578   -6.129  -3.674  1.00 24.31 ? 143 LEU A CB  1 
ATOM   553 C CG  . LEU A 1 73  ? 6.286   -6.082  -2.852  1.00 23.68 ? 143 LEU A CG  1 
ATOM   554 C CD1 . LEU A 1 73  ? 5.102   -5.814  -3.771  1.00 23.92 ? 143 LEU A CD1 1 
ATOM   555 C CD2 . LEU A 1 73  ? 6.094   -7.394  -2.093  1.00 20.14 ? 143 LEU A CD2 1 
ATOM   556 N N   . ILE A 1 74  ? 10.497  -5.385  -4.488  1.00 26.39 ? 144 ILE A N   1 
ATOM   557 C CA  . ILE A 1 74  ? 11.611  -5.444  -5.430  1.00 24.73 ? 144 ILE A CA  1 
ATOM   558 C C   . ILE A 1 74  ? 12.891  -5.871  -4.713  1.00 25.00 ? 144 ILE A C   1 
ATOM   559 O O   . ILE A 1 74  ? 13.626  -6.719  -5.204  1.00 21.62 ? 144 ILE A O   1 
ATOM   560 C CB  . ILE A 1 74  ? 11.809  -4.069  -6.119  1.00 25.60 ? 144 ILE A CB  1 
ATOM   561 C CG1 . ILE A 1 74  ? 10.609  -3.787  -7.029  1.00 25.56 ? 144 ILE A CG1 1 
ATOM   562 C CG2 . ILE A 1 74  ? 13.127  -4.040  -6.896  1.00 24.91 ? 144 ILE A CG2 1 
ATOM   563 C CD1 . ILE A 1 74  ? 10.619  -2.427  -7.678  1.00 28.38 ? 144 ILE A CD1 1 
ATOM   564 N N   . THR A 1 75  ? 13.146  -5.290  -3.545  1.00 25.90 ? 145 THR A N   1 
ATOM   565 C CA  . THR A 1 75  ? 14.328  -5.645  -2.766  1.00 27.04 ? 145 THR A CA  1 
ATOM   566 C C   . THR A 1 75  ? 14.251  -7.124  -2.386  1.00 27.59 ? 145 THR A C   1 
ATOM   567 O O   . THR A 1 75  ? 15.275  -7.802  -2.273  1.00 25.90 ? 145 THR A O   1 
ATOM   568 C CB  . THR A 1 75  ? 14.421  -4.810  -1.464  1.00 27.60 ? 145 THR A CB  1 
ATOM   569 O OG1 . THR A 1 75  ? 14.544  -3.423  -1.795  1.00 33.86 ? 145 THR A OG1 1 
ATOM   570 C CG2 . THR A 1 75  ? 15.624  -5.230  -0.646  1.00 30.27 ? 145 THR A CG2 1 
ATOM   571 N N   . SER A 1 76  ? 13.030  -7.614  -2.189  1.00 26.52 ? 146 SER A N   1 
ATOM   572 C CA  . SER A 1 76  ? 12.803  -9.007  -1.822  1.00 26.21 ? 146 SER A CA  1 
ATOM   573 C C   . SER A 1 76  ? 12.961  -9.947  -3.002  1.00 25.09 ? 146 SER A C   1 
ATOM   574 O O   . SER A 1 76  ? 12.944  -11.165 -2.833  1.00 27.81 ? 146 SER A O   1 
ATOM   575 C CB  . SER A 1 76  ? 11.400  -9.183  -1.219  1.00 28.34 ? 146 SER A CB  1 
ATOM   576 O OG  . SER A 1 76  ? 11.287  -8.471  -0.002  1.00 30.41 ? 146 SER A OG  1 
ATOM   577 N N   . GLY A 1 77  ? 13.105  -9.383  -4.197  1.00 23.99 ? 147 GLY A N   1 
ATOM   578 C CA  . GLY A 1 77  ? 13.278  -10.207 -5.382  1.00 24.11 ? 147 GLY A CA  1 
ATOM   579 C C   . GLY A 1 77  ? 12.187  -10.120 -6.432  1.00 23.60 ? 147 GLY A C   1 
ATOM   580 O O   . GLY A 1 77  ? 12.330  -10.701 -7.508  1.00 25.58 ? 147 GLY A O   1 
ATOM   581 N N   . VAL A 1 78  ? 11.097  -9.413  -6.147  1.00 22.82 ? 148 VAL A N   1 
ATOM   582 C CA  . VAL A 1 78  ? 10.021  -9.311  -7.129  1.00 23.95 ? 148 VAL A CA  1 
ATOM   583 C C   . VAL A 1 78  ? 10.484  -8.484  -8.331  1.00 23.61 ? 148 VAL A C   1 
ATOM   584 O O   . VAL A 1 78  ? 11.095  -7.428  -8.177  1.00 23.84 ? 148 VAL A O   1 
ATOM   585 C CB  . VAL A 1 78  ? 8.743   -8.670  -6.529  1.00 23.72 ? 148 VAL A CB  1 
ATOM   586 C CG1 . VAL A 1 78  ? 7.668   -8.549  -7.613  1.00 23.02 ? 148 VAL A CG1 1 
ATOM   587 C CG2 . VAL A 1 78  ? 8.220   -9.510  -5.369  1.00 22.51 ? 148 VAL A CG2 1 
ATOM   588 N N   . ASN A 1 79  ? 10.193  -8.982  -9.526  1.00 23.70 ? 149 ASN A N   1 
ATOM   589 C CA  . ASN A 1 79  ? 10.571  -8.309  -10.765 1.00 24.32 ? 149 ASN A CA  1 
ATOM   590 C C   . ASN A 1 79  ? 9.762   -7.016  -10.872 1.00 24.41 ? 149 ASN A C   1 
ATOM   591 O O   . ASN A 1 79  ? 8.542   -7.033  -10.739 1.00 23.01 ? 149 ASN A O   1 
ATOM   592 C CB  . ASN A 1 79  ? 10.275  -9.243  -11.950 1.00 24.39 ? 149 ASN A CB  1 
ATOM   593 C CG  . ASN A 1 79  ? 10.844  -8.735  -13.265 1.00 26.99 ? 149 ASN A CG  1 
ATOM   594 O OD1 . ASN A 1 79  ? 11.289  -9.527  -14.105 1.00 29.81 ? 149 ASN A OD1 1 
ATOM   595 N ND2 . ASN A 1 79  ? 10.816  -7.425  -13.461 1.00 22.30 ? 149 ASN A ND2 1 
ATOM   596 N N   . PRO A 1 80  ? 10.432  -5.876  -11.096 1.00 25.60 ? 150 PRO A N   1 
ATOM   597 C CA  . PRO A 1 80  ? 9.696   -4.612  -11.206 1.00 27.22 ? 150 PRO A CA  1 
ATOM   598 C C   . PRO A 1 80  ? 8.575   -4.683  -12.242 1.00 28.34 ? 150 PRO A C   1 
ATOM   599 O O   . PRO A 1 80  ? 7.586   -3.962  -12.150 1.00 26.19 ? 150 PRO A O   1 
ATOM   600 C CB  . PRO A 1 80  ? 10.779  -3.615  -11.600 1.00 28.03 ? 150 PRO A CB  1 
ATOM   601 C CG  . PRO A 1 80  ? 12.001  -4.167  -10.924 1.00 27.07 ? 150 PRO A CG  1 
ATOM   602 C CD  . PRO A 1 80  ? 11.886  -5.652  -11.163 1.00 24.89 ? 150 PRO A CD  1 
ATOM   603 N N   . GLN A 1 81  ? 8.738   -5.570  -13.219 1.00 31.62 ? 151 GLN A N   1 
ATOM   604 C CA  . GLN A 1 81  ? 7.764   -5.747  -14.291 1.00 32.35 ? 151 GLN A CA  1 
ATOM   605 C C   . GLN A 1 81  ? 6.415   -6.302  -13.825 1.00 30.82 ? 151 GLN A C   1 
ATOM   606 O O   . GLN A 1 81  ? 5.395   -6.132  -14.498 1.00 30.64 ? 151 GLN A O   1 
ATOM   607 C CB  . GLN A 1 81  ? 8.375   -6.645  -15.376 1.00 34.87 ? 151 GLN A CB  1 
ATOM   608 C CG  . GLN A 1 81  ? 9.596   -6.009  -16.026 1.00 39.63 ? 151 GLN A CG  1 
ATOM   609 C CD  . GLN A 1 81  ? 10.346  -6.930  -16.972 1.00 42.18 ? 151 GLN A CD  1 
ATOM   610 O OE1 . GLN A 1 81  ? 11.192  -6.471  -17.744 1.00 46.27 ? 151 GLN A OE1 1 
ATOM   611 N NE2 . GLN A 1 81  ? 10.056  -8.228  -16.911 1.00 42.02 ? 151 GLN A NE2 1 
ATOM   612 N N   . GLN A 1 82  ? 6.408   -6.948  -12.661 1.00 28.12 ? 152 GLN A N   1 
ATOM   613 C CA  . GLN A 1 82  ? 5.188   -7.516  -12.103 1.00 26.09 ? 152 GLN A CA  1 
ATOM   614 C C   . GLN A 1 82  ? 4.457   -6.491  -11.235 1.00 25.37 ? 152 GLN A C   1 
ATOM   615 O O   . GLN A 1 82  ? 3.397   -6.790  -10.692 1.00 24.03 ? 152 GLN A O   1 
ATOM   616 C CB  . GLN A 1 82  ? 5.502   -8.723  -11.203 1.00 25.49 ? 152 GLN A CB  1 
ATOM   617 C CG  . GLN A 1 82  ? 6.330   -9.828  -11.816 1.00 27.13 ? 152 GLN A CG  1 
ATOM   618 C CD  . GLN A 1 82  ? 6.604   -10.945 -10.821 1.00 25.68 ? 152 GLN A CD  1 
ATOM   619 O OE1 . GLN A 1 82  ? 5.732   -11.771 -10.531 1.00 28.10 ? 152 GLN A OE1 1 
ATOM   620 N NE2 . GLN A 1 82  ? 7.808   -10.960 -10.274 1.00 26.88 ? 152 GLN A NE2 1 
ATOM   621 N N   . LEU A 1 83  ? 5.015   -5.290  -11.112 1.00 23.85 ? 153 LEU A N   1 
ATOM   622 C CA  . LEU A 1 83  ? 4.427   -4.286  -10.231 1.00 25.49 ? 153 LEU A CA  1 
ATOM   623 C C   . LEU A 1 83  ? 4.029   -2.936  -10.816 1.00 25.90 ? 153 LEU A C   1 
ATOM   624 O O   . LEU A 1 83  ? 4.688   -2.418  -11.714 1.00 28.19 ? 153 LEU A O   1 
ATOM   625 C CB  . LEU A 1 83  ? 5.390   -4.030  -9.060  1.00 23.37 ? 153 LEU A CB  1 
ATOM   626 C CG  . LEU A 1 83  ? 5.873   -5.262  -8.291  1.00 24.19 ? 153 LEU A CG  1 
ATOM   627 C CD1 . LEU A 1 83  ? 6.946   -4.874  -7.273  1.00 24.07 ? 153 LEU A CD1 1 
ATOM   628 C CD2 . LEU A 1 83  ? 4.682   -5.923  -7.621  1.00 25.04 ? 153 LEU A CD2 1 
ATOM   629 N N   . GLU A 1 84  ? 2.946   -2.380  -10.276 1.00 26.18 ? 154 GLU A N   1 
ATOM   630 C CA  . GLU A 1 84  ? 2.444   -1.056  -10.642 1.00 27.92 ? 154 GLU A CA  1 
ATOM   631 C C   . GLU A 1 84  ? 2.253   -0.325  -9.313  1.00 29.24 ? 154 GLU A C   1 
ATOM   632 O O   . GLU A 1 84  ? 1.815   -0.925  -8.330  1.00 31.74 ? 154 GLU A O   1 
ATOM   633 C CB  . GLU A 1 84  ? 1.084   -1.129  -11.346 1.00 31.02 ? 154 GLU A CB  1 
ATOM   634 C CG  . GLU A 1 84  ? 1.069   -1.882  -12.661 1.00 33.79 ? 154 GLU A CG  1 
ATOM   635 C CD  . GLU A 1 84  ? -0.274  -1.760  -13.371 1.00 36.37 ? 154 GLU A CD  1 
ATOM   636 O OE1 . GLU A 1 84  ? -0.508  -2.523  -14.330 1.00 35.68 ? 154 GLU A OE1 1 
ATOM   637 O OE2 . GLU A 1 84  ? -1.090  -0.895  -12.973 1.00 37.02 ? 154 GLU A OE2 1 
ATOM   638 N N   . ALA A 1 85  ? 2.585   0.957   -9.267  1.00 27.65 ? 155 ALA A N   1 
ATOM   639 C CA  . ALA A 1 85  ? 2.417   1.717   -8.030  1.00 27.72 ? 155 ALA A CA  1 
ATOM   640 C C   . ALA A 1 85  ? 1.753   3.043   -8.355  1.00 28.03 ? 155 ALA A C   1 
ATOM   641 O O   . ALA A 1 85  ? 2.305   3.862   -9.092  1.00 29.93 ? 155 ALA A O   1 
ATOM   642 C CB  . ALA A 1 85  ? 3.768   1.949   -7.356  1.00 25.17 ? 155 ALA A CB  1 
ATOM   643 N N   . VAL A 1 86  ? 0.565   3.254   -7.803  1.00 25.77 ? 156 VAL A N   1 
ATOM   644 C CA  . VAL A 1 86  ? -0.178  4.476   -8.063  1.00 26.97 ? 156 VAL A CA  1 
ATOM   645 C C   . VAL A 1 86  ? -0.853  5.037   -6.813  1.00 27.14 ? 156 VAL A C   1 
ATOM   646 O O   . VAL A 1 86  ? -1.086  4.328   -5.835  1.00 24.92 ? 156 VAL A O   1 
ATOM   647 C CB  . VAL A 1 86  ? -1.256  4.233   -9.131  1.00 27.02 ? 156 VAL A CB  1 
ATOM   648 C CG1 . VAL A 1 86  ? -0.606  3.824   -10.444 1.00 27.56 ? 156 VAL A CG1 1 
ATOM   649 C CG2 . VAL A 1 86  ? -2.209  3.150   -8.654  1.00 28.03 ? 156 VAL A CG2 1 
ATOM   650 N N   . SER A 1 87  ? -1.189  6.316   -6.874  1.00 25.24 ? 157 SER A N   1 
ATOM   651 C CA  . SER A 1 87  ? -1.817  6.979   -5.754  1.00 26.25 ? 157 SER A CA  1 
ATOM   652 C C   . SER A 1 87  ? -3.211  7.493   -6.058  1.00 27.29 ? 157 SER A C   1 
ATOM   653 O O   . SER A 1 87  ? -3.504  7.918   -7.178  1.00 25.50 ? 157 SER A O   1 
ATOM   654 C CB  . SER A 1 87  ? -0.942  8.144   -5.291  1.00 25.79 ? 157 SER A CB  1 
ATOM   655 O OG  . SER A 1 87  ? -1.608  8.893   -4.290  1.00 26.53 ? 157 SER A OG  1 
ATOM   656 N N   . TYR A 1 88  ? -4.069  7.439   -5.045  1.00 27.51 ? 158 TYR A N   1 
ATOM   657 C CA  . TYR A 1 88  ? -5.432  7.933   -5.152  1.00 28.44 ? 158 TYR A CA  1 
ATOM   658 C C   . TYR A 1 88  ? -5.622  9.022   -4.109  1.00 26.86 ? 158 TYR A C   1 
ATOM   659 O O   . TYR A 1 88  ? -6.733  9.504   -3.892  1.00 27.17 ? 158 TYR A O   1 
ATOM   660 C CB  . TYR A 1 88  ? -6.446  6.807   -4.927  1.00 28.96 ? 158 TYR A CB  1 
ATOM   661 C CG  . TYR A 1 88  ? -6.684  5.962   -6.162  1.00 32.20 ? 158 TYR A CG  1 
ATOM   662 C CD1 . TYR A 1 88  ? -5.853  4.887   -6.469  1.00 34.02 ? 158 TYR A CD1 1 
ATOM   663 C CD2 . TYR A 1 88  ? -7.716  6.271   -7.046  1.00 34.76 ? 158 TYR A CD2 1 
ATOM   664 C CE1 . TYR A 1 88  ? -6.043  4.136   -7.632  1.00 33.48 ? 158 TYR A CE1 1 
ATOM   665 C CE2 . TYR A 1 88  ? -7.915  5.530   -8.211  1.00 35.73 ? 158 TYR A CE2 1 
ATOM   666 C CZ  . TYR A 1 88  ? -7.076  4.466   -8.497  1.00 33.28 ? 158 TYR A CZ  1 
ATOM   667 O OH  . TYR A 1 88  ? -7.271  3.735   -9.645  1.00 34.30 ? 158 TYR A OH  1 
ATOM   668 N N   . GLY A 1 89  ? -4.523  9.411   -3.472  1.00 26.87 ? 159 GLY A N   1 
ATOM   669 C CA  . GLY A 1 89  ? -4.585  10.445  -2.450  1.00 29.00 ? 159 GLY A CA  1 
ATOM   670 C C   . GLY A 1 89  ? -5.628  10.121  -1.395  1.00 30.53 ? 159 GLY A C   1 
ATOM   671 O O   . GLY A 1 89  ? -5.646  9.014   -0.858  1.00 29.13 ? 159 GLY A O   1 
ATOM   672 N N   . LYS A 1 90  ? -6.500  11.085  -1.105  1.00 30.50 ? 160 LYS A N   1 
ATOM   673 C CA  . LYS A 1 90  ? -7.559  10.894  -0.120  1.00 32.06 ? 160 LYS A CA  1 
ATOM   674 C C   . LYS A 1 90  ? -8.905  10.718  -0.818  1.00 33.73 ? 160 LYS A C   1 
ATOM   675 O O   . LYS A 1 90  ? -9.962  10.762  -0.181  1.00 33.21 ? 160 LYS A O   1 
ATOM   676 C CB  . LYS A 1 90  ? -7.623  12.097  0.827   1.00 33.08 ? 160 LYS A CB  1 
ATOM   677 C CG  . LYS A 1 90  ? -7.908  13.429  0.142   1.00 33.93 ? 160 LYS A CG  1 
ATOM   678 C CD  . LYS A 1 90  ? -8.052  14.541  1.179   1.00 36.64 ? 160 LYS A CD  1 
ATOM   679 C CE  . LYS A 1 90  ? -8.451  15.859  0.535   1.00 36.20 ? 160 LYS A CE  1 
ATOM   680 N NZ  . LYS A 1 90  ? -8.829  16.868  1.561   1.00 38.74 ? 160 LYS A NZ  1 
ATOM   681 N N   . GLU A 1 91  ? -8.857  10.487  -2.126  1.00 34.38 ? 161 GLU A N   1 
ATOM   682 C CA  . GLU A 1 91  ? -10.066 10.329  -2.926  1.00 36.51 ? 161 GLU A CA  1 
ATOM   683 C C   . GLU A 1 91  ? -10.858 9.036   -2.766  1.00 36.43 ? 161 GLU A C   1 
ATOM   684 O O   . GLU A 1 91  ? -12.072 9.035   -2.957  1.00 39.08 ? 161 GLU A O   1 
ATOM   685 C CB  . GLU A 1 91  ? -9.736  10.525  -4.408  1.00 38.95 ? 161 GLU A CB  1 
ATOM   686 C CG  . GLU A 1 91  ? -9.106  11.865  -4.720  1.00 43.36 ? 161 GLU A CG  1 
ATOM   687 C CD  . GLU A 1 91  ? -9.817  13.010  -4.032  1.00 44.92 ? 161 GLU A CD  1 
ATOM   688 O OE1 . GLU A 1 91  ? -11.060 13.096  -4.147  1.00 45.17 ? 161 GLU A OE1 1 
ATOM   689 O OE2 . GLU A 1 91  ? -9.130  13.824  -3.377  1.00 46.88 ? 161 GLU A OE2 1 
ATOM   690 N N   . ALA A 1 92  ? -10.194 7.938   -2.417  1.00 35.76 ? 162 ALA A N   1 
ATOM   691 C CA  . ALA A 1 92  ? -10.902 6.666   -2.283  1.00 35.73 ? 162 ALA A CA  1 
ATOM   692 C C   . ALA A 1 92  ? -10.818 6.015   -0.905  1.00 35.97 ? 162 ALA A C   1 
ATOM   693 O O   . ALA A 1 92  ? -10.191 4.972   -0.739  1.00 36.38 ? 162 ALA A O   1 
ATOM   694 C CB  . ALA A 1 92  ? -10.411 5.687   -3.355  1.00 34.42 ? 162 ALA A CB  1 
ATOM   695 N N   . PRO A 1 93  ? -11.454 6.623   0.108   1.00 36.45 ? 163 PRO A N   1 
ATOM   696 C CA  . PRO A 1 93  ? -11.413 6.041   1.453   1.00 36.01 ? 163 PRO A CA  1 
ATOM   697 C C   . PRO A 1 93  ? -12.304 4.797   1.515   1.00 36.02 ? 163 PRO A C   1 
ATOM   698 O O   . PRO A 1 93  ? -13.292 4.702   0.783   1.00 35.09 ? 163 PRO A O   1 
ATOM   699 C CB  . PRO A 1 93  ? -11.942 7.173   2.327   1.00 38.26 ? 163 PRO A CB  1 
ATOM   700 C CG  . PRO A 1 93  ? -12.949 7.831   1.423   1.00 36.63 ? 163 PRO A CG  1 
ATOM   701 C CD  . PRO A 1 93  ? -12.199 7.896   0.107   1.00 36.40 ? 163 PRO A CD  1 
ATOM   702 N N   . VAL A 1 94  ? -11.951 3.832   2.360   1.00 35.15 ? 164 VAL A N   1 
ATOM   703 C CA  . VAL A 1 94  ? -12.782 2.639   2.485   1.00 35.16 ? 164 VAL A CA  1 
ATOM   704 C C   . VAL A 1 94  ? -13.851 2.931   3.526   1.00 37.42 ? 164 VAL A C   1 
ATOM   705 O O   . VAL A 1 94  ? -14.938 2.356   3.502   1.00 36.41 ? 164 VAL A O   1 
ATOM   706 C CB  . VAL A 1 94  ? -11.979 1.390   2.937   1.00 35.64 ? 164 VAL A CB  1 
ATOM   707 C CG1 . VAL A 1 94  ? -11.031 0.953   1.838   1.00 33.76 ? 164 VAL A CG1 1 
ATOM   708 C CG2 . VAL A 1 94  ? -11.226 1.685   4.220   1.00 34.51 ? 164 VAL A CG2 1 
ATOM   709 N N   . ASN A 1 95  ? -13.532 3.845   4.435   1.00 37.16 ? 165 ASN A N   1 
ATOM   710 C CA  . ASN A 1 95  ? -14.453 4.212   5.497   1.00 40.70 ? 165 ASN A CA  1 
ATOM   711 C C   . ASN A 1 95  ? -14.690 5.712   5.527   1.00 42.56 ? 165 ASN A C   1 
ATOM   712 O O   . ASN A 1 95  ? -13.762 6.498   5.739   1.00 41.65 ? 165 ASN A O   1 
ATOM   713 C CB  . ASN A 1 95  ? -13.897 3.738   6.847   1.00 40.34 ? 165 ASN A CB  1 
ATOM   714 C CG  . ASN A 1 95  ? -14.822 4.046   8.016   1.00 42.13 ? 165 ASN A CG  1 
ATOM   715 O OD1 . ASN A 1 95  ? -14.699 3.448   9.084   1.00 43.67 ? 165 ASN A OD1 1 
ATOM   716 N ND2 . ASN A 1 95  ? -15.738 4.988   7.827   1.00 40.54 ? 165 ASN A ND2 1 
ATOM   717 N N   . PRO A 1 96  ? -15.942 6.133   5.300   1.00 45.20 ? 166 PRO A N   1 
ATOM   718 C CA  . PRO A 1 96  ? -16.243 7.564   5.323   1.00 46.96 ? 166 PRO A CA  1 
ATOM   719 C C   . PRO A 1 96  ? -16.191 8.020   6.779   1.00 49.15 ? 166 PRO A C   1 
ATOM   720 O O   . PRO A 1 96  ? -15.435 7.468   7.579   1.00 50.45 ? 166 PRO A O   1 
ATOM   721 C CB  . PRO A 1 96  ? -17.646 7.625   4.726   1.00 48.05 ? 166 PRO A CB  1 
ATOM   722 C CG  . PRO A 1 96  ? -18.260 6.342   5.214   1.00 46.49 ? 166 PRO A CG  1 
ATOM   723 C CD  . PRO A 1 96  ? -17.148 5.340   4.993   1.00 45.27 ? 166 PRO A CD  1 
ATOM   724 N N   . GLY A 1 97  ? -16.992 9.011   7.139   1.00 51.81 ? 167 GLY A N   1 
ATOM   725 C CA  . GLY A 1 97  ? -16.967 9.468   8.515   1.00 53.56 ? 167 GLY A CA  1 
ATOM   726 C C   . GLY A 1 97  ? -15.661 10.178  8.802   1.00 54.21 ? 167 GLY A C   1 
ATOM   727 O O   . GLY A 1 97  ? -14.605 9.789   8.297   1.00 54.61 ? 167 GLY A O   1 
ATOM   728 N N   . HIS A 1 98  ? -15.729 11.223  9.615   1.00 54.35 ? 168 HIS A N   1 
ATOM   729 C CA  . HIS A 1 98  ? -14.543 11.999  9.940   1.00 54.96 ? 168 HIS A CA  1 
ATOM   730 C C   . HIS A 1 98  ? -14.077 11.778  11.375  1.00 53.26 ? 168 HIS A C   1 
ATOM   731 O O   . HIS A 1 98  ? -14.253 12.644  12.230  1.00 53.57 ? 168 HIS A O   1 
ATOM   732 C CB  . HIS A 1 98  ? -14.824 13.488  9.703   1.00 57.15 ? 168 HIS A CB  1 
ATOM   733 C CG  . HIS A 1 98  ? -15.408 13.788  8.356   1.00 59.81 ? 168 HIS A CG  1 
ATOM   734 N ND1 . HIS A 1 98  ? -15.770 15.061  7.970   1.00 61.71 ? 168 HIS A ND1 1 
ATOM   735 C CD2 . HIS A 1 98  ? -15.702 12.982  7.308   1.00 61.20 ? 168 HIS A CD2 1 
ATOM   736 C CE1 . HIS A 1 98  ? -16.262 15.026  6.745   1.00 62.28 ? 168 HIS A CE1 1 
ATOM   737 N NE2 . HIS A 1 98  ? -16.233 13.775  6.319   1.00 61.72 ? 168 HIS A NE2 1 
ATOM   738 N N   . ASP A 1 99  ? -13.488 10.614  11.632  1.00 51.39 ? 169 ASP A N   1 
ATOM   739 C CA  . ASP A 1 99  ? -12.977 10.273  12.960  1.00 50.62 ? 169 ASP A CA  1 
ATOM   740 C C   . ASP A 1 99  ? -11.672 9.484   12.841  1.00 48.74 ? 169 ASP A C   1 
ATOM   741 O O   . ASP A 1 99  ? -11.362 8.956   11.777  1.00 47.91 ? 169 ASP A O   1 
ATOM   742 C CB  . ASP A 1 99  ? -14.010 9.458   13.752  1.00 51.60 ? 169 ASP A CB  1 
ATOM   743 C CG  . ASP A 1 99  ? -14.465 8.207   13.017  1.00 53.53 ? 169 ASP A CG  1 
ATOM   744 O OD1 . ASP A 1 99  ? -15.193 8.333   12.009  1.00 54.97 ? 169 ASP A OD1 1 
ATOM   745 O OD2 . ASP A 1 99  ? -14.094 7.095   13.449  1.00 54.58 ? 169 ASP A OD2 1 
ATOM   746 N N   . GLU A 1 100 ? -10.919 9.408   13.938  1.00 47.51 ? 170 GLU A N   1 
ATOM   747 C CA  . GLU A 1 100 ? -9.635  8.707   13.964  1.00 47.04 ? 170 GLU A CA  1 
ATOM   748 C C   . GLU A 1 100 ? -9.678  7.288   13.400  1.00 46.44 ? 170 GLU A C   1 
ATOM   749 O O   . GLU A 1 100 ? -9.098  7.012   12.349  1.00 46.58 ? 170 GLU A O   1 
ATOM   750 C CB  . GLU A 1 100 ? -9.093  8.652   15.395  1.00 48.10 ? 170 GLU A CB  1 
ATOM   751 C CG  . GLU A 1 100 ? -8.793  10.008  16.016  1.00 51.99 ? 170 GLU A CG  1 
ATOM   752 C CD  . GLU A 1 100 ? -8.426  9.904   17.488  1.00 53.61 ? 170 GLU A CD  1 
ATOM   753 O OE1 . GLU A 1 100 ? -8.127  10.950  18.107  1.00 53.51 ? 170 GLU A OE1 1 
ATOM   754 O OE2 . GLU A 1 100 ? -8.440  8.776   18.027  1.00 54.95 ? 170 GLU A OE2 1 
ATOM   755 N N   . SER A 1 101 ? -10.354 6.391   14.113  1.00 44.41 ? 171 SER A N   1 
ATOM   756 C CA  . SER A 1 101 ? -10.469 4.993   13.706  1.00 42.79 ? 171 SER A CA  1 
ATOM   757 C C   . SER A 1 101 ? -10.660 4.835   12.203  1.00 41.56 ? 171 SER A C   1 
ATOM   758 O O   . SER A 1 101 ? -10.048 3.967   11.582  1.00 40.54 ? 171 SER A O   1 
ATOM   759 C CB  . SER A 1 101 ? -11.639 4.342   14.430  1.00 43.69 ? 171 SER A CB  1 
ATOM   760 O OG  . SER A 1 101 ? -12.867 4.956   14.071  1.00 48.03 ? 171 SER A OG  1 
ATOM   761 N N   . ALA A 1 102 ? -11.520 5.672   11.630  1.00 40.24 ? 172 ALA A N   1 
ATOM   762 C CA  . ALA A 1 102 ? -11.794 5.634   10.201  1.00 39.60 ? 172 ALA A CA  1 
ATOM   763 C C   . ALA A 1 102 ? -10.551 6.003   9.392   1.00 39.19 ? 172 ALA A C   1 
ATOM   764 O O   . ALA A 1 102 ? -10.273 5.398   8.353   1.00 37.59 ? 172 ALA A O   1 
ATOM   765 C CB  . ALA A 1 102 ? -12.937 6.585   9.868   1.00 38.94 ? 172 ALA A CB  1 
ATOM   766 N N   . TRP A 1 103 ? -9.805  6.996   9.873   1.00 38.61 ? 173 TRP A N   1 
ATOM   767 C CA  . TRP A 1 103 ? -8.593  7.438   9.190   1.00 37.39 ? 173 TRP A CA  1 
ATOM   768 C C   . TRP A 1 103 ? -7.501  6.375   9.271   1.00 36.08 ? 173 TRP A C   1 
ATOM   769 O O   . TRP A 1 103 ? -6.616  6.321   8.414   1.00 35.09 ? 173 TRP A O   1 
ATOM   770 C CB  . TRP A 1 103 ? -8.081  8.753   9.790   1.00 35.72 ? 173 TRP A CB  1 
ATOM   771 C CG  . TRP A 1 103 ? -9.069  9.878   9.702   1.00 34.42 ? 173 TRP A CG  1 
ATOM   772 C CD1 . TRP A 1 103 ? -10.028 10.055  8.746   1.00 32.88 ? 173 TRP A CD1 1 
ATOM   773 C CD2 . TRP A 1 103 ? -9.177  10.998  10.589  1.00 35.22 ? 173 TRP A CD2 1 
ATOM   774 N NE1 . TRP A 1 103 ? -10.726 11.214  8.982   1.00 35.30 ? 173 TRP A NE1 1 
ATOM   775 C CE2 . TRP A 1 103 ? -10.223 11.813  10.108  1.00 34.21 ? 173 TRP A CE2 1 
ATOM   776 C CE3 . TRP A 1 103 ? -8.488  11.392  11.744  1.00 33.50 ? 173 TRP A CE3 1 
ATOM   777 C CZ2 . TRP A 1 103 ? -10.601 13.004  10.743  1.00 35.55 ? 173 TRP A CZ2 1 
ATOM   778 C CZ3 . TRP A 1 103 ? -8.861  12.575  12.376  1.00 35.72 ? 173 TRP A CZ3 1 
ATOM   779 C CH2 . TRP A 1 103 ? -9.909  13.367  11.872  1.00 34.93 ? 173 TRP A CH2 1 
ATOM   780 N N   . LYS A 1 104 ? -7.563  5.535   10.302  1.00 34.50 ? 174 LYS A N   1 
ATOM   781 C CA  . LYS A 1 104 ? -6.584  4.467   10.471  1.00 33.81 ? 174 LYS A CA  1 
ATOM   782 C C   . LYS A 1 104 ? -6.800  3.435   9.368   1.00 32.46 ? 174 LYS A C   1 
ATOM   783 O O   . LYS A 1 104 ? -5.844  2.844   8.858   1.00 30.56 ? 174 LYS A O   1 
ATOM   784 C CB  . LYS A 1 104 ? -6.738  3.809   11.845  1.00 36.05 ? 174 LYS A CB  1 
ATOM   785 C CG  . LYS A 1 104 ? -5.749  2.677   12.107  1.00 38.34 ? 174 LYS A CG  1 
ATOM   786 C CD  . LYS A 1 104 ? -5.859  2.165   13.543  1.00 42.64 ? 174 LYS A CD  1 
ATOM   787 C CE  . LYS A 1 104 ? -4.878  1.029   13.819  1.00 45.15 ? 174 LYS A CE  1 
ATOM   788 N NZ  . LYS A 1 104 ? -4.936  0.573   15.239  1.00 46.97 ? 174 LYS A NZ  1 
ATOM   789 N N   . GLU A 1 105 ? -8.062  3.231   9.002   1.00 32.27 ? 175 GLU A N   1 
ATOM   790 C CA  . GLU A 1 105 ? -8.421  2.290   7.943   1.00 33.29 ? 175 GLU A CA  1 
ATOM   791 C C   . GLU A 1 105 ? -8.022  2.839   6.579   1.00 31.76 ? 175 GLU A C   1 
ATOM   792 O O   . GLU A 1 105 ? -7.633  2.085   5.690   1.00 31.25 ? 175 GLU A O   1 
ATOM   793 C CB  . GLU A 1 105 ? -9.936  2.035   7.915   1.00 34.71 ? 175 GLU A CB  1 
ATOM   794 C CG  . GLU A 1 105 ? -10.507 1.285   9.103   1.00 41.67 ? 175 GLU A CG  1 
ATOM   795 C CD  . GLU A 1 105 ? -11.995 0.996   8.938   1.00 45.48 ? 175 GLU A CD  1 
ATOM   796 O OE1 . GLU A 1 105 ? -12.385 0.423   7.897   1.00 47.82 ? 175 GLU A OE1 1 
ATOM   797 O OE2 . GLU A 1 105 ? -12.775 1.338   9.848   1.00 49.69 ? 175 GLU A OE2 1 
ATOM   798 N N   . ASN A 1 106 ? -8.119  4.156   6.416   1.00 29.39 ? 176 ASN A N   1 
ATOM   799 C CA  . ASN A 1 106 ? -7.805  4.777   5.133   1.00 28.81 ? 176 ASN A CA  1 
ATOM   800 C C   . ASN A 1 106 ? -6.325  4.970   4.788   1.00 27.06 ? 176 ASN A C   1 
ATOM   801 O O   . ASN A 1 106 ? -5.980  5.021   3.604   1.00 24.83 ? 176 ASN A O   1 
ATOM   802 C CB  . ASN A 1 106 ? -8.555  6.106   4.993   1.00 28.27 ? 176 ASN A CB  1 
ATOM   803 C CG  . ASN A 1 106 ? -10.070 5.934   5.078   1.00 29.60 ? 176 ASN A CG  1 
ATOM   804 O OD1 . ASN A 1 106 ? -10.616 4.909   4.670   1.00 28.80 ? 176 ASN A OD1 1 
ATOM   805 N ND2 . ASN A 1 106 ? -10.753 6.948   5.599   1.00 29.72 ? 176 ASN A ND2 1 
ATOM   806 N N   . ARG A 1 107 ? -5.455  5.083   5.797   1.00 25.99 ? 177 ARG A N   1 
ATOM   807 C CA  . ARG A 1 107 ? -4.019  5.232   5.547   1.00 26.56 ? 177 ARG A CA  1 
ATOM   808 C C   . ARG A 1 107 ? -3.546  3.838   5.138   1.00 25.97 ? 177 ARG A C   1 
ATOM   809 O O   . ARG A 1 107 ? -3.189  3.025   5.986   1.00 23.83 ? 177 ARG A O   1 
ATOM   810 C CB  . ARG A 1 107 ? -3.285  5.686   6.819   1.00 27.14 ? 177 ARG A CB  1 
ATOM   811 C CG  . ARG A 1 107 ? -3.666  7.096   7.304   1.00 28.20 ? 177 ARG A CG  1 
ATOM   812 C CD  . ARG A 1 107 ? -2.712  7.593   8.387   1.00 27.14 ? 177 ARG A CD  1 
ATOM   813 N NE  . ARG A 1 107 ? -2.801  6.820   9.627   1.00 30.33 ? 177 ARG A NE  1 
ATOM   814 C CZ  . ARG A 1 107 ? -3.753  6.982   10.543  1.00 31.98 ? 177 ARG A CZ  1 
ATOM   815 N NH1 . ARG A 1 107 ? -4.701  7.893   10.370  1.00 31.57 ? 177 ARG A NH1 1 
ATOM   816 N NH2 . ARG A 1 107 ? -3.763  6.224   11.631  1.00 28.85 ? 177 ARG A NH2 1 
ATOM   817 N N   . ARG A 1 108 ? -3.520  3.568   3.836   1.00 24.70 ? 178 ARG A N   1 
ATOM   818 C CA  . ARG A 1 108 ? -3.173  2.226   3.386   1.00 22.82 ? 178 ARG A CA  1 
ATOM   819 C C   . ARG A 1 108 ? -2.648  2.113   1.954   1.00 22.75 ? 178 ARG A C   1 
ATOM   820 O O   . ARG A 1 108 ? -2.630  3.081   1.183   1.00 22.51 ? 178 ARG A O   1 
ATOM   821 C CB  . ARG A 1 108 ? -4.442  1.369   3.475   1.00 22.12 ? 178 ARG A CB  1 
ATOM   822 C CG  . ARG A 1 108 ? -5.477  1.777   2.393   1.00 25.64 ? 178 ARG A CG  1 
ATOM   823 C CD  . ARG A 1 108 ? -6.864  1.171   2.578   1.00 27.72 ? 178 ARG A CD  1 
ATOM   824 N NE  . ARG A 1 108 ? -7.702  1.343   1.386   1.00 29.09 ? 178 ARG A NE  1 
ATOM   825 C CZ  . ARG A 1 108 ? -8.123  2.513   0.910   1.00 29.93 ? 178 ARG A CZ  1 
ATOM   826 N NH1 . ARG A 1 108 ? -7.797  3.643   1.521   1.00 30.29 ? 178 ARG A NH1 1 
ATOM   827 N NH2 . ARG A 1 108 ? -8.876  2.556   -0.185  1.00 28.96 ? 178 ARG A NH2 1 
ATOM   828 N N   . VAL A 1 109 ? -2.237  0.891   1.626   1.00 22.69 ? 179 VAL A N   1 
ATOM   829 C CA  . VAL A 1 109 ? -1.790  0.512   0.295   1.00 22.10 ? 179 VAL A CA  1 
ATOM   830 C C   . VAL A 1 109 ? -2.509  -0.818  0.050   1.00 22.82 ? 179 VAL A C   1 
ATOM   831 O O   . VAL A 1 109 ? -2.429  -1.736  0.866   1.00 20.49 ? 179 VAL A O   1 
ATOM   832 C CB  . VAL A 1 109 ? -0.267  0.277   0.206   1.00 21.05 ? 179 VAL A CB  1 
ATOM   833 C CG1 . VAL A 1 109 ? 0.052   -0.502  -1.081  1.00 19.67 ? 179 VAL A CG1 1 
ATOM   834 C CG2 . VAL A 1 109 ? 0.468   1.620   0.158   1.00 17.66 ? 179 VAL A CG2 1 
ATOM   835 N N   . GLU A 1 110 ? -3.243  -0.919  -1.050  1.00 23.37 ? 180 GLU A N   1 
ATOM   836 C CA  . GLU A 1 110 ? -3.943  -2.159  -1.334  1.00 24.46 ? 180 GLU A CA  1 
ATOM   837 C C   . GLU A 1 110 ? -3.150  -2.926  -2.383  1.00 24.77 ? 180 GLU A C   1 
ATOM   838 O O   . GLU A 1 110 ? -2.569  -2.331  -3.291  1.00 21.89 ? 180 GLU A O   1 
ATOM   839 C CB  . GLU A 1 110 ? -5.363  -1.880  -1.843  1.00 28.02 ? 180 GLU A CB  1 
ATOM   840 C CG  . GLU A 1 110 ? -6.148  -0.919  -0.964  1.00 33.67 ? 180 GLU A CG  1 
ATOM   841 C CD  . GLU A 1 110 ? -7.641  -0.961  -1.228  1.00 38.19 ? 180 GLU A CD  1 
ATOM   842 O OE1 . GLU A 1 110 ? -8.039  -1.171  -2.396  1.00 39.31 ? 180 GLU A OE1 1 
ATOM   843 O OE2 . GLU A 1 110 ? -8.414  -0.772  -0.265  1.00 39.45 ? 180 GLU A OE2 1 
ATOM   844 N N   . ILE A 1 111 ? -3.121  -4.245  -2.235  1.00 24.10 ? 181 ILE A N   1 
ATOM   845 C CA  . ILE A 1 111 ? -2.398  -5.115  -3.154  1.00 25.13 ? 181 ILE A CA  1 
ATOM   846 C C   . ILE A 1 111 ? -3.425  -5.797  -4.041  1.00 25.78 ? 181 ILE A C   1 
ATOM   847 O O   . ILE A 1 111 ? -4.166  -6.667  -3.588  1.00 27.48 ? 181 ILE A O   1 
ATOM   848 C CB  . ILE A 1 111 ? -1.599  -6.180  -2.381  1.00 25.80 ? 181 ILE A CB  1 
ATOM   849 C CG1 . ILE A 1 111 ? -0.672  -5.502  -1.370  1.00 26.45 ? 181 ILE A CG1 1 
ATOM   850 C CG2 . ILE A 1 111 ? -0.800  -7.047  -3.350  1.00 25.78 ? 181 ILE A CG2 1 
ATOM   851 C CD1 . ILE A 1 111 ? 0.022   -6.477  -0.428  1.00 26.64 ? 181 ILE A CD1 1 
ATOM   852 N N   . ASN A 1 112 ? -3.475  -5.401  -5.307  1.00 27.64 ? 182 ASN A N   1 
ATOM   853 C CA  . ASN A 1 112 ? -4.447  -5.972  -6.226  1.00 28.27 ? 182 ASN A CA  1 
ATOM   854 C C   . ASN A 1 112 ? -3.807  -6.829  -7.314  1.00 26.90 ? 182 ASN A C   1 
ATOM   855 O O   . ASN A 1 112 ? -3.059  -6.327  -8.141  1.00 26.37 ? 182 ASN A O   1 
ATOM   856 C CB  . ASN A 1 112 ? -5.267  -4.844  -6.858  1.00 31.18 ? 182 ASN A CB  1 
ATOM   857 C CG  . ASN A 1 112 ? -5.874  -3.919  -5.817  1.00 32.90 ? 182 ASN A CG  1 
ATOM   858 O OD1 . ASN A 1 112 ? -6.638  -4.351  -4.957  1.00 36.89 ? 182 ASN A OD1 1 
ATOM   859 N ND2 . ASN A 1 112 ? -5.529  -2.639  -5.885  1.00 39.08 ? 182 ASN A ND2 1 
ATOM   860 N N   . TYR A 1 113 ? -4.100  -8.125  -7.302  1.00 26.48 ? 183 TYR A N   1 
ATOM   861 C CA  . TYR A 1 113 ? -3.558  -9.026  -8.313  1.00 29.05 ? 183 TYR A CA  1 
ATOM   862 C C   . TYR A 1 113 ? -4.330  -8.839  -9.616  1.00 29.15 ? 183 TYR A C   1 
ATOM   863 O O   . TYR A 1 113 ? -5.553  -8.780  -9.610  1.00 29.92 ? 183 TYR A O   1 
ATOM   864 C CB  . TYR A 1 113 ? -3.648  -10.475 -7.830  1.00 28.91 ? 183 TYR A CB  1 
ATOM   865 C CG  . TYR A 1 113 ? -2.536  -10.853 -6.879  1.00 27.23 ? 183 TYR A CG  1 
ATOM   866 C CD1 . TYR A 1 113 ? -1.401  -11.529 -7.328  1.00 25.59 ? 183 TYR A CD1 1 
ATOM   867 C CD2 . TYR A 1 113 ? -2.596  -10.491 -5.533  1.00 27.74 ? 183 TYR A CD2 1 
ATOM   868 C CE1 . TYR A 1 113 ? -0.348  -11.836 -6.457  1.00 27.33 ? 183 TYR A CE1 1 
ATOM   869 C CE2 . TYR A 1 113 ? -1.548  -10.789 -4.661  1.00 26.62 ? 183 TYR A CE2 1 
ATOM   870 C CZ  . TYR A 1 113 ? -0.433  -11.458 -5.126  1.00 26.44 ? 183 TYR A CZ  1 
ATOM   871 O OH  . TYR A 1 113 ? 0.595   -11.744 -4.253  1.00 27.30 ? 183 TYR A OH  1 
ATOM   872 N N   . GLU A 1 114 ? -3.609  -8.726  -10.727 1.00 32.62 ? 184 GLU A N   1 
ATOM   873 C CA  . GLU A 1 114 ? -4.241  -8.517  -12.029 1.00 34.47 ? 184 GLU A CA  1 
ATOM   874 C C   . GLU A 1 114 ? -4.787  -9.808  -12.637 1.00 32.79 ? 184 GLU A C   1 
ATOM   875 O O   . GLU A 1 114 ? -4.175  -10.866 -12.379 1.00 32.55 ? 184 GLU A O   1 
ATOM   876 C CB  . GLU A 1 114 ? -3.246  -7.865  -12.995 1.00 36.86 ? 184 GLU A CB  1 
ATOM   877 C CG  . GLU A 1 114 ? -2.761  -6.493  -12.536 1.00 42.80 ? 184 GLU A CG  1 
ATOM   878 C CD  . GLU A 1 114 ? -1.960  -5.747  -13.597 1.00 45.90 ? 184 GLU A CD  1 
ATOM   879 O OE1 . GLU A 1 114 ? -1.359  -4.704  -13.257 1.00 46.31 ? 184 GLU A OE1 1 
ATOM   880 O OE2 . GLU A 1 114 ? -1.934  -6.195  -14.767 1.00 48.05 ? 184 GLU A OE2 1 
HETATM 881 C C   . API B 2 .   ? -1.559  17.574  7.195   1.00 39.85 ? 201 API A C   1 
HETATM 882 C CA  . API B 2 .   ? -0.514  16.784  6.381   1.00 39.42 ? 201 API A CA  1 
HETATM 883 C C3  . API B 2 .   ? -0.428  15.308  6.858   1.00 35.03 ? 201 API A C3  1 
HETATM 884 C C4  . API B 2 .   ? -1.651  14.459  6.559   1.00 33.81 ? 201 API A C4  1 
HETATM 885 C C5  . API B 2 .   ? -1.404  12.961  6.798   1.00 29.19 ? 201 API A C5  1 
HETATM 886 C C6  . API B 2 .   ? -2.692  12.151  6.540   1.00 28.55 ? 201 API A C6  1 
HETATM 887 C C7  . API B 2 .   ? -2.258  10.678  6.331   1.00 26.80 ? 201 API A C7  1 
HETATM 888 O O   . API B 2 .   ? -1.287  18.589  7.808   1.00 39.66 ? 201 API A O   1 
HETATM 889 O OXT . API B 2 .   ? -2.753  17.047  7.144   1.00 41.41 ? 201 API A OXT 1 
HETATM 890 O O3  . API B 2 .   ? -1.319  10.175  6.913   1.00 27.29 ? 201 API A O3  1 
HETATM 891 O O4  . API B 2 .   ? -3.015  10.045  5.453   1.00 27.52 ? 201 API A O4  1 
HETATM 892 N N   . API B 2 .   ? 0.733   17.531  6.626   1.00 38.11 ? 201 API A N   1 
HETATM 893 N N6  . API B 2 .   ? -3.400  12.502  5.293   1.00 27.57 ? 201 API A N6  1 
HETATM 894 O O   . HOH C 3 .   ? -5.744  13.514  -2.816  1.00 25.65 ? 301 HOH A O   1 
HETATM 895 O O   . HOH C 3 .   ? 3.093   14.897  0.747   1.00 28.25 ? 302 HOH A O   1 
HETATM 896 O O   . HOH C 3 .   ? -8.362  6.711   1.603   1.00 31.85 ? 303 HOH A O   1 
HETATM 897 O O   . HOH C 3 .   ? -6.873  15.359  13.434  1.00 29.52 ? 304 HOH A O   1 
HETATM 898 O O   . HOH C 3 .   ? -1.650  -14.553 -9.626  1.00 41.98 ? 305 HOH A O   1 
HETATM 899 O O   . HOH C 3 .   ? -3.254  2.926   9.558   1.00 25.69 ? 306 HOH A O   1 
HETATM 900 O O   . HOH C 3 .   ? 1.496   -4.981  -12.671 1.00 39.96 ? 307 HOH A O   1 
HETATM 901 O O   . HOH C 3 .   ? -10.333 9.640   5.400   1.00 34.18 ? 308 HOH A O   1 
HETATM 902 O O   . HOH C 3 .   ? 6.269   9.714   3.563   1.00 35.64 ? 309 HOH A O   1 
HETATM 903 O O   . HOH C 3 .   ? 7.692   -1.592  -10.758 1.00 29.33 ? 310 HOH A O   1 
HETATM 904 O O   . HOH C 3 .   ? -1.924  -3.757  8.842   1.00 32.39 ? 311 HOH A O   1 
HETATM 905 O O   . HOH C 3 .   ? 2.625   0.809   9.761   1.00 36.68 ? 312 HOH A O   1 
HETATM 906 O O   . HOH C 3 .   ? -7.855  7.265   -1.376  1.00 26.56 ? 313 HOH A O   1 
HETATM 907 O O   . HOH C 3 .   ? 8.229   -11.676 -14.125 1.00 35.44 ? 314 HOH A O   1 
HETATM 908 O O   . HOH C 3 .   ? -0.232  8.230   -9.066  1.00 32.50 ? 315 HOH A O   1 
HETATM 909 O O   . HOH C 3 .   ? -13.100 9.342   6.037   1.00 38.58 ? 316 HOH A O   1 
HETATM 910 O O   . HOH C 3 .   ? 1.232   17.554  9.627   1.00 30.10 ? 317 HOH A O   1 
HETATM 911 O O   . HOH C 3 .   ? 8.431   5.750   -0.678  1.00 30.25 ? 318 HOH A O   1 
HETATM 912 O O   . HOH C 3 .   ? -8.074  -0.510  5.633   1.00 32.78 ? 319 HOH A O   1 
HETATM 913 O O   . HOH C 3 .   ? -7.143  -0.516  -5.217  1.00 39.68 ? 320 HOH A O   1 
HETATM 914 O O   . HOH C 3 .   ? 5.291   11.978  4.553   1.00 33.06 ? 321 HOH A O   1 
HETATM 915 O O   . HOH C 3 .   ? 5.286   -14.236 5.517   1.00 40.15 ? 322 HOH A O   1 
HETATM 916 O O   . HOH C 3 .   ? -12.209 7.241   16.188  1.00 43.32 ? 323 HOH A O   1 
HETATM 917 O O   . HOH C 3 .   ? -9.773  -2.268  1.214   1.00 43.38 ? 324 HOH A O   1 
HETATM 918 O O   . HOH C 3 .   ? -2.120  19.434  3.497   1.00 39.97 ? 325 HOH A O   1 
HETATM 919 O O   . HOH C 3 .   ? 9.659   -12.860 -10.306 1.00 37.41 ? 326 HOH A O   1 
HETATM 920 O O   . HOH C 3 .   ? 10.679  -12.520 -13.026 1.00 32.21 ? 327 HOH A O   1 
HETATM 921 O O   . HOH C 3 .   ? -2.806  1.040   11.568  1.00 37.82 ? 328 HOH A O   1 
HETATM 922 O O   . HOH C 3 .   ? 3.647   4.118   9.283   1.00 32.09 ? 329 HOH A O   1 
HETATM 923 O O   . HOH C 3 .   ? 7.825   8.272   6.486   1.00 37.66 ? 330 HOH A O   1 
HETATM 924 O O   . HOH C 3 .   ? -7.202  -8.269  3.249   1.00 29.81 ? 331 HOH A O   1 
HETATM 925 O O   . HOH C 3 .   ? 4.003   -16.971 0.029   1.00 35.21 ? 332 HOH A O   1 
HETATM 926 O O   . HOH C 3 .   ? -7.417  1.259   -10.203 1.00 44.74 ? 333 HOH A O   1 
HETATM 927 O O   . HOH C 3 .   ? 4.538   -0.137  -13.257 1.00 41.65 ? 334 HOH A O   1 
HETATM 928 O O   . HOH C 3 .   ? 3.302   -17.469 -12.770 1.00 43.12 ? 335 HOH A O   1 
HETATM 929 O O   . HOH C 3 .   ? 10.491  0.026   1.231   1.00 36.99 ? 336 HOH A O   1 
HETATM 930 O O   . HOH C 3 .   ? -6.625  8.054   12.935  1.00 36.59 ? 337 HOH A O   1 
HETATM 931 O O   . HOH C 3 .   ? 2.388   -4.074  13.712  1.00 58.97 ? 338 HOH A O   1 
HETATM 932 O O   . HOH C 3 .   ? -9.901  9.501   2.881   1.00 34.40 ? 339 HOH A O   1 
HETATM 933 O O   . HOH C 3 .   ? 9.147   -18.014 -4.069  1.00 32.91 ? 340 HOH A O   1 
HETATM 934 O O   . HOH C 3 .   ? 2.687   9.288   12.749  1.00 39.09 ? 341 HOH A O   1 
HETATM 935 O O   . HOH C 3 .   ? -9.036  -2.302  3.605   1.00 38.73 ? 342 HOH A O   1 
HETATM 936 O O   . HOH C 3 .   ? 17.862  -7.200  -2.928  1.00 32.52 ? 343 HOH A O   1 
HETATM 937 O O   . HOH C 3 .   ? 11.144  -10.857 1.971   1.00 34.68 ? 344 HOH A O   1 
HETATM 938 O O   . HOH C 3 .   ? -1.168  7.923   13.104  1.00 34.42 ? 345 HOH A O   1 
HETATM 939 O O   . HOH C 3 .   ? 6.046   9.014   12.068  1.00 35.57 ? 346 HOH A O   1 
HETATM 940 O O   . HOH C 3 .   ? -3.897  20.610  -2.939  1.00 50.22 ? 347 HOH A O   1 
HETATM 941 O O   . HOH C 3 .   ? -13.094 -0.098  11.911  1.00 45.21 ? 348 HOH A O   1 
HETATM 942 O O   . HOH C 3 .   ? -14.971 0.127   6.933   1.00 50.44 ? 349 HOH A O   1 
HETATM 943 O O   . HOH C 3 .   ? -15.943 0.253   1.786   1.00 41.39 ? 350 HOH A O   1 
# 
loop_
_pdbx_poly_seq_scheme.asym_id 
_pdbx_poly_seq_scheme.entity_id 
_pdbx_poly_seq_scheme.seq_id 
_pdbx_poly_seq_scheme.mon_id 
_pdbx_poly_seq_scheme.ndb_seq_num 
_pdbx_poly_seq_scheme.pdb_seq_num 
_pdbx_poly_seq_scheme.auth_seq_num 
_pdbx_poly_seq_scheme.pdb_mon_id 
_pdbx_poly_seq_scheme.auth_mon_id 
_pdbx_poly_seq_scheme.pdb_strand_id 
_pdbx_poly_seq_scheme.pdb_ins_code 
_pdbx_poly_seq_scheme.hetero 
A 1 1   GLY 1   71  ?   ?   ?   A . n 
A 1 2   SER 2   72  ?   ?   ?   A . n 
A 1 3   HIS 3   73  ?   ?   ?   A . n 
A 1 4   MET 4   74  74  MET MET A . n 
A 1 5   ALA 5   75  75  ALA ALA A . n 
A 1 6   LEU 6   76  76  LEU LEU A . n 
A 1 7   ALA 7   77  77  ALA ALA A . n 
A 1 8   LYS 8   78  78  LYS LYS A . n 
A 1 9   ARG 9   79  79  ARG ARG A . n 
A 1 10  VAL 10  80  80  VAL VAL A . n 
A 1 11  VAL 11  81  81  VAL VAL A . n 
A 1 12  HIS 12  82  82  HIS HIS A . n 
A 1 13  PHE 13  83  83  PHE PHE A . n 
A 1 14  ASP 14  84  84  ASP ASP A . n 
A 1 15  TYR 15  85  85  TYR TYR A . n 
A 1 16  ASP 16  86  86  ASP ASP A . n 
A 1 17  SER 17  87  87  SER SER A . n 
A 1 18  SER 18  88  88  SER SER A . n 
A 1 19  ASP 19  89  89  ASP ASP A . n 
A 1 20  LEU 20  90  90  LEU LEU A . n 
A 1 21  SER 21  91  91  SER SER A . n 
A 1 22  THR 22  92  92  THR THR A . n 
A 1 23  GLU 23  93  93  GLU GLU A . n 
A 1 24  ASP 24  94  94  ASP ASP A . n 
A 1 25  TYR 25  95  95  TYR TYR A . n 
A 1 26  GLN 26  96  96  GLN GLN A . n 
A 1 27  THR 27  97  97  THR THR A . n 
A 1 28  LEU 28  98  98  LEU LEU A . n 
A 1 29  GLN 29  99  99  GLN GLN A . n 
A 1 30  ALA 30  100 100 ALA ALA A . n 
A 1 31  HIS 31  101 101 HIS HIS A . n 
A 1 32  ALA 32  102 102 ALA ALA A . n 
A 1 33  GLN 33  103 103 GLN GLN A . n 
A 1 34  PHE 34  104 104 PHE PHE A . n 
A 1 35  LEU 35  105 105 LEU LEU A . n 
A 1 36  MET 36  106 106 MET MET A . n 
A 1 37  ALA 37  107 107 ALA ALA A . n 
A 1 38  ASN 38  108 108 ASN ASN A . n 
A 1 39  ALA 39  109 109 ALA ALA A . n 
A 1 40  ASN 40  110 110 ASN ASN A . n 
A 1 41  SER 41  111 111 SER SER A . n 
A 1 42  LYS 42  112 112 LYS LYS A . n 
A 1 43  VAL 43  113 113 VAL VAL A . n 
A 1 44  ALA 44  114 114 ALA ALA A . n 
A 1 45  LEU 45  115 115 LEU LEU A . n 
A 1 46  THR 46  116 116 THR THR A . n 
A 1 47  GLY 47  117 117 GLY GLY A . n 
A 1 48  HIS 48  118 118 HIS HIS A . n 
A 1 49  THR 49  119 119 THR THR A . n 
A 1 50  ASP 50  120 120 ASP ASP A . n 
A 1 51  GLU 51  121 121 GLU GLU A . n 
A 1 52  ARG 52  122 122 ARG ARG A . n 
A 1 53  GLY 53  123 123 GLY GLY A . n 
A 1 54  THR 54  124 124 THR THR A . n 
A 1 55  ARG 55  125 125 ARG ARG A . n 
A 1 56  GLU 56  126 126 GLU GLU A . n 
A 1 57  TYR 57  127 127 TYR TYR A . n 
A 1 58  ASN 58  128 128 ASN ASN A . n 
A 1 59  MET 59  129 129 MET MET A . n 
A 1 60  ALA 60  130 130 ALA ALA A . n 
A 1 61  LEU 61  131 131 LEU LEU A . n 
A 1 62  GLY 62  132 132 GLY GLY A . n 
A 1 63  GLU 63  133 133 GLU GLU A . n 
A 1 64  ARG 64  134 134 ARG ARG A . n 
A 1 65  ARG 65  135 135 ARG ARG A . n 
A 1 66  ALA 66  136 136 ALA ALA A . n 
A 1 67  LYS 67  137 137 LYS LYS A . n 
A 1 68  ALA 68  138 138 ALA ALA A . n 
A 1 69  VAL 69  139 139 VAL VAL A . n 
A 1 70  GLN 70  140 140 GLN GLN A . n 
A 1 71  ASN 71  141 141 ASN ASN A . n 
A 1 72  TYR 72  142 142 TYR TYR A . n 
A 1 73  LEU 73  143 143 LEU LEU A . n 
A 1 74  ILE 74  144 144 ILE ILE A . n 
A 1 75  THR 75  145 145 THR THR A . n 
A 1 76  SER 76  146 146 SER SER A . n 
A 1 77  GLY 77  147 147 GLY GLY A . n 
A 1 78  VAL 78  148 148 VAL VAL A . n 
A 1 79  ASN 79  149 149 ASN ASN A . n 
A 1 80  PRO 80  150 150 PRO PRO A . n 
A 1 81  GLN 81  151 151 GLN GLN A . n 
A 1 82  GLN 82  152 152 GLN GLN A . n 
A 1 83  LEU 83  153 153 LEU LEU A . n 
A 1 84  GLU 84  154 154 GLU GLU A . n 
A 1 85  ALA 85  155 155 ALA ALA A . n 
A 1 86  VAL 86  156 156 VAL VAL A . n 
A 1 87  SER 87  157 157 SER SER A . n 
A 1 88  TYR 88  158 158 TYR TYR A . n 
A 1 89  GLY 89  159 159 GLY GLY A . n 
A 1 90  LYS 90  160 160 LYS LYS A . n 
A 1 91  GLU 91  161 161 GLU GLU A . n 
A 1 92  ALA 92  162 162 ALA ALA A . n 
A 1 93  PRO 93  163 163 PRO PRO A . n 
A 1 94  VAL 94  164 164 VAL VAL A . n 
A 1 95  ASN 95  165 165 ASN ASN A . n 
A 1 96  PRO 96  166 166 PRO PRO A . n 
A 1 97  GLY 97  167 167 GLY GLY A . n 
A 1 98  HIS 98  168 168 HIS HIS A . n 
A 1 99  ASP 99  169 169 ASP ASP A . n 
A 1 100 GLU 100 170 170 GLU GLU A . n 
A 1 101 SER 101 171 171 SER SER A . n 
A 1 102 ALA 102 172 172 ALA ALA A . n 
A 1 103 TRP 103 173 173 TRP TRP A . n 
A 1 104 LYS 104 174 174 LYS LYS A . n 
A 1 105 GLU 105 175 175 GLU GLU A . n 
A 1 106 ASN 106 176 176 ASN ASN A . n 
A 1 107 ARG 107 177 177 ARG ARG A . n 
A 1 108 ARG 108 178 178 ARG ARG A . n 
A 1 109 VAL 109 179 179 VAL VAL A . n 
A 1 110 GLU 110 180 180 GLU GLU A . n 
A 1 111 ILE 111 181 181 ILE ILE A . n 
A 1 112 ASN 112 182 182 ASN ASN A . n 
A 1 113 TYR 113 183 183 TYR TYR A . n 
A 1 114 GLU 114 184 184 GLU GLU A . n 
# 
loop_
_pdbx_nonpoly_scheme.asym_id 
_pdbx_nonpoly_scheme.entity_id 
_pdbx_nonpoly_scheme.mon_id 
_pdbx_nonpoly_scheme.ndb_seq_num 
_pdbx_nonpoly_scheme.pdb_seq_num 
_pdbx_nonpoly_scheme.auth_seq_num 
_pdbx_nonpoly_scheme.pdb_mon_id 
_pdbx_nonpoly_scheme.auth_mon_id 
_pdbx_nonpoly_scheme.pdb_strand_id 
_pdbx_nonpoly_scheme.pdb_ins_code 
B 2 API 1  201 201 API API A . 
C 3 HOH 1  301 1   HOH HOH A . 
C 3 HOH 2  302 2   HOH HOH A . 
C 3 HOH 3  303 3   HOH HOH A . 
C 3 HOH 4  304 5   HOH HOH A . 
C 3 HOH 5  305 6   HOH HOH A . 
C 3 HOH 6  306 8   HOH HOH A . 
C 3 HOH 7  307 9   HOH HOH A . 
C 3 HOH 8  308 10  HOH HOH A . 
C 3 HOH 9  309 12  HOH HOH A . 
C 3 HOH 10 310 13  HOH HOH A . 
C 3 HOH 11 311 15  HOH HOH A . 
C 3 HOH 12 312 16  HOH HOH A . 
C 3 HOH 13 313 17  HOH HOH A . 
C 3 HOH 14 314 21  HOH HOH A . 
C 3 HOH 15 315 23  HOH HOH A . 
C 3 HOH 16 316 24  HOH HOH A . 
C 3 HOH 17 317 26  HOH HOH A . 
C 3 HOH 18 318 27  HOH HOH A . 
C 3 HOH 19 319 28  HOH HOH A . 
C 3 HOH 20 320 31  HOH HOH A . 
C 3 HOH 21 321 32  HOH HOH A . 
C 3 HOH 22 322 41  HOH HOH A . 
C 3 HOH 23 323 42  HOH HOH A . 
C 3 HOH 24 324 44  HOH HOH A . 
C 3 HOH 25 325 47  HOH HOH A . 
C 3 HOH 26 326 48  HOH HOH A . 
C 3 HOH 27 327 49  HOH HOH A . 
C 3 HOH 28 328 51  HOH HOH A . 
C 3 HOH 29 329 52  HOH HOH A . 
C 3 HOH 30 330 53  HOH HOH A . 
C 3 HOH 31 331 54  HOH HOH A . 
C 3 HOH 32 332 55  HOH HOH A . 
C 3 HOH 33 333 57  HOH HOH A . 
C 3 HOH 34 334 58  HOH HOH A . 
C 3 HOH 35 335 59  HOH HOH A . 
C 3 HOH 36 336 60  HOH HOH A . 
C 3 HOH 37 337 61  HOH HOH A . 
C 3 HOH 38 338 62  HOH HOH A . 
C 3 HOH 39 339 63  HOH HOH A . 
C 3 HOH 40 340 64  HOH HOH A . 
C 3 HOH 41 341 65  HOH HOH A . 
C 3 HOH 42 342 66  HOH HOH A . 
C 3 HOH 43 343 67  HOH HOH A . 
C 3 HOH 44 344 68  HOH HOH A . 
C 3 HOH 45 345 69  HOH HOH A . 
C 3 HOH 46 346 70  HOH HOH A . 
C 3 HOH 47 347 71  HOH HOH A . 
C 3 HOH 48 348 72  HOH HOH A . 
C 3 HOH 49 349 73  HOH HOH A . 
C 3 HOH 50 350 74  HOH HOH A . 
# 
_pdbx_struct_assembly.id                   1 
_pdbx_struct_assembly.details              author_and_software_defined_assembly 
_pdbx_struct_assembly.method_details       PISA 
_pdbx_struct_assembly.oligomeric_details   monomeric 
_pdbx_struct_assembly.oligomeric_count     1 
# 
_pdbx_struct_assembly_gen.assembly_id       1 
_pdbx_struct_assembly_gen.oper_expression   1 
_pdbx_struct_assembly_gen.asym_id_list      A,B,C 
# 
_pdbx_struct_oper_list.id                   1 
_pdbx_struct_oper_list.type                 'identity operation' 
_pdbx_struct_oper_list.name                 1_555 
_pdbx_struct_oper_list.symmetry_operation   x,y,z 
_pdbx_struct_oper_list.matrix[1][1]         1.0000000000 
_pdbx_struct_oper_list.matrix[1][2]         0.0000000000 
_pdbx_struct_oper_list.matrix[1][3]         0.0000000000 
_pdbx_struct_oper_list.vector[1]            0.0000000000 
_pdbx_struct_oper_list.matrix[2][1]         0.0000000000 
_pdbx_struct_oper_list.matrix[2][2]         1.0000000000 
_pdbx_struct_oper_list.matrix[2][3]         0.0000000000 
_pdbx_struct_oper_list.vector[2]            0.0000000000 
_pdbx_struct_oper_list.matrix[3][1]         0.0000000000 
_pdbx_struct_oper_list.matrix[3][2]         0.0000000000 
_pdbx_struct_oper_list.matrix[3][3]         1.0000000000 
_pdbx_struct_oper_list.vector[3]            0.0000000000 
# 
loop_
_pdbx_audit_revision_history.ordinal 
_pdbx_audit_revision_history.data_content_type 
_pdbx_audit_revision_history.major_revision 
_pdbx_audit_revision_history.minor_revision 
_pdbx_audit_revision_history.revision_date 
1 'Structure model' 1 0 2013-07-24 
2 'Structure model' 1 1 2017-11-15 
3 'Structure model' 1 2 2023-11-08 
4 'Structure model' 2 0 2023-11-15 
# 
_pdbx_audit_revision_details.ordinal             1 
_pdbx_audit_revision_details.revision_ordinal    1 
_pdbx_audit_revision_details.data_content_type   'Structure model' 
_pdbx_audit_revision_details.provider            repository 
_pdbx_audit_revision_details.type                'Initial release' 
_pdbx_audit_revision_details.description         ? 
_pdbx_audit_revision_details.details             ? 
# 
loop_
_pdbx_audit_revision_group.ordinal 
_pdbx_audit_revision_group.revision_ordinal 
_pdbx_audit_revision_group.data_content_type 
_pdbx_audit_revision_group.group 
1 2 'Structure model' 'Refinement description' 
2 3 'Structure model' 'Data collection'        
3 3 'Structure model' 'Database references'    
4 3 'Structure model' 'Derived calculations'   
5 3 'Structure model' 'Refinement description' 
6 4 'Structure model' 'Atomic model'           
7 4 'Structure model' 'Data collection'        
# 
loop_
_pdbx_audit_revision_category.ordinal 
_pdbx_audit_revision_category.revision_ordinal 
_pdbx_audit_revision_category.data_content_type 
_pdbx_audit_revision_category.category 
1  2 'Structure model' software                      
2  3 'Structure model' chem_comp_atom                
3  3 'Structure model' chem_comp_bond                
4  3 'Structure model' database_2                    
5  3 'Structure model' pdbx_initial_refinement_model 
6  3 'Structure model' struct_ref_seq_dif            
7  3 'Structure model' struct_site                   
8  4 'Structure model' atom_site                     
9  4 'Structure model' chem_comp_atom                
10 4 'Structure model' chem_comp_bond                
# 
loop_
_pdbx_audit_revision_item.ordinal 
_pdbx_audit_revision_item.revision_ordinal 
_pdbx_audit_revision_item.data_content_type 
_pdbx_audit_revision_item.item 
1  2 'Structure model' '_software.name'                      
2  3 'Structure model' '_database_2.pdbx_DOI'                
3  3 'Structure model' '_database_2.pdbx_database_accession' 
4  3 'Structure model' '_struct_ref_seq_dif.details'         
5  3 'Structure model' '_struct_site.pdbx_auth_asym_id'      
6  3 'Structure model' '_struct_site.pdbx_auth_comp_id'      
7  3 'Structure model' '_struct_site.pdbx_auth_seq_id'       
8  4 'Structure model' '_atom_site.auth_atom_id'             
9  4 'Structure model' '_atom_site.label_atom_id'            
10 4 'Structure model' '_chem_comp_atom.atom_id'             
11 4 'Structure model' '_chem_comp_bond.atom_id_1'           
12 4 'Structure model' '_chem_comp_bond.atom_id_2'           
# 
loop_
_software.pdbx_ordinal 
_software.name 
_software.version 
_software.date 
_software.type 
_software.contact_author 
_software.contact_author_email 
_software.classification 
_software.location 
_software.language 
_software.citation_id 
1 SCALEPACK   .    ?                program 'Zbyszek Otwinowski' hkl@hkl-xray.com         'data scaling'    
http://www.hkl-xray.com/                  ?          ? 
2 CNS         .    ?                package 'Axel T. Brunger'    axel.brunger@yale.edu    refinement        http://cns-online.org/ 
Fortran_77 ? 
3 PDB_EXTRACT 3.11 'April 22, 2011' package PDB                  deposit@deposit.rcsb.org 'data extraction' 
http://sw-tools.pdb.org/apps/PDB_EXTRACT/ C++        ? 
4 SERGUI      .    ?                ?       ?                    ?                        'data collection' ? ?          ? 
5 HKL-2000    .    ?                ?       ?                    ?                        'data reduction'  ? ?          ? 
6 MOLREP      .    ?                ?       ?                    ?                        phasing           ? ?          ? 
# 
loop_
_pdbx_validate_torsion.id 
_pdbx_validate_torsion.PDB_model_num 
_pdbx_validate_torsion.auth_comp_id 
_pdbx_validate_torsion.auth_asym_id 
_pdbx_validate_torsion.auth_seq_id 
_pdbx_validate_torsion.PDB_ins_code 
_pdbx_validate_torsion.label_alt_id 
_pdbx_validate_torsion.phi 
_pdbx_validate_torsion.psi 
1 1 ASN A 108 ? ? -118.80 71.09   
2 1 PRO A 166 ? ? -72.48  -148.66 
3 1 HIS A 168 ? ? -108.37 73.65   
# 
loop_
_pdbx_unobs_or_zero_occ_residues.id 
_pdbx_unobs_or_zero_occ_residues.PDB_model_num 
_pdbx_unobs_or_zero_occ_residues.polymer_flag 
_pdbx_unobs_or_zero_occ_residues.occupancy_flag 
_pdbx_unobs_or_zero_occ_residues.auth_asym_id 
_pdbx_unobs_or_zero_occ_residues.auth_comp_id 
_pdbx_unobs_or_zero_occ_residues.auth_seq_id 
_pdbx_unobs_or_zero_occ_residues.PDB_ins_code 
_pdbx_unobs_or_zero_occ_residues.label_asym_id 
_pdbx_unobs_or_zero_occ_residues.label_comp_id 
_pdbx_unobs_or_zero_occ_residues.label_seq_id 
1 1 Y 1 A GLY 71 ? A GLY 1 
2 1 Y 1 A SER 72 ? A SER 2 
3 1 Y 1 A HIS 73 ? A HIS 3 
# 
loop_
_chem_comp_atom.comp_id 
_chem_comp_atom.atom_id 
_chem_comp_atom.type_symbol 
_chem_comp_atom.pdbx_aromatic_flag 
_chem_comp_atom.pdbx_stereo_config 
_chem_comp_atom.pdbx_ordinal 
ALA N    N N N 1   
ALA CA   C N S 2   
ALA C    C N N 3   
ALA O    O N N 4   
ALA CB   C N N 5   
ALA OXT  O N N 6   
ALA H    H N N 7   
ALA H2   H N N 8   
ALA HA   H N N 9   
ALA HB1  H N N 10  
ALA HB2  H N N 11  
ALA HB3  H N N 12  
ALA HXT  H N N 13  
API C    C N N 14  
API CA   C N S 15  
API C3   C N N 16  
API C4   C N N 17  
API C5   C N N 18  
API C6   C N R 19  
API C7   C N N 20  
API O    O N N 21  
API OXT  O N N 22  
API O3   O N N 23  
API O4   O N N 24  
API N    N N N 25  
API N6   N N N 26  
API HA   H N N 27  
API H31  H N N 28  
API H32  H N N 29  
API H41  H N N 30  
API H42  H N N 31  
API H51  H N N 32  
API H52  H N N 33  
API H6   H N N 34  
API HXT  H N N 35  
API HO4  H N N 36  
API H    H N N 37  
API H2   H N N 38  
API HN61 H N N 39  
API HN62 H N N 40  
ARG N    N N N 41  
ARG CA   C N S 42  
ARG C    C N N 43  
ARG O    O N N 44  
ARG CB   C N N 45  
ARG CG   C N N 46  
ARG CD   C N N 47  
ARG NE   N N N 48  
ARG CZ   C N N 49  
ARG NH1  N N N 50  
ARG NH2  N N N 51  
ARG OXT  O N N 52  
ARG H    H N N 53  
ARG H2   H N N 54  
ARG HA   H N N 55  
ARG HB2  H N N 56  
ARG HB3  H N N 57  
ARG HG2  H N N 58  
ARG HG3  H N N 59  
ARG HD2  H N N 60  
ARG HD3  H N N 61  
ARG HE   H N N 62  
ARG HH11 H N N 63  
ARG HH12 H N N 64  
ARG HH21 H N N 65  
ARG HH22 H N N 66  
ARG HXT  H N N 67  
ASN N    N N N 68  
ASN CA   C N S 69  
ASN C    C N N 70  
ASN O    O N N 71  
ASN CB   C N N 72  
ASN CG   C N N 73  
ASN OD1  O N N 74  
ASN ND2  N N N 75  
ASN OXT  O N N 76  
ASN H    H N N 77  
ASN H2   H N N 78  
ASN HA   H N N 79  
ASN HB2  H N N 80  
ASN HB3  H N N 81  
ASN HD21 H N N 82  
ASN HD22 H N N 83  
ASN HXT  H N N 84  
ASP N    N N N 85  
ASP CA   C N S 86  
ASP C    C N N 87  
ASP O    O N N 88  
ASP CB   C N N 89  
ASP CG   C N N 90  
ASP OD1  O N N 91  
ASP OD2  O N N 92  
ASP OXT  O N N 93  
ASP H    H N N 94  
ASP H2   H N N 95  
ASP HA   H N N 96  
ASP HB2  H N N 97  
ASP HB3  H N N 98  
ASP HD2  H N N 99  
ASP HXT  H N N 100 
GLN N    N N N 101 
GLN CA   C N S 102 
GLN C    C N N 103 
GLN O    O N N 104 
GLN CB   C N N 105 
GLN CG   C N N 106 
GLN CD   C N N 107 
GLN OE1  O N N 108 
GLN NE2  N N N 109 
GLN OXT  O N N 110 
GLN H    H N N 111 
GLN H2   H N N 112 
GLN HA   H N N 113 
GLN HB2  H N N 114 
GLN HB3  H N N 115 
GLN HG2  H N N 116 
GLN HG3  H N N 117 
GLN HE21 H N N 118 
GLN HE22 H N N 119 
GLN HXT  H N N 120 
GLU N    N N N 121 
GLU CA   C N S 122 
GLU C    C N N 123 
GLU O    O N N 124 
GLU CB   C N N 125 
GLU CG   C N N 126 
GLU CD   C N N 127 
GLU OE1  O N N 128 
GLU OE2  O N N 129 
GLU OXT  O N N 130 
GLU H    H N N 131 
GLU H2   H N N 132 
GLU HA   H N N 133 
GLU HB2  H N N 134 
GLU HB3  H N N 135 
GLU HG2  H N N 136 
GLU HG3  H N N 137 
GLU HE2  H N N 138 
GLU HXT  H N N 139 
GLY N    N N N 140 
GLY CA   C N N 141 
GLY C    C N N 142 
GLY O    O N N 143 
GLY OXT  O N N 144 
GLY H    H N N 145 
GLY H2   H N N 146 
GLY HA2  H N N 147 
GLY HA3  H N N 148 
GLY HXT  H N N 149 
HIS N    N N N 150 
HIS CA   C N S 151 
HIS C    C N N 152 
HIS O    O N N 153 
HIS CB   C N N 154 
HIS CG   C Y N 155 
HIS ND1  N Y N 156 
HIS CD2  C Y N 157 
HIS CE1  C Y N 158 
HIS NE2  N Y N 159 
HIS OXT  O N N 160 
HIS H    H N N 161 
HIS H2   H N N 162 
HIS HA   H N N 163 
HIS HB2  H N N 164 
HIS HB3  H N N 165 
HIS HD1  H N N 166 
HIS HD2  H N N 167 
HIS HE1  H N N 168 
HIS HE2  H N N 169 
HIS HXT  H N N 170 
HOH O    O N N 171 
HOH H1   H N N 172 
HOH H2   H N N 173 
ILE N    N N N 174 
ILE CA   C N S 175 
ILE C    C N N 176 
ILE O    O N N 177 
ILE CB   C N S 178 
ILE CG1  C N N 179 
ILE CG2  C N N 180 
ILE CD1  C N N 181 
ILE OXT  O N N 182 
ILE H    H N N 183 
ILE H2   H N N 184 
ILE HA   H N N 185 
ILE HB   H N N 186 
ILE HG12 H N N 187 
ILE HG13 H N N 188 
ILE HG21 H N N 189 
ILE HG22 H N N 190 
ILE HG23 H N N 191 
ILE HD11 H N N 192 
ILE HD12 H N N 193 
ILE HD13 H N N 194 
ILE HXT  H N N 195 
LEU N    N N N 196 
LEU CA   C N S 197 
LEU C    C N N 198 
LEU O    O N N 199 
LEU CB   C N N 200 
LEU CG   C N N 201 
LEU CD1  C N N 202 
LEU CD2  C N N 203 
LEU OXT  O N N 204 
LEU H    H N N 205 
LEU H2   H N N 206 
LEU HA   H N N 207 
LEU HB2  H N N 208 
LEU HB3  H N N 209 
LEU HG   H N N 210 
LEU HD11 H N N 211 
LEU HD12 H N N 212 
LEU HD13 H N N 213 
LEU HD21 H N N 214 
LEU HD22 H N N 215 
LEU HD23 H N N 216 
LEU HXT  H N N 217 
LYS N    N N N 218 
LYS CA   C N S 219 
LYS C    C N N 220 
LYS O    O N N 221 
LYS CB   C N N 222 
LYS CG   C N N 223 
LYS CD   C N N 224 
LYS CE   C N N 225 
LYS NZ   N N N 226 
LYS OXT  O N N 227 
LYS H    H N N 228 
LYS H2   H N N 229 
LYS HA   H N N 230 
LYS HB2  H N N 231 
LYS HB3  H N N 232 
LYS HG2  H N N 233 
LYS HG3  H N N 234 
LYS HD2  H N N 235 
LYS HD3  H N N 236 
LYS HE2  H N N 237 
LYS HE3  H N N 238 
LYS HZ1  H N N 239 
LYS HZ2  H N N 240 
LYS HZ3  H N N 241 
LYS HXT  H N N 242 
MET N    N N N 243 
MET CA   C N S 244 
MET C    C N N 245 
MET O    O N N 246 
MET CB   C N N 247 
MET CG   C N N 248 
MET SD   S N N 249 
MET CE   C N N 250 
MET OXT  O N N 251 
MET H    H N N 252 
MET H2   H N N 253 
MET HA   H N N 254 
MET HB2  H N N 255 
MET HB3  H N N 256 
MET HG2  H N N 257 
MET HG3  H N N 258 
MET HE1  H N N 259 
MET HE2  H N N 260 
MET HE3  H N N 261 
MET HXT  H N N 262 
PHE N    N N N 263 
PHE CA   C N S 264 
PHE C    C N N 265 
PHE O    O N N 266 
PHE CB   C N N 267 
PHE CG   C Y N 268 
PHE CD1  C Y N 269 
PHE CD2  C Y N 270 
PHE CE1  C Y N 271 
PHE CE2  C Y N 272 
PHE CZ   C Y N 273 
PHE OXT  O N N 274 
PHE H    H N N 275 
PHE H2   H N N 276 
PHE HA   H N N 277 
PHE HB2  H N N 278 
PHE HB3  H N N 279 
PHE HD1  H N N 280 
PHE HD2  H N N 281 
PHE HE1  H N N 282 
PHE HE2  H N N 283 
PHE HZ   H N N 284 
PHE HXT  H N N 285 
PRO N    N N N 286 
PRO CA   C N S 287 
PRO C    C N N 288 
PRO O    O N N 289 
PRO CB   C N N 290 
PRO CG   C N N 291 
PRO CD   C N N 292 
PRO OXT  O N N 293 
PRO H    H N N 294 
PRO HA   H N N 295 
PRO HB2  H N N 296 
PRO HB3  H N N 297 
PRO HG2  H N N 298 
PRO HG3  H N N 299 
PRO HD2  H N N 300 
PRO HD3  H N N 301 
PRO HXT  H N N 302 
SER N    N N N 303 
SER CA   C N S 304 
SER C    C N N 305 
SER O    O N N 306 
SER CB   C N N 307 
SER OG   O N N 308 
SER OXT  O N N 309 
SER H    H N N 310 
SER H2   H N N 311 
SER HA   H N N 312 
SER HB2  H N N 313 
SER HB3  H N N 314 
SER HG   H N N 315 
SER HXT  H N N 316 
THR N    N N N 317 
THR CA   C N S 318 
THR C    C N N 319 
THR O    O N N 320 
THR CB   C N R 321 
THR OG1  O N N 322 
THR CG2  C N N 323 
THR OXT  O N N 324 
THR H    H N N 325 
THR H2   H N N 326 
THR HA   H N N 327 
THR HB   H N N 328 
THR HG1  H N N 329 
THR HG21 H N N 330 
THR HG22 H N N 331 
THR HG23 H N N 332 
THR HXT  H N N 333 
TRP N    N N N 334 
TRP CA   C N S 335 
TRP C    C N N 336 
TRP O    O N N 337 
TRP CB   C N N 338 
TRP CG   C Y N 339 
TRP CD1  C Y N 340 
TRP CD2  C Y N 341 
TRP NE1  N Y N 342 
TRP CE2  C Y N 343 
TRP CE3  C Y N 344 
TRP CZ2  C Y N 345 
TRP CZ3  C Y N 346 
TRP CH2  C Y N 347 
TRP OXT  O N N 348 
TRP H    H N N 349 
TRP H2   H N N 350 
TRP HA   H N N 351 
TRP HB2  H N N 352 
TRP HB3  H N N 353 
TRP HD1  H N N 354 
TRP HE1  H N N 355 
TRP HE3  H N N 356 
TRP HZ2  H N N 357 
TRP HZ3  H N N 358 
TRP HH2  H N N 359 
TRP HXT  H N N 360 
TYR N    N N N 361 
TYR CA   C N S 362 
TYR C    C N N 363 
TYR O    O N N 364 
TYR CB   C N N 365 
TYR CG   C Y N 366 
TYR CD1  C Y N 367 
TYR CD2  C Y N 368 
TYR CE1  C Y N 369 
TYR CE2  C Y N 370 
TYR CZ   C Y N 371 
TYR OH   O N N 372 
TYR OXT  O N N 373 
TYR H    H N N 374 
TYR H2   H N N 375 
TYR HA   H N N 376 
TYR HB2  H N N 377 
TYR HB3  H N N 378 
TYR HD1  H N N 379 
TYR HD2  H N N 380 
TYR HE1  H N N 381 
TYR HE2  H N N 382 
TYR HH   H N N 383 
TYR HXT  H N N 384 
VAL N    N N N 385 
VAL CA   C N S 386 
VAL C    C N N 387 
VAL O    O N N 388 
VAL CB   C N N 389 
VAL CG1  C N N 390 
VAL CG2  C N N 391 
VAL OXT  O N N 392 
VAL H    H N N 393 
VAL H2   H N N 394 
VAL HA   H N N 395 
VAL HB   H N N 396 
VAL HG11 H N N 397 
VAL HG12 H N N 398 
VAL HG13 H N N 399 
VAL HG21 H N N 400 
VAL HG22 H N N 401 
VAL HG23 H N N 402 
VAL HXT  H N N 403 
# 
loop_
_chem_comp_bond.comp_id 
_chem_comp_bond.atom_id_1 
_chem_comp_bond.atom_id_2 
_chem_comp_bond.value_order 
_chem_comp_bond.pdbx_aromatic_flag 
_chem_comp_bond.pdbx_stereo_config 
_chem_comp_bond.pdbx_ordinal 
ALA N   CA   sing N N 1   
ALA N   H    sing N N 2   
ALA N   H2   sing N N 3   
ALA CA  C    sing N N 4   
ALA CA  CB   sing N N 5   
ALA CA  HA   sing N N 6   
ALA C   O    doub N N 7   
ALA C   OXT  sing N N 8   
ALA CB  HB1  sing N N 9   
ALA CB  HB2  sing N N 10  
ALA CB  HB3  sing N N 11  
ALA OXT HXT  sing N N 12  
API C   CA   sing N N 13  
API C   O    doub N N 14  
API C   OXT  sing N N 15  
API CA  C3   sing N N 16  
API CA  N    sing N N 17  
API CA  HA   sing N N 18  
API C3  C4   sing N N 19  
API C3  H31  sing N N 20  
API C3  H32  sing N N 21  
API C4  C5   sing N N 22  
API C4  H41  sing N N 23  
API C4  H42  sing N N 24  
API C5  C6   sing N N 25  
API C5  H51  sing N N 26  
API C5  H52  sing N N 27  
API C6  C7   sing N N 28  
API C6  N6   sing N N 29  
API C6  H6   sing N N 30  
API C7  O3   doub N N 31  
API C7  O4   sing N N 32  
API OXT HXT  sing N N 33  
API O4  HO4  sing N N 34  
API N   H    sing N N 35  
API N   H2   sing N N 36  
API N6  HN61 sing N N 37  
API N6  HN62 sing N N 38  
ARG N   CA   sing N N 39  
ARG N   H    sing N N 40  
ARG N   H2   sing N N 41  
ARG CA  C    sing N N 42  
ARG CA  CB   sing N N 43  
ARG CA  HA   sing N N 44  
ARG C   O    doub N N 45  
ARG C   OXT  sing N N 46  
ARG CB  CG   sing N N 47  
ARG CB  HB2  sing N N 48  
ARG CB  HB3  sing N N 49  
ARG CG  CD   sing N N 50  
ARG CG  HG2  sing N N 51  
ARG CG  HG3  sing N N 52  
ARG CD  NE   sing N N 53  
ARG CD  HD2  sing N N 54  
ARG CD  HD3  sing N N 55  
ARG NE  CZ   sing N N 56  
ARG NE  HE   sing N N 57  
ARG CZ  NH1  sing N N 58  
ARG CZ  NH2  doub N N 59  
ARG NH1 HH11 sing N N 60  
ARG NH1 HH12 sing N N 61  
ARG NH2 HH21 sing N N 62  
ARG NH2 HH22 sing N N 63  
ARG OXT HXT  sing N N 64  
ASN N   CA   sing N N 65  
ASN N   H    sing N N 66  
ASN N   H2   sing N N 67  
ASN CA  C    sing N N 68  
ASN CA  CB   sing N N 69  
ASN CA  HA   sing N N 70  
ASN C   O    doub N N 71  
ASN C   OXT  sing N N 72  
ASN CB  CG   sing N N 73  
ASN CB  HB2  sing N N 74  
ASN CB  HB3  sing N N 75  
ASN CG  OD1  doub N N 76  
ASN CG  ND2  sing N N 77  
ASN ND2 HD21 sing N N 78  
ASN ND2 HD22 sing N N 79  
ASN OXT HXT  sing N N 80  
ASP N   CA   sing N N 81  
ASP N   H    sing N N 82  
ASP N   H2   sing N N 83  
ASP CA  C    sing N N 84  
ASP CA  CB   sing N N 85  
ASP CA  HA   sing N N 86  
ASP C   O    doub N N 87  
ASP C   OXT  sing N N 88  
ASP CB  CG   sing N N 89  
ASP CB  HB2  sing N N 90  
ASP CB  HB3  sing N N 91  
ASP CG  OD1  doub N N 92  
ASP CG  OD2  sing N N 93  
ASP OD2 HD2  sing N N 94  
ASP OXT HXT  sing N N 95  
GLN N   CA   sing N N 96  
GLN N   H    sing N N 97  
GLN N   H2   sing N N 98  
GLN CA  C    sing N N 99  
GLN CA  CB   sing N N 100 
GLN CA  HA   sing N N 101 
GLN C   O    doub N N 102 
GLN C   OXT  sing N N 103 
GLN CB  CG   sing N N 104 
GLN CB  HB2  sing N N 105 
GLN CB  HB3  sing N N 106 
GLN CG  CD   sing N N 107 
GLN CG  HG2  sing N N 108 
GLN CG  HG3  sing N N 109 
GLN CD  OE1  doub N N 110 
GLN CD  NE2  sing N N 111 
GLN NE2 HE21 sing N N 112 
GLN NE2 HE22 sing N N 113 
GLN OXT HXT  sing N N 114 
GLU N   CA   sing N N 115 
GLU N   H    sing N N 116 
GLU N   H2   sing N N 117 
GLU CA  C    sing N N 118 
GLU CA  CB   sing N N 119 
GLU CA  HA   sing N N 120 
GLU C   O    doub N N 121 
GLU C   OXT  sing N N 122 
GLU CB  CG   sing N N 123 
GLU CB  HB2  sing N N 124 
GLU CB  HB3  sing N N 125 
GLU CG  CD   sing N N 126 
GLU CG  HG2  sing N N 127 
GLU CG  HG3  sing N N 128 
GLU CD  OE1  doub N N 129 
GLU CD  OE2  sing N N 130 
GLU OE2 HE2  sing N N 131 
GLU OXT HXT  sing N N 132 
GLY N   CA   sing N N 133 
GLY N   H    sing N N 134 
GLY N   H2   sing N N 135 
GLY CA  C    sing N N 136 
GLY CA  HA2  sing N N 137 
GLY CA  HA3  sing N N 138 
GLY C   O    doub N N 139 
GLY C   OXT  sing N N 140 
GLY OXT HXT  sing N N 141 
HIS N   CA   sing N N 142 
HIS N   H    sing N N 143 
HIS N   H2   sing N N 144 
HIS CA  C    sing N N 145 
HIS CA  CB   sing N N 146 
HIS CA  HA   sing N N 147 
HIS C   O    doub N N 148 
HIS C   OXT  sing N N 149 
HIS CB  CG   sing N N 150 
HIS CB  HB2  sing N N 151 
HIS CB  HB3  sing N N 152 
HIS CG  ND1  sing Y N 153 
HIS CG  CD2  doub Y N 154 
HIS ND1 CE1  doub Y N 155 
HIS ND1 HD1  sing N N 156 
HIS CD2 NE2  sing Y N 157 
HIS CD2 HD2  sing N N 158 
HIS CE1 NE2  sing Y N 159 
HIS CE1 HE1  sing N N 160 
HIS NE2 HE2  sing N N 161 
HIS OXT HXT  sing N N 162 
HOH O   H1   sing N N 163 
HOH O   H2   sing N N 164 
ILE N   CA   sing N N 165 
ILE N   H    sing N N 166 
ILE N   H2   sing N N 167 
ILE CA  C    sing N N 168 
ILE CA  CB   sing N N 169 
ILE CA  HA   sing N N 170 
ILE C   O    doub N N 171 
ILE C   OXT  sing N N 172 
ILE CB  CG1  sing N N 173 
ILE CB  CG2  sing N N 174 
ILE CB  HB   sing N N 175 
ILE CG1 CD1  sing N N 176 
ILE CG1 HG12 sing N N 177 
ILE CG1 HG13 sing N N 178 
ILE CG2 HG21 sing N N 179 
ILE CG2 HG22 sing N N 180 
ILE CG2 HG23 sing N N 181 
ILE CD1 HD11 sing N N 182 
ILE CD1 HD12 sing N N 183 
ILE CD1 HD13 sing N N 184 
ILE OXT HXT  sing N N 185 
LEU N   CA   sing N N 186 
LEU N   H    sing N N 187 
LEU N   H2   sing N N 188 
LEU CA  C    sing N N 189 
LEU CA  CB   sing N N 190 
LEU CA  HA   sing N N 191 
LEU C   O    doub N N 192 
LEU C   OXT  sing N N 193 
LEU CB  CG   sing N N 194 
LEU CB  HB2  sing N N 195 
LEU CB  HB3  sing N N 196 
LEU CG  CD1  sing N N 197 
LEU CG  CD2  sing N N 198 
LEU CG  HG   sing N N 199 
LEU CD1 HD11 sing N N 200 
LEU CD1 HD12 sing N N 201 
LEU CD1 HD13 sing N N 202 
LEU CD2 HD21 sing N N 203 
LEU CD2 HD22 sing N N 204 
LEU CD2 HD23 sing N N 205 
LEU OXT HXT  sing N N 206 
LYS N   CA   sing N N 207 
LYS N   H    sing N N 208 
LYS N   H2   sing N N 209 
LYS CA  C    sing N N 210 
LYS CA  CB   sing N N 211 
LYS CA  HA   sing N N 212 
LYS C   O    doub N N 213 
LYS C   OXT  sing N N 214 
LYS CB  CG   sing N N 215 
LYS CB  HB2  sing N N 216 
LYS CB  HB3  sing N N 217 
LYS CG  CD   sing N N 218 
LYS CG  HG2  sing N N 219 
LYS CG  HG3  sing N N 220 
LYS CD  CE   sing N N 221 
LYS CD  HD2  sing N N 222 
LYS CD  HD3  sing N N 223 
LYS CE  NZ   sing N N 224 
LYS CE  HE2  sing N N 225 
LYS CE  HE3  sing N N 226 
LYS NZ  HZ1  sing N N 227 
LYS NZ  HZ2  sing N N 228 
LYS NZ  HZ3  sing N N 229 
LYS OXT HXT  sing N N 230 
MET N   CA   sing N N 231 
MET N   H    sing N N 232 
MET N   H2   sing N N 233 
MET CA  C    sing N N 234 
MET CA  CB   sing N N 235 
MET CA  HA   sing N N 236 
MET C   O    doub N N 237 
MET C   OXT  sing N N 238 
MET CB  CG   sing N N 239 
MET CB  HB2  sing N N 240 
MET CB  HB3  sing N N 241 
MET CG  SD   sing N N 242 
MET CG  HG2  sing N N 243 
MET CG  HG3  sing N N 244 
MET SD  CE   sing N N 245 
MET CE  HE1  sing N N 246 
MET CE  HE2  sing N N 247 
MET CE  HE3  sing N N 248 
MET OXT HXT  sing N N 249 
PHE N   CA   sing N N 250 
PHE N   H    sing N N 251 
PHE N   H2   sing N N 252 
PHE CA  C    sing N N 253 
PHE CA  CB   sing N N 254 
PHE CA  HA   sing N N 255 
PHE C   O    doub N N 256 
PHE C   OXT  sing N N 257 
PHE CB  CG   sing N N 258 
PHE CB  HB2  sing N N 259 
PHE CB  HB3  sing N N 260 
PHE CG  CD1  doub Y N 261 
PHE CG  CD2  sing Y N 262 
PHE CD1 CE1  sing Y N 263 
PHE CD1 HD1  sing N N 264 
PHE CD2 CE2  doub Y N 265 
PHE CD2 HD2  sing N N 266 
PHE CE1 CZ   doub Y N 267 
PHE CE1 HE1  sing N N 268 
PHE CE2 CZ   sing Y N 269 
PHE CE2 HE2  sing N N 270 
PHE CZ  HZ   sing N N 271 
PHE OXT HXT  sing N N 272 
PRO N   CA   sing N N 273 
PRO N   CD   sing N N 274 
PRO N   H    sing N N 275 
PRO CA  C    sing N N 276 
PRO CA  CB   sing N N 277 
PRO CA  HA   sing N N 278 
PRO C   O    doub N N 279 
PRO C   OXT  sing N N 280 
PRO CB  CG   sing N N 281 
PRO CB  HB2  sing N N 282 
PRO CB  HB3  sing N N 283 
PRO CG  CD   sing N N 284 
PRO CG  HG2  sing N N 285 
PRO CG  HG3  sing N N 286 
PRO CD  HD2  sing N N 287 
PRO CD  HD3  sing N N 288 
PRO OXT HXT  sing N N 289 
SER N   CA   sing N N 290 
SER N   H    sing N N 291 
SER N   H2   sing N N 292 
SER CA  C    sing N N 293 
SER CA  CB   sing N N 294 
SER CA  HA   sing N N 295 
SER C   O    doub N N 296 
SER C   OXT  sing N N 297 
SER CB  OG   sing N N 298 
SER CB  HB2  sing N N 299 
SER CB  HB3  sing N N 300 
SER OG  HG   sing N N 301 
SER OXT HXT  sing N N 302 
THR N   CA   sing N N 303 
THR N   H    sing N N 304 
THR N   H2   sing N N 305 
THR CA  C    sing N N 306 
THR CA  CB   sing N N 307 
THR CA  HA   sing N N 308 
THR C   O    doub N N 309 
THR C   OXT  sing N N 310 
THR CB  OG1  sing N N 311 
THR CB  CG2  sing N N 312 
THR CB  HB   sing N N 313 
THR OG1 HG1  sing N N 314 
THR CG2 HG21 sing N N 315 
THR CG2 HG22 sing N N 316 
THR CG2 HG23 sing N N 317 
THR OXT HXT  sing N N 318 
TRP N   CA   sing N N 319 
TRP N   H    sing N N 320 
TRP N   H2   sing N N 321 
TRP CA  C    sing N N 322 
TRP CA  CB   sing N N 323 
TRP CA  HA   sing N N 324 
TRP C   O    doub N N 325 
TRP C   OXT  sing N N 326 
TRP CB  CG   sing N N 327 
TRP CB  HB2  sing N N 328 
TRP CB  HB3  sing N N 329 
TRP CG  CD1  doub Y N 330 
TRP CG  CD2  sing Y N 331 
TRP CD1 NE1  sing Y N 332 
TRP CD1 HD1  sing N N 333 
TRP CD2 CE2  doub Y N 334 
TRP CD2 CE3  sing Y N 335 
TRP NE1 CE2  sing Y N 336 
TRP NE1 HE1  sing N N 337 
TRP CE2 CZ2  sing Y N 338 
TRP CE3 CZ3  doub Y N 339 
TRP CE3 HE3  sing N N 340 
TRP CZ2 CH2  doub Y N 341 
TRP CZ2 HZ2  sing N N 342 
TRP CZ3 CH2  sing Y N 343 
TRP CZ3 HZ3  sing N N 344 
TRP CH2 HH2  sing N N 345 
TRP OXT HXT  sing N N 346 
TYR N   CA   sing N N 347 
TYR N   H    sing N N 348 
TYR N   H2   sing N N 349 
TYR CA  C    sing N N 350 
TYR CA  CB   sing N N 351 
TYR CA  HA   sing N N 352 
TYR C   O    doub N N 353 
TYR C   OXT  sing N N 354 
TYR CB  CG   sing N N 355 
TYR CB  HB2  sing N N 356 
TYR CB  HB3  sing N N 357 
TYR CG  CD1  doub Y N 358 
TYR CG  CD2  sing Y N 359 
TYR CD1 CE1  sing Y N 360 
TYR CD1 HD1  sing N N 361 
TYR CD2 CE2  doub Y N 362 
TYR CD2 HD2  sing N N 363 
TYR CE1 CZ   doub Y N 364 
TYR CE1 HE1  sing N N 365 
TYR CE2 CZ   sing Y N 366 
TYR CE2 HE2  sing N N 367 
TYR CZ  OH   sing N N 368 
TYR OH  HH   sing N N 369 
TYR OXT HXT  sing N N 370 
VAL N   CA   sing N N 371 
VAL N   H    sing N N 372 
VAL N   H2   sing N N 373 
VAL CA  C    sing N N 374 
VAL CA  CB   sing N N 375 
VAL CA  HA   sing N N 376 
VAL C   O    doub N N 377 
VAL C   OXT  sing N N 378 
VAL CB  CG1  sing N N 379 
VAL CB  CG2  sing N N 380 
VAL CB  HB   sing N N 381 
VAL CG1 HG11 sing N N 382 
VAL CG1 HG12 sing N N 383 
VAL CG1 HG13 sing N N 384 
VAL CG2 HG21 sing N N 385 
VAL CG2 HG22 sing N N 386 
VAL CG2 HG23 sing N N 387 
VAL OXT HXT  sing N N 388 
# 
loop_
_pdbx_entity_nonpoly.entity_id 
_pdbx_entity_nonpoly.name 
_pdbx_entity_nonpoly.comp_id 
2 '2,6-DIAMINOPIMELIC ACID' API 
3 water                     HOH 
# 
_pdbx_initial_refinement_model.id               1 
_pdbx_initial_refinement_model.entity_id_list   ? 
_pdbx_initial_refinement_model.type             'experimental model' 
_pdbx_initial_refinement_model.source_name      PDB 
_pdbx_initial_refinement_model.accession_code   3TD4 
_pdbx_initial_refinement_model.details          'PDB ENTRY 3TD4' 
# 
